data_8SX5
# 
_entry.id   8SX5 
# 
_audit_conform.dict_name       mmcif_pdbx.dic 
_audit_conform.dict_version    5.383 
_audit_conform.dict_location   http://mmcif.pdb.org/dictionaries/ascii/mmcif_pdbx.dic 
# 
loop_
_database_2.database_id 
_database_2.database_code 
_database_2.pdbx_database_accession 
_database_2.pdbx_DOI 
PDB   8SX5         pdb_00008sx5 10.2210/pdb8sx5/pdb 
WWPDB D_1000274630 ?            ?                   
# 
_pdbx_database_status.status_code                     REL 
_pdbx_database_status.status_code_sf                  REL 
_pdbx_database_status.status_code_mr                  ? 
_pdbx_database_status.entry_id                        8SX5 
_pdbx_database_status.recvd_initial_deposition_date   2023-05-19 
_pdbx_database_status.SG_entry                        N 
_pdbx_database_status.deposit_site                    RCSB 
_pdbx_database_status.process_site                    RCSB 
_pdbx_database_status.status_code_cs                  ? 
_pdbx_database_status.status_code_nmr_data            ? 
_pdbx_database_status.methods_development_category    ? 
_pdbx_database_status.pdb_format_compatible           Y 
# 
loop_
_audit_author.name 
_audit_author.pdbx_ordinal 
_audit_author.identifier_ORCID 
'Zhang, W.'  1 0000-0003-4811-4384 
'Dantsu, Y.' 2 0000-0001-6774-8724 
# 
_citation.abstract                  ? 
_citation.abstract_id_CAS           ? 
_citation.book_id_ISBN              ? 
_citation.book_publisher            ? 
_citation.book_publisher_city       ? 
_citation.book_title                ? 
_citation.coordinate_linkage        ? 
_citation.country                   UK 
_citation.database_id_Medline       ? 
_citation.details                   ? 
_citation.id                        primary 
_citation.journal_abbrev            'Rsc Chem Biol' 
_citation.journal_id_ASTM           ? 
_citation.journal_id_CSD            ? 
_citation.journal_id_ISSN           2633-0679 
_citation.journal_full              ? 
_citation.journal_issue             ? 
_citation.journal_volume            4 
_citation.language                  ? 
_citation.page_first                942 
_citation.page_last                 951 
_citation.title                     
'Insight into the structures of unusual base pairs in RNA complexes containing a primer/template/adenosine ligand.' 
_citation.year                      2023 
_citation.database_id_CSD           ? 
_citation.pdbx_database_id_DOI      10.1039/d3cb00137g 
_citation.pdbx_database_id_PubMed   37920395 
_citation.pdbx_database_id_patent   ? 
_citation.unpublished_flag          ? 
# 
loop_
_citation_author.citation_id 
_citation_author.name 
_citation_author.ordinal 
_citation_author.identifier_ORCID 
primary 'Dantsu, Y.' 1 0000-0001-6774-8724 
primary 'Zhang, Y.'  2 ?                   
primary 'Zhang, W.'  3 0000-0003-4811-4384 
# 
_cell.angle_alpha                  90.00 
_cell.angle_alpha_esd              ? 
_cell.angle_beta                   90.00 
_cell.angle_beta_esd               ? 
_cell.angle_gamma                  120.00 
_cell.angle_gamma_esd              ? 
_cell.entry_id                     8SX5 
_cell.details                      ? 
_cell.formula_units_Z              ? 
_cell.length_a                     44.522 
_cell.length_a_esd                 ? 
_cell.length_b                     44.522 
_cell.length_b_esd                 ? 
_cell.length_c                     85.524 
_cell.length_c_esd                 ? 
_cell.volume                       ? 
_cell.volume_esd                   ? 
_cell.Z_PDB                        12 
_cell.reciprocal_angle_alpha       ? 
_cell.reciprocal_angle_beta        ? 
_cell.reciprocal_angle_gamma       ? 
_cell.reciprocal_angle_alpha_esd   ? 
_cell.reciprocal_angle_beta_esd    ? 
_cell.reciprocal_angle_gamma_esd   ? 
_cell.reciprocal_length_a          ? 
_cell.reciprocal_length_b          ? 
_cell.reciprocal_length_c          ? 
_cell.reciprocal_length_a_esd      ? 
_cell.reciprocal_length_b_esd      ? 
_cell.reciprocal_length_c_esd      ? 
_cell.pdbx_unique_axis             ? 
_cell.pdbx_esd_method              ? 
# 
_symmetry.entry_id                         8SX5 
_symmetry.cell_setting                     ? 
_symmetry.Int_Tables_number                150 
_symmetry.space_group_name_Hall            ? 
_symmetry.space_group_name_H-M             'P 3 2 1' 
_symmetry.pdbx_full_space_group_name_H-M   ? 
# 
loop_
_entity.id 
_entity.type 
_entity.src_method 
_entity.pdbx_description 
_entity.formula_weight 
_entity.pdbx_number_of_molecules 
_entity.pdbx_ec 
_entity.pdbx_mutation 
_entity.pdbx_fragment 
_entity.details 
1 polymer     syn 
;RNA (5'-R(*(TLN)P*(LCC)P*(LCC)P*(LCG)P*AP*CP*UP*UP*AP*AP*GP*UP*CP*G*(GA3))-3')
;
4513.789 2 ? ? ? ? 
2 non-polymer syn "GUANOSINE-P3-ADENOSINE-5',5'-TRIPHOSPHATE"                                      772.406  2 ? ? ? ? 
3 water       nat water                                                                            18.015   8 ? ? ? ? 
# 
_entity_poly.entity_id                      1 
_entity_poly.type                           polyribonucleotide 
_entity_poly.nstd_linkage                   no 
_entity_poly.nstd_monomer                   yes 
_entity_poly.pdbx_seq_one_letter_code       '(LCC)(TLN)(LCC)(LCG)ACUUAAGUCG' 
_entity_poly.pdbx_seq_one_letter_code_can   NUNGACUUAAGUCG 
_entity_poly.pdbx_strand_id                 A,B 
_entity_poly.pdbx_target_identifier         ? 
# 
loop_
_entity_poly_seq.entity_id 
_entity_poly_seq.num 
_entity_poly_seq.mon_id 
_entity_poly_seq.hetero 
1 1  LCC n 
1 2  TLN n 
1 3  LCC n 
1 4  LCG n 
1 5  A   n 
1 6  C   n 
1 7  U   n 
1 8  U   n 
1 9  A   n 
1 10 A   n 
1 11 G   n 
1 12 U   n 
1 13 C   n 
1 14 G   n 
# 
_pdbx_entity_src_syn.entity_id              1 
_pdbx_entity_src_syn.pdbx_src_id            1 
_pdbx_entity_src_syn.pdbx_alt_source_flag   sample 
_pdbx_entity_src_syn.pdbx_beg_seq_num       1 
_pdbx_entity_src_syn.pdbx_end_seq_num       14 
_pdbx_entity_src_syn.organism_scientific    'synthetic construct' 
_pdbx_entity_src_syn.organism_common_name   ? 
_pdbx_entity_src_syn.ncbi_taxonomy_id       32630 
_pdbx_entity_src_syn.details                ? 
# 
_struct_ref.id                         1 
_struct_ref.db_name                    PDB 
_struct_ref.db_code                    8SX5 
_struct_ref.pdbx_db_accession          8SX5 
_struct_ref.pdbx_db_isoform            ? 
_struct_ref.entity_id                  1 
_struct_ref.pdbx_seq_one_letter_code   ? 
_struct_ref.pdbx_align_begin           1 
# 
loop_
_struct_ref_seq.align_id 
_struct_ref_seq.ref_id 
_struct_ref_seq.pdbx_PDB_id_code 
_struct_ref_seq.pdbx_strand_id 
_struct_ref_seq.seq_align_beg 
_struct_ref_seq.pdbx_seq_align_beg_ins_code 
_struct_ref_seq.seq_align_end 
_struct_ref_seq.pdbx_seq_align_end_ins_code 
_struct_ref_seq.pdbx_db_accession 
_struct_ref_seq.db_align_beg 
_struct_ref_seq.pdbx_db_align_beg_ins_code 
_struct_ref_seq.db_align_end 
_struct_ref_seq.pdbx_db_align_end_ins_code 
_struct_ref_seq.pdbx_auth_seq_align_beg 
_struct_ref_seq.pdbx_auth_seq_align_end 
1 1 8SX5 A 1 ? 14 ? 8SX5 1 ? 14 ? 1 14 
2 1 8SX5 B 1 ? 14 ? 8SX5 1 ? 14 ? 1 14 
# 
loop_
_chem_comp.id 
_chem_comp.type 
_chem_comp.mon_nstd_flag 
_chem_comp.name 
_chem_comp.pdbx_synonyms 
_chem_comp.formula 
_chem_comp.formula_weight 
A   'RNA linking' y "ADENOSINE-5'-MONOPHOSPHATE" ? 'C10 H14 N5 O7 P'    347.221 
C   'RNA linking' y "CYTIDINE-5'-MONOPHOSPHATE" ? 'C9 H14 N3 O8 P'     323.197 
G   'RNA linking' y "GUANOSINE-5'-MONOPHOSPHATE" ? 'C10 H14 N5 O8 P'    363.221 
G3A non-polymer   n "GUANOSINE-P3-ADENOSINE-5',5'-TRIPHOSPHATE" ? 'C20 H27 N10 O17 P3' 772.406 
HOH non-polymer   . WATER ? 'H2 O'               18.015  
LCC 'RNA linking' . 
'[(1R,3R,4R,7S)-7-HYDROXY-3-(5-METHYLCYTOSIN-1-YL)-2,5-DIOXABICYCLO[2.2.1]HEPT-1-YL]METHYL DIHYDROGEN PHOSPHATE' ? 
'C11 H16 N3 O8 P'    349.234 
LCG 'RNA linking' n '[(1R,3R,4R,7S)-7-HYDROXY-3-(GUANIN-9-YL)-2,5-DIOXABICYCLO[2.2.1]HEPT-1-YL]METHYL DIHYDROGEN PHOSPHATE' ? 
'C11 H14 N5 O8 P'    375.231 
TLN 'RNA linking' n '[(1R,3R,4R,7S)-7-HYDROXY-3-(THYMIN-1-YL)-2,5-DIOXABICYCLO[2.2.1]HEPT-1-YL]METHYL DIHYDROGEN PHOSPHATE' ? 
'C11 H15 N2 O9 P'    350.219 
U   'RNA linking' y "URIDINE-5'-MONOPHOSPHATE" ? 'C9 H13 N2 O9 P'     324.181 
# 
_exptl.absorpt_coefficient_mu     ? 
_exptl.absorpt_correction_T_max   ? 
_exptl.absorpt_correction_T_min   ? 
_exptl.absorpt_correction_type    ? 
_exptl.absorpt_process_details    ? 
_exptl.entry_id                   8SX5 
_exptl.crystals_number            1 
_exptl.details                    ? 
_exptl.method                     'X-RAY DIFFRACTION' 
_exptl.method_details             ? 
# 
_exptl_crystal.colour                       ? 
_exptl_crystal.density_diffrn               ? 
_exptl_crystal.density_Matthews             2.52 
_exptl_crystal.density_method               ? 
_exptl_crystal.density_percent_sol          51.2 
_exptl_crystal.description                  ? 
_exptl_crystal.F_000                        ? 
_exptl_crystal.id                           1 
_exptl_crystal.preparation                  ? 
_exptl_crystal.size_max                     ? 
_exptl_crystal.size_mid                     ? 
_exptl_crystal.size_min                     ? 
_exptl_crystal.size_rad                     ? 
_exptl_crystal.colour_lustre                ? 
_exptl_crystal.colour_modifier              ? 
_exptl_crystal.colour_primary               ? 
_exptl_crystal.density_meas                 ? 
_exptl_crystal.density_meas_esd             ? 
_exptl_crystal.density_meas_gt              ? 
_exptl_crystal.density_meas_lt              ? 
_exptl_crystal.density_meas_temp            ? 
_exptl_crystal.density_meas_temp_esd        ? 
_exptl_crystal.density_meas_temp_gt         ? 
_exptl_crystal.density_meas_temp_lt         ? 
_exptl_crystal.pdbx_crystal_image_url       ? 
_exptl_crystal.pdbx_crystal_image_format    ? 
_exptl_crystal.pdbx_mosaicity               ? 
_exptl_crystal.pdbx_mosaicity_esd           ? 
_exptl_crystal.pdbx_mosaic_method           ? 
_exptl_crystal.pdbx_mosaic_block_size       ? 
_exptl_crystal.pdbx_mosaic_block_size_esd   ? 
# 
_exptl_crystal_grow.apparatus       ? 
_exptl_crystal_grow.atmosphere      ? 
_exptl_crystal_grow.crystal_id      1 
_exptl_crystal_grow.details         ? 
_exptl_crystal_grow.method          'VAPOR DIFFUSION, SITTING DROP' 
_exptl_crystal_grow.method_ref      ? 
_exptl_crystal_grow.pH              7.0 
_exptl_crystal_grow.pressure        ? 
_exptl_crystal_grow.pressure_esd    ? 
_exptl_crystal_grow.seeding         ? 
_exptl_crystal_grow.seeding_ref     ? 
_exptl_crystal_grow.temp_details    ? 
_exptl_crystal_grow.temp_esd        ? 
_exptl_crystal_grow.time            ? 
_exptl_crystal_grow.pdbx_details    
'0.05 M magnesium sulfate hydrate, 0.05 M HEPES sodium, pH 7.0, 1.6 M lithium sulfate monohydrate' 
_exptl_crystal_grow.pdbx_pH_range   ? 
_exptl_crystal_grow.temp            291 
# 
_diffrn.ambient_environment              ? 
_diffrn.ambient_temp                     99 
_diffrn.ambient_temp_details             ? 
_diffrn.ambient_temp_esd                 ? 
_diffrn.crystal_id                       1 
_diffrn.crystal_support                  ? 
_diffrn.crystal_treatment                ? 
_diffrn.details                          ? 
_diffrn.id                               1 
_diffrn.ambient_pressure                 ? 
_diffrn.ambient_pressure_esd             ? 
_diffrn.ambient_pressure_gt              ? 
_diffrn.ambient_pressure_lt              ? 
_diffrn.ambient_temp_gt                  ? 
_diffrn.ambient_temp_lt                  ? 
_diffrn.pdbx_serial_crystal_experiment   N 
# 
_diffrn_detector.details                      ? 
_diffrn_detector.detector                     CCD 
_diffrn_detector.diffrn_id                    1 
_diffrn_detector.type                         'MAR CCD 130 mm' 
_diffrn_detector.area_resol_mean              ? 
_diffrn_detector.dtime                        ? 
_diffrn_detector.pdbx_frames_total            ? 
_diffrn_detector.pdbx_collection_time_total   ? 
_diffrn_detector.pdbx_collection_date         2022-10-15 
_diffrn_detector.pdbx_frequency               ? 
_diffrn_detector.id                           ? 
_diffrn_detector.number_of_axes               ? 
# 
_diffrn_radiation.collimation                      ? 
_diffrn_radiation.diffrn_id                        1 
_diffrn_radiation.filter_edge                      ? 
_diffrn_radiation.inhomogeneity                    ? 
_diffrn_radiation.monochromator                    ? 
_diffrn_radiation.polarisn_norm                    ? 
_diffrn_radiation.polarisn_ratio                   ? 
_diffrn_radiation.probe                            ? 
_diffrn_radiation.type                             ? 
_diffrn_radiation.xray_symbol                      ? 
_diffrn_radiation.wavelength_id                    1 
_diffrn_radiation.pdbx_monochromatic_or_laue_m_l   M 
_diffrn_radiation.pdbx_wavelength_list             ? 
_diffrn_radiation.pdbx_wavelength                  ? 
_diffrn_radiation.pdbx_diffrn_protocol             'SINGLE WAVELENGTH' 
_diffrn_radiation.pdbx_analyzer                    ? 
_diffrn_radiation.pdbx_scattering_type             x-ray 
# 
_diffrn_radiation_wavelength.id           1 
_diffrn_radiation_wavelength.wavelength   0.987 
_diffrn_radiation_wavelength.wt           1.0 
# 
_diffrn_source.current                     ? 
_diffrn_source.details                     ? 
_diffrn_source.diffrn_id                   1 
_diffrn_source.power                       ? 
_diffrn_source.size                        ? 
_diffrn_source.source                      SYNCHROTRON 
_diffrn_source.target                      ? 
_diffrn_source.type                        'APS BEAMLINE 21-ID-F' 
_diffrn_source.voltage                     ? 
_diffrn_source.take-off_angle              ? 
_diffrn_source.pdbx_wavelength_list        0.987 
_diffrn_source.pdbx_wavelength             ? 
_diffrn_source.pdbx_synchrotron_beamline   21-ID-F 
_diffrn_source.pdbx_synchrotron_site       APS 
# 
_reflns.B_iso_Wilson_estimate                          ? 
_reflns.entry_id                                       8SX5 
_reflns.data_reduction_details                         ? 
_reflns.data_reduction_method                          ? 
_reflns.d_resolution_high                              1.95 
_reflns.d_resolution_low                               50 
_reflns.details                                        ? 
_reflns.limit_h_max                                    ? 
_reflns.limit_h_min                                    ? 
_reflns.limit_k_max                                    ? 
_reflns.limit_k_min                                    ? 
_reflns.limit_l_max                                    ? 
_reflns.limit_l_min                                    ? 
_reflns.number_all                                     ? 
_reflns.number_obs                                     6922 
_reflns.observed_criterion                             ? 
_reflns.observed_criterion_F_max                       ? 
_reflns.observed_criterion_F_min                       ? 
_reflns.observed_criterion_I_max                       ? 
_reflns.observed_criterion_I_min                       ? 
_reflns.observed_criterion_sigma_F                     ? 
_reflns.observed_criterion_sigma_I                     ? 
_reflns.percent_possible_obs                           100 
_reflns.R_free_details                                 ? 
_reflns.Rmerge_F_all                                   ? 
_reflns.Rmerge_F_obs                                   ? 
_reflns.Friedel_coverage                               ? 
_reflns.number_gt                                      ? 
_reflns.threshold_expression                           ? 
_reflns.pdbx_redundancy                                8.9 
_reflns.pdbx_netI_over_av_sigmaI                       ? 
_reflns.pdbx_netI_over_sigmaI                          10 
_reflns.pdbx_res_netI_over_av_sigmaI_2                 ? 
_reflns.pdbx_res_netI_over_sigmaI_2                    ? 
_reflns.pdbx_chi_squared                               1.168 
_reflns.pdbx_scaling_rejects                           ? 
_reflns.pdbx_d_res_high_opt                            ? 
_reflns.pdbx_d_res_low_opt                             ? 
_reflns.pdbx_d_res_opt_method                          ? 
_reflns.phase_calculation_details                      ? 
_reflns.pdbx_Rrim_I_all                                0.148 
_reflns.pdbx_Rpim_I_all                                0.052 
_reflns.pdbx_d_opt                                     ? 
_reflns.pdbx_number_measured_all                       ? 
_reflns.pdbx_diffrn_id                                 1 
_reflns.pdbx_ordinal                                   1 
_reflns.pdbx_CC_half                                   0.987 
_reflns.pdbx_CC_star                                   0.997 
_reflns.pdbx_R_split                                   ? 
_reflns.pdbx_Rmerge_I_obs                              0.138 
_reflns.pdbx_Rmerge_I_all                              ? 
_reflns.pdbx_Rsym_value                                ? 
_reflns.pdbx_CC_split_method                           ? 
_reflns.pdbx_aniso_diffraction_limit_axis_1_ortho[1]   ? 
_reflns.pdbx_aniso_diffraction_limit_axis_1_ortho[2]   ? 
_reflns.pdbx_aniso_diffraction_limit_axis_1_ortho[3]   ? 
_reflns.pdbx_aniso_diffraction_limit_axis_2_ortho[1]   ? 
_reflns.pdbx_aniso_diffraction_limit_axis_2_ortho[2]   ? 
_reflns.pdbx_aniso_diffraction_limit_axis_2_ortho[3]   ? 
_reflns.pdbx_aniso_diffraction_limit_axis_3_ortho[1]   ? 
_reflns.pdbx_aniso_diffraction_limit_axis_3_ortho[2]   ? 
_reflns.pdbx_aniso_diffraction_limit_axis_3_ortho[3]   ? 
_reflns.pdbx_aniso_diffraction_limit_1                 ? 
_reflns.pdbx_aniso_diffraction_limit_2                 ? 
_reflns.pdbx_aniso_diffraction_limit_3                 ? 
_reflns.pdbx_aniso_B_tensor_eigenvector_1_ortho[1]     ? 
_reflns.pdbx_aniso_B_tensor_eigenvector_1_ortho[2]     ? 
_reflns.pdbx_aniso_B_tensor_eigenvector_1_ortho[3]     ? 
_reflns.pdbx_aniso_B_tensor_eigenvector_2_ortho[1]     ? 
_reflns.pdbx_aniso_B_tensor_eigenvector_2_ortho[2]     ? 
_reflns.pdbx_aniso_B_tensor_eigenvector_2_ortho[3]     ? 
_reflns.pdbx_aniso_B_tensor_eigenvector_3_ortho[1]     ? 
_reflns.pdbx_aniso_B_tensor_eigenvector_3_ortho[2]     ? 
_reflns.pdbx_aniso_B_tensor_eigenvector_3_ortho[3]     ? 
_reflns.pdbx_aniso_B_tensor_eigenvalue_1               ? 
_reflns.pdbx_aniso_B_tensor_eigenvalue_2               ? 
_reflns.pdbx_aniso_B_tensor_eigenvalue_3               ? 
_reflns.pdbx_orthogonalization_convention              ? 
_reflns.pdbx_percent_possible_ellipsoidal              ? 
_reflns.pdbx_percent_possible_spherical                ? 
_reflns.pdbx_percent_possible_ellipsoidal_anomalous    ? 
_reflns.pdbx_percent_possible_spherical_anomalous      ? 
_reflns.pdbx_redundancy_anomalous                      ? 
_reflns.pdbx_CC_half_anomalous                         ? 
_reflns.pdbx_absDiff_over_sigma_anomalous              ? 
_reflns.pdbx_percent_possible_anomalous                ? 
_reflns.pdbx_observed_signal_threshold                 ? 
_reflns.pdbx_signal_type                               ? 
_reflns.pdbx_signal_details                            ? 
_reflns.pdbx_signal_software_id                        ? 
# 
_reflns_shell.d_res_high                                    1.95 
_reflns_shell.d_res_low                                     2.02 
_reflns_shell.meanI_over_sigI_all                           ? 
_reflns_shell.meanI_over_sigI_obs                           13.5 
_reflns_shell.number_measured_all                           ? 
_reflns_shell.number_measured_obs                           ? 
_reflns_shell.number_possible                               ? 
_reflns_shell.number_unique_all                             ? 
_reflns_shell.number_unique_obs                             756 
_reflns_shell.percent_possible_obs                          ? 
_reflns_shell.Rmerge_F_all                                  ? 
_reflns_shell.Rmerge_F_obs                                  ? 
_reflns_shell.meanI_over_sigI_gt                            ? 
_reflns_shell.meanI_over_uI_all                             ? 
_reflns_shell.meanI_over_uI_gt                              ? 
_reflns_shell.number_measured_gt                            ? 
_reflns_shell.number_unique_gt                              ? 
_reflns_shell.percent_possible_gt                           ? 
_reflns_shell.Rmerge_F_gt                                   ? 
_reflns_shell.Rmerge_I_gt                                   ? 
_reflns_shell.pdbx_redundancy                               9.4 
_reflns_shell.pdbx_chi_squared                              1.250 
_reflns_shell.pdbx_netI_over_sigmaI_all                     ? 
_reflns_shell.pdbx_netI_over_sigmaI_obs                     ? 
_reflns_shell.pdbx_Rrim_I_all                               0.438 
_reflns_shell.pdbx_Rpim_I_all                               0.143 
_reflns_shell.pdbx_rejects                                  ? 
_reflns_shell.pdbx_ordinal                                  1 
_reflns_shell.pdbx_diffrn_id                                1 
_reflns_shell.pdbx_CC_half                                  0.972 
_reflns_shell.pdbx_CC_star                                  0.993 
_reflns_shell.pdbx_R_split                                  ? 
_reflns_shell.percent_possible_all                          90.8 
_reflns_shell.Rmerge_I_all                                  ? 
_reflns_shell.Rmerge_I_obs                                  0.413 
_reflns_shell.pdbx_Rsym_value                               ? 
_reflns_shell.pdbx_percent_possible_ellipsoidal             ? 
_reflns_shell.pdbx_percent_possible_spherical               ? 
_reflns_shell.pdbx_percent_possible_ellipsoidal_anomalous   ? 
_reflns_shell.pdbx_percent_possible_spherical_anomalous     ? 
_reflns_shell.pdbx_redundancy_anomalous                     ? 
_reflns_shell.pdbx_CC_half_anomalous                        ? 
_reflns_shell.pdbx_absDiff_over_sigma_anomalous             ? 
_reflns_shell.pdbx_percent_possible_anomalous               ? 
# 
_refine.aniso_B[1][1]                            -0.02 
_refine.aniso_B[1][2]                            -0.01 
_refine.aniso_B[1][3]                            -0.00 
_refine.aniso_B[2][2]                            -0.02 
_refine.aniso_B[2][3]                            0.00 
_refine.aniso_B[3][3]                            0.05 
_refine.B_iso_max                                ? 
_refine.B_iso_mean                               26.942 
_refine.B_iso_min                                ? 
_refine.correlation_coeff_Fo_to_Fc               0.882 
_refine.correlation_coeff_Fo_to_Fc_free          0.829 
_refine.details                                  'HYDROGENS HAVE BEEN ADDED IN THE RIDING POSITIONS' 
_refine.diff_density_max                         ? 
_refine.diff_density_max_esd                     ? 
_refine.diff_density_min                         ? 
_refine.diff_density_min_esd                     ? 
_refine.diff_density_rms                         ? 
_refine.diff_density_rms_esd                     ? 
_refine.entry_id                                 8SX5 
_refine.pdbx_refine_id                           'X-RAY DIFFRACTION' 
_refine.ls_abs_structure_details                 ? 
_refine.ls_abs_structure_Flack                   ? 
_refine.ls_abs_structure_Flack_esd               ? 
_refine.ls_abs_structure_Rogers                  ? 
_refine.ls_abs_structure_Rogers_esd              ? 
_refine.ls_d_res_high                            1.95 
_refine.ls_d_res_low                             28.52 
_refine.ls_extinction_coef                       ? 
_refine.ls_extinction_coef_esd                   ? 
_refine.ls_extinction_expression                 ? 
_refine.ls_extinction_method                     ? 
_refine.ls_goodness_of_fit_all                   ? 
_refine.ls_goodness_of_fit_all_esd               ? 
_refine.ls_goodness_of_fit_obs                   ? 
_refine.ls_goodness_of_fit_obs_esd               ? 
_refine.ls_hydrogen_treatment                    ? 
_refine.ls_matrix_type                           ? 
_refine.ls_number_constraints                    ? 
_refine.ls_number_parameters                     ? 
_refine.ls_number_reflns_all                     ? 
_refine.ls_number_reflns_obs                     6597 
_refine.ls_number_reflns_R_free                  301 
_refine.ls_number_reflns_R_work                  ? 
_refine.ls_number_restraints                     ? 
_refine.ls_percent_reflns_obs                    90.41 
_refine.ls_percent_reflns_R_free                 4.4 
_refine.ls_R_factor_all                          ? 
_refine.ls_R_factor_obs                          0.28576 
_refine.ls_R_factor_R_free                       0.32316 
_refine.ls_R_factor_R_free_error                 ? 
_refine.ls_R_factor_R_free_error_details         ? 
_refine.ls_R_factor_R_work                       0.28399 
_refine.ls_R_Fsqd_factor_obs                     ? 
_refine.ls_R_I_factor_obs                        ? 
_refine.ls_redundancy_reflns_all                 ? 
_refine.ls_redundancy_reflns_obs                 ? 
_refine.ls_restrained_S_all                      ? 
_refine.ls_restrained_S_obs                      ? 
_refine.ls_shift_over_esd_max                    ? 
_refine.ls_shift_over_esd_mean                   ? 
_refine.ls_structure_factor_coef                 ? 
_refine.ls_weighting_details                     ? 
_refine.ls_weighting_scheme                      ? 
_refine.ls_wR_factor_all                         ? 
_refine.ls_wR_factor_obs                         ? 
_refine.ls_wR_factor_R_free                      ? 
_refine.ls_wR_factor_R_work                      ? 
_refine.occupancy_max                            ? 
_refine.occupancy_min                            ? 
_refine.solvent_model_details                    MASK 
_refine.solvent_model_param_bsol                 ? 
_refine.solvent_model_param_ksol                 ? 
_refine.pdbx_R_complete                          ? 
_refine.ls_R_factor_gt                           ? 
_refine.ls_goodness_of_fit_gt                    ? 
_refine.ls_goodness_of_fit_ref                   ? 
_refine.ls_shift_over_su_max                     ? 
_refine.ls_shift_over_su_max_lt                  ? 
_refine.ls_shift_over_su_mean                    ? 
_refine.ls_shift_over_su_mean_lt                 ? 
_refine.pdbx_ls_sigma_I                          ? 
_refine.pdbx_ls_sigma_F                          ? 
_refine.pdbx_ls_sigma_Fsqd                       ? 
_refine.pdbx_data_cutoff_high_absF               ? 
_refine.pdbx_data_cutoff_high_rms_absF           ? 
_refine.pdbx_data_cutoff_low_absF                ? 
_refine.pdbx_isotropic_thermal_model             ? 
_refine.pdbx_ls_cross_valid_method               THROUGHOUT 
_refine.pdbx_method_to_determine_struct          'MOLECULAR REPLACEMENT' 
_refine.pdbx_starting_model                      'PDB entry 6C8K' 
_refine.pdbx_stereochemistry_target_values       'MAXIMUM LIKELIHOOD' 
_refine.pdbx_R_Free_selection_details            RANDOM 
_refine.pdbx_stereochem_target_val_spec_case     ? 
_refine.pdbx_overall_ESU_R                       0.251 
_refine.pdbx_overall_ESU_R_Free                  0.216 
_refine.pdbx_solvent_vdw_probe_radii             1.20 
_refine.pdbx_solvent_ion_probe_radii             0.80 
_refine.pdbx_solvent_shrinkage_radii             0.80 
_refine.pdbx_real_space_R                        ? 
_refine.pdbx_density_correlation                 ? 
_refine.pdbx_pd_number_of_powder_patterns        ? 
_refine.pdbx_pd_number_of_points                 ? 
_refine.pdbx_pd_meas_number_of_points            ? 
_refine.pdbx_pd_proc_ls_prof_R_factor            ? 
_refine.pdbx_pd_proc_ls_prof_wR_factor           ? 
_refine.pdbx_pd_Marquardt_correlation_coeff      ? 
_refine.pdbx_pd_Fsqrd_R_factor                   ? 
_refine.pdbx_pd_ls_matrix_band_width             ? 
_refine.pdbx_overall_phase_error                 ? 
_refine.pdbx_overall_SU_R_free_Cruickshank_DPI   ? 
_refine.pdbx_overall_SU_R_free_Blow_DPI          ? 
_refine.pdbx_overall_SU_R_Blow_DPI               ? 
_refine.pdbx_TLS_residual_ADP_flag               ? 
_refine.pdbx_diffrn_id                           1 
_refine.overall_SU_B                             4.478 
_refine.overall_SU_ML                            0.137 
_refine.overall_SU_R_Cruickshank_DPI             ? 
_refine.overall_SU_R_free                        ? 
_refine.overall_FOM_free_R_set                   ? 
_refine.overall_FOM_work_R_set                   ? 
_refine.pdbx_average_fsc_overall                 ? 
_refine.pdbx_average_fsc_work                    ? 
_refine.pdbx_average_fsc_free                    ? 
# 
_refine_hist.pdbx_refine_id                   'X-RAY DIFFRACTION' 
_refine_hist.cycle_id                         1 
_refine_hist.details                          ? 
_refine_hist.d_res_high                       1.95 
_refine_hist.d_res_low                        28.52 
_refine_hist.number_atoms_solvent             8 
_refine_hist.number_atoms_total               706 
_refine_hist.number_reflns_all                ? 
_refine_hist.number_reflns_obs                ? 
_refine_hist.number_reflns_R_free             ? 
_refine_hist.number_reflns_R_work             ? 
_refine_hist.R_factor_all                     ? 
_refine_hist.R_factor_obs                     ? 
_refine_hist.R_factor_R_free                  ? 
_refine_hist.R_factor_R_work                  ? 
_refine_hist.pdbx_number_residues_total       ? 
_refine_hist.pdbx_B_iso_mean_ligand           ? 
_refine_hist.pdbx_B_iso_mean_solvent          ? 
_refine_hist.pdbx_number_atoms_protein        0 
_refine_hist.pdbx_number_atoms_nucleic_acid   598 
_refine_hist.pdbx_number_atoms_ligand         100 
_refine_hist.pdbx_number_atoms_lipid          ? 
_refine_hist.pdbx_number_atoms_carb           ? 
_refine_hist.pdbx_pseudo_atom_details         ? 
# 
loop_
_refine_ls_restr.pdbx_refine_id 
_refine_ls_restr.criterion 
_refine_ls_restr.dev_ideal 
_refine_ls_restr.dev_ideal_target 
_refine_ls_restr.number 
_refine_ls_restr.rejects 
_refine_ls_restr.type 
_refine_ls_restr.weight 
_refine_ls_restr.pdbx_restraint_function 
'X-RAY DIFFRACTION' ? 0.019 0.017  780  ? r_bond_refined_d             ? ? 
'X-RAY DIFFRACTION' ? 0.023 0.024  346  ? r_bond_other_d               ? ? 
'X-RAY DIFFRACTION' ? 3.688 2.012  1222 ? r_angle_refined_deg          ? ? 
'X-RAY DIFFRACTION' ? 3.761 3.109  824  ? r_angle_other_deg            ? ? 
'X-RAY DIFFRACTION' ? ?     ?      ?    ? r_dihedral_angle_1_deg       ? ? 
'X-RAY DIFFRACTION' ? ?     ?      ?    ? r_dihedral_angle_2_deg       ? ? 
'X-RAY DIFFRACTION' ? ?     ?      ?    ? r_dihedral_angle_3_deg       ? ? 
'X-RAY DIFFRACTION' ? ?     ?      ?    ? r_dihedral_angle_4_deg       ? ? 
'X-RAY DIFFRACTION' ? 0.247 0.200  140  ? r_chiral_restr               ? ? 
'X-RAY DIFFRACTION' ? 0.013 0.021  382  ? r_gen_planes_refined         ? ? 
'X-RAY DIFFRACTION' ? 0.001 0.021  134  ? r_gen_planes_other           ? ? 
'X-RAY DIFFRACTION' ? ?     ?      ?    ? r_nbd_refined                ? ? 
'X-RAY DIFFRACTION' ? ?     ?      ?    ? r_nbd_other                  ? ? 
'X-RAY DIFFRACTION' ? ?     ?      ?    ? r_nbtor_refined              ? ? 
'X-RAY DIFFRACTION' ? ?     ?      ?    ? r_nbtor_other                ? ? 
'X-RAY DIFFRACTION' ? ?     ?      ?    ? r_xyhbond_nbd_refined        ? ? 
'X-RAY DIFFRACTION' ? ?     ?      ?    ? r_xyhbond_nbd_other          ? ? 
'X-RAY DIFFRACTION' ? ?     ?      ?    ? r_metal_ion_refined          ? ? 
'X-RAY DIFFRACTION' ? ?     ?      ?    ? r_metal_ion_other            ? ? 
'X-RAY DIFFRACTION' ? ?     ?      ?    ? r_symmetry_vdw_refined       ? ? 
'X-RAY DIFFRACTION' ? ?     ?      ?    ? r_symmetry_vdw_other         ? ? 
'X-RAY DIFFRACTION' ? ?     ?      ?    ? r_symmetry_hbond_refined     ? ? 
'X-RAY DIFFRACTION' ? ?     ?      ?    ? r_symmetry_hbond_other       ? ? 
'X-RAY DIFFRACTION' ? ?     ?      ?    ? r_symmetry_metal_ion_refined ? ? 
'X-RAY DIFFRACTION' ? ?     ?      ?    ? r_symmetry_metal_ion_other   ? ? 
'X-RAY DIFFRACTION' ? ?     ?      ?    ? r_mcbond_it                  ? ? 
'X-RAY DIFFRACTION' ? ?     ?      ?    ? r_mcbond_other               ? ? 
'X-RAY DIFFRACTION' ? ?     ?      ?    ? r_mcangle_it                 ? ? 
'X-RAY DIFFRACTION' ? ?     ?      ?    ? r_mcangle_other              ? ? 
'X-RAY DIFFRACTION' ? 2.297 2.823  780  ? r_scbond_it                  ? ? 
'X-RAY DIFFRACTION' ? 2.295 2.822  781  ? r_scbond_other               ? ? 
'X-RAY DIFFRACTION' ? ?     ?      ?    ? r_scangle_it                 ? ? 
'X-RAY DIFFRACTION' ? 2.989 4.236  1223 ? r_scangle_other              ? ? 
'X-RAY DIFFRACTION' ? 4.077 25.999 996  ? r_long_range_B_refined       ? ? 
'X-RAY DIFFRACTION' ? 4.075 26.012 997  ? r_long_range_B_other         ? ? 
'X-RAY DIFFRACTION' ? ?     ?      ?    ? r_rigid_bond_restr           ? ? 
'X-RAY DIFFRACTION' ? ?     ?      ?    ? r_sphericity_free            ? ? 
'X-RAY DIFFRACTION' ? ?     ?      ?    ? r_sphericity_bonded          ? ? 
# 
_refine_ls_shell.pdbx_refine_id                   'X-RAY DIFFRACTION' 
_refine_ls_shell.d_res_high                       1.950 
_refine_ls_shell.d_res_low                        2.001 
_refine_ls_shell.number_reflns_all                ? 
_refine_ls_shell.number_reflns_obs                ? 
_refine_ls_shell.number_reflns_R_free             31 
_refine_ls_shell.number_reflns_R_work             518 
_refine_ls_shell.percent_reflns_obs               98.39 
_refine_ls_shell.percent_reflns_R_free            ? 
_refine_ls_shell.R_factor_all                     ? 
_refine_ls_shell.R_factor_obs                     ? 
_refine_ls_shell.R_factor_R_free_error            ? 
_refine_ls_shell.R_factor_R_work                  0.195 
_refine_ls_shell.redundancy_reflns_all            ? 
_refine_ls_shell.redundancy_reflns_obs            ? 
_refine_ls_shell.wR_factor_all                    ? 
_refine_ls_shell.wR_factor_obs                    ? 
_refine_ls_shell.wR_factor_R_free                 ? 
_refine_ls_shell.wR_factor_R_work                 ? 
_refine_ls_shell.pdbx_R_complete                  ? 
_refine_ls_shell.pdbx_total_number_of_bins_used   20 
_refine_ls_shell.pdbx_phase_error                 ? 
_refine_ls_shell.pdbx_fsc_work                    ? 
_refine_ls_shell.pdbx_fsc_free                    ? 
_refine_ls_shell.R_factor_R_free                  0.271 
# 
_struct.entry_id                     8SX5 
_struct.title                        'GpppA dinucleotide binding to RNA CU template' 
_struct.pdbx_model_details           ? 
_struct.pdbx_formula_weight          ? 
_struct.pdbx_formula_weight_method   ? 
_struct.pdbx_model_type_details      ? 
_struct.pdbx_CASP_flag               N 
# 
_struct_keywords.entry_id        8SX5 
_struct_keywords.text            'RNA, GpppA' 
_struct_keywords.pdbx_keywords   RNA 
# 
loop_
_struct_asym.id 
_struct_asym.pdbx_blank_PDB_chainid_flag 
_struct_asym.pdbx_modified 
_struct_asym.entity_id 
_struct_asym.details 
A N N 1 ? 
B N N 1 ? 
C N N 2 ? 
D N N 2 ? 
E N N 3 ? 
F N N 3 ? 
# 
loop_
_struct_conn.id 
_struct_conn.conn_type_id 
_struct_conn.pdbx_leaving_atom_flag 
_struct_conn.pdbx_PDB_id 
_struct_conn.ptnr1_label_asym_id 
_struct_conn.ptnr1_label_comp_id 
_struct_conn.ptnr1_label_seq_id 
_struct_conn.ptnr1_label_atom_id 
_struct_conn.pdbx_ptnr1_label_alt_id 
_struct_conn.pdbx_ptnr1_PDB_ins_code 
_struct_conn.pdbx_ptnr1_standard_comp_id 
_struct_conn.ptnr1_symmetry 
_struct_conn.ptnr2_label_asym_id 
_struct_conn.ptnr2_label_comp_id 
_struct_conn.ptnr2_label_seq_id 
_struct_conn.ptnr2_label_atom_id 
_struct_conn.pdbx_ptnr2_label_alt_id 
_struct_conn.pdbx_ptnr2_PDB_ins_code 
_struct_conn.ptnr1_auth_asym_id 
_struct_conn.ptnr1_auth_comp_id 
_struct_conn.ptnr1_auth_seq_id 
_struct_conn.ptnr2_auth_asym_id 
_struct_conn.ptnr2_auth_comp_id 
_struct_conn.ptnr2_auth_seq_id 
_struct_conn.ptnr2_symmetry 
_struct_conn.pdbx_ptnr3_label_atom_id 
_struct_conn.pdbx_ptnr3_label_seq_id 
_struct_conn.pdbx_ptnr3_label_comp_id 
_struct_conn.pdbx_ptnr3_label_asym_id 
_struct_conn.pdbx_ptnr3_label_alt_id 
_struct_conn.pdbx_ptnr3_PDB_ins_code 
_struct_conn.details 
_struct_conn.pdbx_dist_value 
_struct_conn.pdbx_value_order 
_struct_conn.pdbx_role 
covale1  covale both ? A LCC 1  "O3'" ? ? ? 1_555 A TLN 2  P  ? ? A LCC 1  A TLN 2  1_555 ? ? ? ? ? ? ?            1.661 ? ? 
covale2  covale both ? A TLN 2  "O3'" ? ? ? 1_555 A LCC 3  P  ? ? A TLN 2  A LCC 3  1_555 ? ? ? ? ? ? ?            1.613 ? ? 
covale3  covale both ? A LCC 3  "O3'" ? ? ? 1_555 A LCG 4  P  ? ? A LCC 3  A LCG 4  1_555 ? ? ? ? ? ? ?            1.616 ? ? 
covale4  covale both ? A LCG 4  "O3'" ? ? ? 1_555 A A   5  P  ? ? A LCG 4  A A   5  1_555 ? ? ? ? ? ? ?            1.628 ? ? 
covale5  covale both ? B LCC 1  "O3'" ? ? ? 1_555 B TLN 2  P  ? ? B LCC 1  B TLN 2  1_555 ? ? ? ? ? ? ?            1.624 ? ? 
covale6  covale both ? B TLN 2  "O3'" ? ? ? 1_555 B LCC 3  P  ? ? B TLN 2  B LCC 3  1_555 ? ? ? ? ? ? ?            1.593 ? ? 
covale7  covale both ? B LCC 3  "O3'" ? ? ? 1_555 B LCG 4  P  ? ? B LCC 3  B LCG 4  1_555 ? ? ? ? ? ? ?            1.618 ? ? 
covale8  covale both ? B LCG 4  "O3'" ? ? ? 1_555 B A   5  P  ? ? B LCG 4  B A   5  1_555 ? ? ? ? ? ? ?            1.623 ? ? 
hydrog1  hydrog ?    ? A LCG 4  N1    ? ? ? 1_555 B C   13 N3 ? ? A LCG 4  B C   13 1_555 ? ? ? ? ? ? WATSON-CRICK ?     ? ? 
hydrog2  hydrog ?    ? A LCG 4  N2    ? ? ? 1_555 B C   13 O2 ? ? A LCG 4  B C   13 1_555 ? ? ? ? ? ? WATSON-CRICK ?     ? ? 
hydrog3  hydrog ?    ? A LCG 4  O6    ? ? ? 1_555 B C   13 N4 ? ? A LCG 4  B C   13 1_555 ? ? ? ? ? ? WATSON-CRICK ?     ? ? 
hydrog4  hydrog ?    ? A A   5  N1    ? ? ? 1_555 B U   12 N3 ? ? A A   5  B U   12 1_555 ? ? ? ? ? ? WATSON-CRICK ?     ? ? 
hydrog5  hydrog ?    ? A A   5  N6    ? ? ? 1_555 B U   12 O4 ? ? A A   5  B U   12 1_555 ? ? ? ? ? ? WATSON-CRICK ?     ? ? 
hydrog6  hydrog ?    ? A C   6  N3    ? ? ? 1_555 B G   11 N1 ? ? A C   6  B G   11 1_555 ? ? ? ? ? ? WATSON-CRICK ?     ? ? 
hydrog7  hydrog ?    ? A C   6  N4    ? ? ? 1_555 B G   11 O6 ? ? A C   6  B G   11 1_555 ? ? ? ? ? ? WATSON-CRICK ?     ? ? 
hydrog8  hydrog ?    ? A C   6  O2    ? ? ? 1_555 B G   11 N2 ? ? A C   6  B G   11 1_555 ? ? ? ? ? ? WATSON-CRICK ?     ? ? 
hydrog9  hydrog ?    ? A U   7  N3    ? ? ? 1_555 B A   10 N1 ? ? A U   7  B A   10 1_555 ? ? ? ? ? ? WATSON-CRICK ?     ? ? 
hydrog10 hydrog ?    ? A U   7  O4    ? ? ? 1_555 B A   10 N6 ? ? A U   7  B A   10 1_555 ? ? ? ? ? ? WATSON-CRICK ?     ? ? 
hydrog11 hydrog ?    ? A U   8  N3    ? ? ? 1_555 B A   9  N1 ? ? A U   8  B A   9  1_555 ? ? ? ? ? ? WATSON-CRICK ?     ? ? 
hydrog12 hydrog ?    ? A U   8  O4    ? ? ? 1_555 B A   9  N6 ? ? A U   8  B A   9  1_555 ? ? ? ? ? ? WATSON-CRICK ?     ? ? 
hydrog13 hydrog ?    ? A A   9  N1    ? ? ? 1_555 B U   8  N3 ? ? A A   9  B U   8  1_555 ? ? ? ? ? ? WATSON-CRICK ?     ? ? 
hydrog14 hydrog ?    ? A A   9  N6    ? ? ? 1_555 B U   8  O4 ? ? A A   9  B U   8  1_555 ? ? ? ? ? ? WATSON-CRICK ?     ? ? 
hydrog15 hydrog ?    ? A A   10 N1    ? ? ? 1_555 B U   7  N3 ? ? A A   10 B U   7  1_555 ? ? ? ? ? ? WATSON-CRICK ?     ? ? 
hydrog16 hydrog ?    ? A A   10 N6    ? ? ? 1_555 B U   7  O4 ? ? A A   10 B U   7  1_555 ? ? ? ? ? ? WATSON-CRICK ?     ? ? 
hydrog17 hydrog ?    ? A G   11 N1    ? ? ? 1_555 B C   6  N3 ? ? A G   11 B C   6  1_555 ? ? ? ? ? ? WATSON-CRICK ?     ? ? 
hydrog18 hydrog ?    ? A G   11 N2    ? ? ? 1_555 B C   6  O2 ? ? A G   11 B C   6  1_555 ? ? ? ? ? ? WATSON-CRICK ?     ? ? 
hydrog19 hydrog ?    ? A G   11 O6    ? ? ? 1_555 B C   6  N4 ? ? A G   11 B C   6  1_555 ? ? ? ? ? ? WATSON-CRICK ?     ? ? 
hydrog20 hydrog ?    ? A U   12 N3    ? ? ? 1_555 B A   5  N1 ? ? A U   12 B A   5  1_555 ? ? ? ? ? ? WATSON-CRICK ?     ? ? 
hydrog21 hydrog ?    ? A U   12 O4    ? ? ? 1_555 B A   5  N6 ? ? A U   12 B A   5  1_555 ? ? ? ? ? ? WATSON-CRICK ?     ? ? 
hydrog22 hydrog ?    ? A C   13 N3    ? ? ? 1_555 B LCG 4  N1 ? ? A C   13 B LCG 4  1_555 ? ? ? ? ? ? WATSON-CRICK ?     ? ? 
hydrog23 hydrog ?    ? A C   13 N4    ? ? ? 1_555 B LCG 4  O6 ? ? A C   13 B LCG 4  1_555 ? ? ? ? ? ? WATSON-CRICK ?     ? ? 
hydrog24 hydrog ?    ? A C   13 O2    ? ? ? 1_555 B LCG 4  N2 ? ? A C   13 B LCG 4  1_555 ? ? ? ? ? ? WATSON-CRICK ?     ? ? 
# 
loop_
_struct_conn_type.id 
_struct_conn_type.criteria 
_struct_conn_type.reference 
covale ? ? 
hydrog ? ? 
# 
_atom_sites.entry_id                    8SX5 
_atom_sites.Cartn_transf_matrix[1][1]   ? 
_atom_sites.Cartn_transf_matrix[1][2]   ? 
_atom_sites.Cartn_transf_matrix[1][3]   ? 
_atom_sites.Cartn_transf_matrix[2][1]   ? 
_atom_sites.Cartn_transf_matrix[2][2]   ? 
_atom_sites.Cartn_transf_matrix[2][3]   ? 
_atom_sites.Cartn_transf_matrix[3][1]   ? 
_atom_sites.Cartn_transf_matrix[3][2]   ? 
_atom_sites.Cartn_transf_matrix[3][3]   ? 
_atom_sites.Cartn_transf_vector[1]      ? 
_atom_sites.Cartn_transf_vector[2]      ? 
_atom_sites.Cartn_transf_vector[3]      ? 
_atom_sites.fract_transf_matrix[1][1]   -0.02480673 
_atom_sites.fract_transf_matrix[1][2]   0.00522010 
_atom_sites.fract_transf_matrix[1][3]   -0.00548106 
_atom_sites.fract_transf_matrix[2][1]   -0.01827959 
_atom_sites.fract_transf_matrix[2][2]   -0.01788033 
_atom_sites.fract_transf_matrix[2][3]   0.00433893 
_atom_sites.fract_transf_matrix[3][1]   -0.00151251 
_atom_sites.fract_transf_matrix[3][2]   0.00417152 
_atom_sites.fract_transf_matrix[3][3]   0.01081836 
_atom_sites.fract_transf_vector[1]      -0.155009 
_atom_sites.fract_transf_vector[2]      -0.775766 
_atom_sites.fract_transf_vector[3]      1.251479 
_atom_sites.solution_primary            ? 
_atom_sites.solution_secondary          ? 
_atom_sites.solution_hydrogens          ? 
_atom_sites.special_details             ? 
# 
loop_
_atom_type.symbol 
C 
N 
O 
P 
# 
loop_
_atom_site.group_PDB 
_atom_site.id 
_atom_site.type_symbol 
_atom_site.label_atom_id 
_atom_site.label_alt_id 
_atom_site.label_comp_id 
_atom_site.label_asym_id 
_atom_site.label_entity_id 
_atom_site.label_seq_id 
_atom_site.pdbx_PDB_ins_code 
_atom_site.Cartn_x 
_atom_site.Cartn_y 
_atom_site.Cartn_z 
_atom_site.occupancy 
_atom_site.B_iso_or_equiv 
_atom_site.pdbx_formal_charge 
_atom_site.auth_seq_id 
_atom_site.auth_comp_id 
_atom_site.auth_asym_id 
_atom_site.auth_atom_id 
_atom_site.pdbx_PDB_model_num 
HETATM 1   O "O5'" . LCC A 1 1  ? -10.253 -8.318  -17.148 1.00 37.77 ? 1   LCC A "O5'" 1 
HETATM 2   C "C5'" . LCC A 1 1  ? -10.882 -9.434  -17.866 1.00 36.77 ? 1   LCC A "C5'" 1 
HETATM 3   C "C4'" . LCC A 1 1  ? -10.081 -10.703 -17.598 1.00 36.77 ? 1   LCC A "C4'" 1 
HETATM 4   O "O4'" . LCC A 1 1  ? -9.081  -10.879 -18.610 1.00 37.05 ? 1   LCC A "O4'" 1 
HETATM 5   C "C1'" . LCC A 1 1  ? -8.066  -11.714 -17.918 1.00 36.30 ? 1   LCC A "C1'" 1 
HETATM 6   N N1    . LCC A 1 1  ? -6.751  -10.999 -17.952 1.00 34.16 ? 1   LCC A N1    1 
HETATM 7   C C6    . LCC A 1 1  ? -6.699  -9.690  -18.426 1.00 33.91 ? 1   LCC A C6    1 
HETATM 8   C C5    . LCC A 1 1  ? -5.486  -9.045  -18.515 1.00 33.20 ? 1   LCC A C5    1 
HETATM 9   C C5M   . LCC A 1 1  ? -5.405  -7.739  -18.986 1.00 33.93 ? 1   LCC A C5M   1 
HETATM 10  C C4    . LCC A 1 1  ? -4.358  -9.726  -18.126 1.00 36.14 ? 1   LCC A C4    1 
HETATM 11  N N4    . LCC A 1 1  ? -3.211  -9.065  -18.216 1.00 40.44 ? 1   LCC A N4    1 
HETATM 12  N N3    . LCC A 1 1  ? -4.423  -10.982 -17.701 1.00 32.58 ? 1   LCC A N3    1 
HETATM 13  C C2    . LCC A 1 1  ? -5.602  -11.600 -17.607 1.00 33.57 ? 1   LCC A C2    1 
HETATM 14  O O2    . LCC A 1 1  ? -5.609  -12.738 -17.197 1.00 31.82 ? 1   LCC A O2    1 
HETATM 15  C "C3'" . LCC A 1 1  ? -9.318  -10.662 -16.337 1.00 34.59 ? 1   LCC A "C3'" 1 
HETATM 16  C "C2'" . LCC A 1 1  ? -8.693  -11.923 -16.548 1.00 35.67 ? 1   LCC A "C2'" 1 
HETATM 17  O "O2'" . LCC A 1 1  ? -9.879  -12.774 -16.648 1.00 41.36 ? 1   LCC A "O2'" 1 
HETATM 18  O "O3'" . LCC A 1 1  ? -10.223 -10.744 -15.208 1.00 37.36 ? 1   LCC A "O3'" 1 
HETATM 19  C "C6'" . LCC A 1 1  ? -10.898 -12.021 -17.477 1.00 35.16 ? 1   LCC A "C6'" 1 
HETATM 20  P P     . TLN A 1 2  ? -9.994  -9.864  -13.817 1.00 39.69 ? 2   TLN A P     1 
HETATM 21  O OP1   . TLN A 1 2  ? -11.201 -10.055 -12.942 1.00 37.23 ? 2   TLN A OP1   1 
HETATM 22  O OP2   . TLN A 1 2  ? -9.527  -8.468  -14.140 1.00 38.30 ? 2   TLN A OP2   1 
HETATM 23  O "O5'" . TLN A 1 2  ? -8.763  -10.588 -13.101 1.00 36.36 ? 2   TLN A "O5'" 1 
HETATM 24  C "C5'" . TLN A 1 2  ? -8.947  -11.867 -12.530 1.00 38.90 ? 2   TLN A "C5'" 1 
HETATM 25  C "C4'" . TLN A 1 2  ? -7.557  -12.445 -12.438 1.00 38.44 ? 2   TLN A "C4'" 1 
HETATM 26  O "O4'" . TLN A 1 2  ? -6.858  -12.392 -13.690 1.00 37.93 ? 2   TLN A "O4'" 1 
HETATM 27  C "C1'" . TLN A 1 2  ? -5.478  -12.590 -13.397 1.00 34.78 ? 2   TLN A "C1'" 1 
HETATM 28  N N1    . TLN A 1 2  ? -4.639  -11.477 -13.852 1.00 34.20 ? 2   TLN A N1    1 
HETATM 29  C C6    . TLN A 1 2  ? -5.207  -10.329 -14.226 1.00 31.32 ? 2   TLN A C6    1 
HETATM 30  C C5    . TLN A 1 2  ? -4.428  -9.278  -14.641 1.00 33.89 ? 2   TLN A C5    1 
HETATM 31  C C5M   . TLN A 1 2  ? -5.061  -7.978  -15.040 1.00 35.52 ? 2   TLN A C5M   1 
HETATM 32  C C4    . TLN A 1 2  ? -2.967  -9.463  -14.693 1.00 33.29 ? 2   TLN A C4    1 
HETATM 33  O O4    . TLN A 1 2  ? -2.236  -8.533  -15.063 1.00 29.38 ? 2   TLN A O4    1 
HETATM 34  N N3    . TLN A 1 2  ? -2.446  -10.628 -14.317 1.00 31.54 ? 2   TLN A N3    1 
HETATM 35  C C2    . TLN A 1 2  ? -3.231  -11.622 -13.907 1.00 32.15 ? 2   TLN A C2    1 
HETATM 36  O O2    . TLN A 1 2  ? -2.684  -12.686 -13.575 1.00 30.81 ? 2   TLN A O2    1 
HETATM 37  C "C3'" . TLN A 1 2  ? -6.629  -11.694 -11.511 1.00 35.80 ? 2   TLN A "C3'" 1 
HETATM 38  C "C2'" . TLN A 1 2  ? -5.536  -12.666 -11.888 1.00 37.08 ? 2   TLN A "C2'" 1 
HETATM 39  O "O2'" . TLN A 1 2  ? -6.087  -13.950 -11.636 1.00 35.93 ? 2   TLN A "O2'" 1 
HETATM 40  O "O3'" . TLN A 1 2  ? -7.028  -11.610 -10.106 1.00 37.69 ? 2   TLN A "O3'" 1 
HETATM 41  C "C6'" . TLN A 1 2  ? -7.465  -13.885 -11.987 1.00 39.44 ? 2   TLN A "C6'" 1 
HETATM 42  O "O5'" . LCC A 1 3  ? -4.744  -11.584 -8.965  1.00 27.84 ? 3   LCC A "O5'" 1 
HETATM 43  C "C5'" . LCC A 1 3  ? -4.616  -12.901 -8.468  1.00 26.60 ? 3   LCC A "C5'" 1 
HETATM 44  C "C4'" . LCC A 1 3  ? -3.089  -13.098 -8.522  1.00 25.39 ? 3   LCC A "C4'" 1 
HETATM 45  O "O4'" . LCC A 1 3  ? -2.626  -12.870 -9.841  1.00 24.36 ? 3   LCC A "O4'" 1 
HETATM 46  C "C1'" . LCC A 1 3  ? -1.207  -12.563 -9.625  1.00 25.60 ? 3   LCC A "C1'" 1 
HETATM 47  N N1    . LCC A 1 3  ? -0.857  -11.241 -10.217 1.00 25.42 ? 3   LCC A N1    1 
HETATM 48  C C6    . LCC A 1 3  ? -1.854  -10.332 -10.641 1.00 25.80 ? 3   LCC A C6    1 
HETATM 49  C C5    . LCC A 1 3  ? -1.463  -9.154  -11.238 1.00 29.05 ? 3   LCC A C5    1 
HETATM 50  C C5M   . LCC A 1 3  ? -2.447  -8.232  -11.630 1.00 30.86 ? 3   LCC A C5M   1 
HETATM 51  C C4    . LCC A 1 3  ? -0.083  -8.896  -11.397 1.00 31.16 ? 3   LCC A C4    1 
HETATM 52  N N4    . LCC A 1 3  ? 0.273   -7.754  -11.983 1.00 31.51 ? 3   LCC A N4    1 
HETATM 53  N N3    . LCC A 1 3  ? 0.833   -9.781  -10.999 1.00 26.75 ? 3   LCC A N3    1 
HETATM 54  C C2    . LCC A 1 3  ? 0.448   -10.946 -10.426 1.00 26.46 ? 3   LCC A C2    1 
HETATM 55  O O2    . LCC A 1 3  ? 1.304   -11.739 -10.047 1.00 24.98 ? 3   LCC A O2    1 
HETATM 56  C "C3'" . LCC A 1 3  ? -2.310  -12.144 -7.677  1.00 23.89 ? 3   LCC A "C3'" 1 
HETATM 57  C "C2'" . LCC A 1 3  ? -1.023  -12.692 -8.112  1.00 22.77 ? 3   LCC A "C2'" 1 
HETATM 58  O "O2'" . LCC A 1 3  ? -1.153  -14.057 -7.716  1.00 24.72 ? 3   LCC A "O2'" 1 
HETATM 59  O "O3'" . LCC A 1 3  ? -2.462  -12.352 -6.201  1.00 24.04 ? 3   LCC A "O3'" 1 
HETATM 60  C "C6'" . LCC A 1 3  ? -2.593  -14.456 -8.082  1.00 24.23 ? 3   LCC A "C6'" 1 
HETATM 61  P P     . LCC A 1 3  ? -6.159  -10.798 -9.017  1.00 29.79 ? 3   LCC A P     1 
HETATM 62  O O1P   . LCC A 1 3  ? -5.845  -9.386  -9.435  1.00 25.43 ? 3   LCC A O1P   1 
HETATM 63  O OXT   . LCC A 1 3  ? -6.952  -11.043 -7.768  1.00 31.79 ? 3   LCC A OXT   1 
HETATM 64  P P     . LCG A 1 4  ? -2.347  -11.106 -5.177  1.00 25.03 ? 4   LCG A P     1 
HETATM 65  O OP1   . LCG A 1 4  ? -2.844  -11.608 -3.842  1.00 24.89 ? 4   LCG A OP1   1 
HETATM 66  O "O5'" . LCG A 1 4  ? -0.820  -10.798 -5.117  1.00 21.46 ? 4   LCG A "O5'" 1 
HETATM 67  C "C5'" . LCG A 1 4  ? 0.186   -11.715 -4.580  1.00 22.31 ? 4   LCG A "C5'" 1 
HETATM 68  C "C3'" . LCG A 1 4  ? 1.844   -9.795  -4.637  1.00 21.10 ? 4   LCG A "C3'" 1 
HETATM 69  C "C6'" . LCG A 1 4  ? 2.737   -12.115 -4.806  1.00 21.71 ? 4   LCG A "C6'" 1 
HETATM 70  N N9    . LCG A 1 4  ? 2.333   -8.923  -7.485  1.00 20.05 ? 4   LCG A N9    1 
HETATM 71  C C8    . LCG A 1 4  ? 1.067   -8.508  -7.718  1.00 22.61 ? 4   LCG A C8    1 
HETATM 72  C C4    . LCG A 1 4  ? 3.130   -8.119  -8.179  1.00 18.87 ? 4   LCG A C4    1 
HETATM 73  N N7    . LCG A 1 4  ? 1.118   -7.412  -8.497  1.00 18.74 ? 4   LCG A N7    1 
HETATM 74  C C5    . LCG A 1 4  ? 2.386   -7.213  -8.834  1.00 17.91 ? 4   LCG A C5    1 
HETATM 75  C C6    . LCG A 1 4  ? 2.978   -6.247  -9.545  1.00 17.82 ? 4   LCG A C6    1 
HETATM 76  C "C2'" . LCG A 1 4  ? 3.204   -9.832  -5.321  1.00 20.33 ? 4   LCG A "C2'" 1 
HETATM 77  O O6    . LCG A 1 4  ? 2.326   -5.419  -10.175 1.00 19.78 ? 4   LCG A O6    1 
HETATM 78  C "C4'" . LCG A 1 4  ? 1.506   -11.190 -5.135  1.00 22.31 ? 4   LCG A "C4'" 1 
HETATM 79  C "C1'" . LCG A 1 4  ? 2.757   -10.094 -6.702  1.00 20.82 ? 4   LCG A "C1'" 1 
HETATM 80  C C2    . LCG A 1 4  ? 5.108   -7.235  -9.034  1.00 18.39 ? 4   LCG A C2    1 
HETATM 81  N N1    . LCG A 1 4  ? 4.364   -6.235  -9.677  1.00 18.84 ? 4   LCG A N1    1 
HETATM 82  O "O4'" . LCG A 1 4  ? 1.557   -10.983 -6.560  1.00 22.56 ? 4   LCG A "O4'" 1 
HETATM 83  O OP2   . LCG A 1 4  ? -2.994  -9.951  -5.803  1.00 23.71 ? 4   LCG A OP2   1 
HETATM 84  N N2    . LCG A 1 4  ? 6.426   -7.238  -9.081  1.00 17.62 ? 4   LCG A N2    1 
HETATM 85  N N3    . LCG A 1 4  ? 4.468   -8.096  -8.239  1.00 18.03 ? 4   LCG A N3    1 
HETATM 86  O "O2'" . LCG A 1 4  ? 3.826   -11.071 -4.876  1.00 21.40 ? 4   LCG A "O2'" 1 
HETATM 87  O "O3'" . LCG A 1 4  ? 1.855   -9.740  -3.190  1.00 24.03 ? 4   LCG A "O3'" 1 
ATOM   88  P P     . A   A 1 5  ? 1.568   -8.359  -2.378  1.00 22.16 ? 5   A   A P     1 
ATOM   89  O OP1   . A   A 1 5  ? 1.353   -8.723  -0.954  1.00 19.95 ? 5   A   A OP1   1 
ATOM   90  O OP2   . A   A 1 5  ? 0.507   -7.602  -3.057  1.00 18.68 ? 5   A   A OP2   1 
ATOM   91  O "O5'" . A   A 1 5  ? 2.940   -7.545  -2.533  1.00 24.79 ? 5   A   A "O5'" 1 
ATOM   92  C "C5'" . A   A 1 5  ? 4.177   -8.066  -2.032  1.00 25.17 ? 5   A   A "C5'" 1 
ATOM   93  C "C4'" . A   A 1 5  ? 5.345   -7.316  -2.626  1.00 24.62 ? 5   A   A "C4'" 1 
ATOM   94  O "O4'" . A   A 1 5  ? 5.422   -7.500  -4.067  1.00 23.86 ? 5   A   A "O4'" 1 
ATOM   95  C "C3'" . A   A 1 5  ? 5.353   -5.804  -2.439  1.00 24.55 ? 5   A   A "C3'" 1 
ATOM   96  O "O3'" . A   A 1 5  ? 5.935   -5.505  -1.180  1.00 23.04 ? 5   A   A "O3'" 1 
ATOM   97  C "C2'" . A   A 1 5  ? 6.284   -5.372  -3.556  1.00 21.88 ? 5   A   A "C2'" 1 
ATOM   98  O "O2'" . A   A 1 5  ? 7.596   -5.690  -3.164  1.00 23.33 ? 5   A   A "O2'" 1 
ATOM   99  C "C1'" . A   A 1 5  ? 5.844   -6.289  -4.683  1.00 23.08 ? 5   A   A "C1'" 1 
ATOM   100 N N9    . A   A 1 5  ? 4.739   -5.730  -5.470  1.00 19.84 ? 5   A   A N9    1 
ATOM   101 C C8    . A   A 1 5  ? 3.396   -6.018  -5.394  1.00 21.42 ? 5   A   A C8    1 
ATOM   102 N N7    . A   A 1 5  ? 2.661   -5.319  -6.229  1.00 20.40 ? 5   A   A N7    1 
ATOM   103 C C5    . A   A 1 5  ? 3.580   -4.517  -6.892  1.00 19.07 ? 5   A   A C5    1 
ATOM   104 C C6    . A   A 1 5  ? 3.432   -3.532  -7.886  1.00 18.11 ? 5   A   A C6    1 
ATOM   105 N N6    . A   A 1 5  ? 2.262   -3.195  -8.427  1.00 18.42 ? 5   A   A N6    1 
ATOM   106 N N1    . A   A 1 5  ? 4.541   -2.881  -8.296  1.00 19.19 ? 5   A   A N1    1 
ATOM   107 C C2    . A   A 1 5  ? 5.720   -3.233  -7.771  1.00 18.09 ? 5   A   A C2    1 
ATOM   108 N N3    . A   A 1 5  ? 5.984   -4.116  -6.810  1.00 18.84 ? 5   A   A N3    1 
ATOM   109 C C4    . A   A 1 5  ? 4.861   -4.754  -6.431  1.00 19.80 ? 5   A   A C4    1 
ATOM   110 P P     . C   A 1 6  ? 5.456   -4.220  -0.350  1.00 25.34 ? 6   C   A P     1 
ATOM   111 O OP1   . C   A 1 6  ? 5.931   -4.383  1.049   1.00 20.27 ? 6   C   A OP1   1 
ATOM   112 O OP2   . C   A 1 6  ? 4.004   -4.086  -0.580  1.00 21.62 ? 6   C   A OP2   1 
ATOM   113 O "O5'" . C   A 1 6  ? 6.236   -3.027  -1.077  1.00 24.98 ? 6   C   A "O5'" 1 
ATOM   114 C "C5'" . C   A 1 6  ? 7.668   -3.005  -1.205  1.00 26.28 ? 6   C   A "C5'" 1 
ATOM   115 C "C4'" . C   A 1 6  ? 8.125   -2.046  -2.288  1.00 28.29 ? 6   C   A "C4'" 1 
ATOM   116 O "O4'" . C   A 1 6  ? 7.602   -2.443  -3.585  1.00 32.70 ? 6   C   A "O4'" 1 
ATOM   117 C "C3'" . C   A 1 6  ? 7.696   -0.595  -2.133  1.00 28.62 ? 6   C   A "C3'" 1 
ATOM   118 O "O3'" . C   A 1 6  ? 8.577   0.047   -1.240  1.00 27.72 ? 6   C   A "O3'" 1 
ATOM   119 C "C2'" . C   A 1 6  ? 7.773   -0.074  -3.561  1.00 29.22 ? 6   C   A "C2'" 1 
ATOM   120 O "O2'" . C   A 1 6  ? 9.025   0.324   -4.099  1.00 29.62 ? 6   C   A "O2'" 1 
ATOM   121 C "C1'" . C   A 1 6  ? 7.280   -1.287  -4.346  1.00 28.39 ? 6   C   A "C1'" 1 
ATOM   122 N N1    . C   A 1 6  ? 5.830   -1.272  -4.609  1.00 25.18 ? 6   C   A N1    1 
ATOM   123 C C2    . C   A 1 6  ? 5.349   -0.469  -5.647  1.00 24.37 ? 6   C   A C2    1 
ATOM   124 O O2    . C   A 1 6  ? 6.155   0.213   -6.304  1.00 25.20 ? 6   C   A O2    1 
ATOM   125 N N3    . C   A 1 6  ? 4.024   -0.469  -5.923  1.00 21.38 ? 6   C   A N3    1 
ATOM   126 C C4    . C   A 1 6  ? 3.196   -1.241  -5.216  1.00 24.10 ? 6   C   A C4    1 
ATOM   127 N N4    . C   A 1 6  ? 1.898   -1.204  -5.517  1.00 25.42 ? 6   C   A N4    1 
ATOM   128 C C5    . C   A 1 6  ? 3.661   -2.063  -4.147  1.00 24.92 ? 6   C   A C5    1 
ATOM   129 C C6    . C   A 1 6  ? 4.974   -2.066  -3.895  1.00 24.22 ? 6   C   A C6    1 
ATOM   130 P P     . U   A 1 7  ? 8.131   1.386   -0.417  1.00 28.98 ? 7   U   A P     1 
ATOM   131 O OP1   . U   A 1 7  ? 9.260   1.719   0.491   1.00 31.45 ? 7   U   A OP1   1 
ATOM   132 O OP2   . U   A 1 7  ? 6.771   1.195   0.124   1.00 34.77 ? 7   U   A OP2   1 
ATOM   133 O "O5'" . U   A 1 7  ? 7.923   2.478   -1.557  1.00 28.97 ? 7   U   A "O5'" 1 
ATOM   134 C "C5'" . U   A 1 7  ? 9.022   3.143   -2.216  1.00 26.85 ? 7   U   A "C5'" 1 
ATOM   135 C "C4'" . U   A 1 7  ? 8.491   4.136   -3.230  1.00 26.72 ? 7   U   A "C4'" 1 
ATOM   136 O "O4'" . U   A 1 7  ? 7.654   3.476   -4.222  1.00 28.92 ? 7   U   A "O4'" 1 
ATOM   137 C "C3'" . U   A 1 7  ? 7.576   5.212   -2.681  1.00 26.94 ? 7   U   A "C3'" 1 
ATOM   138 O "O3'" . U   A 1 7  ? 8.283   6.297   -2.127  1.00 25.26 ? 7   U   A "O3'" 1 
ATOM   139 C "C2'" . U   A 1 7  ? 6.856   5.689   -3.924  1.00 25.01 ? 7   U   A "C2'" 1 
ATOM   140 O "O2'" . U   A 1 7  ? 7.621   6.620   -4.661  1.00 25.50 ? 7   U   A "O2'" 1 
ATOM   141 C "C1'" . U   A 1 7  ? 6.655   4.372   -4.678  1.00 25.96 ? 7   U   A "C1'" 1 
ATOM   142 N N1    . U   A 1 7  ? 5.334   3.753   -4.470  1.00 24.36 ? 7   U   A N1    1 
ATOM   143 C C2    . U   A 1 7  ? 4.273   4.254   -5.204  1.00 24.98 ? 7   U   A C2    1 
ATOM   144 O O2    . U   A 1 7  ? 4.380   5.205   -5.959  1.00 28.00 ? 7   U   A O2    1 
ATOM   145 N N3    . U   A 1 7  ? 3.079   3.605   -5.012  1.00 21.55 ? 7   U   A N3    1 
ATOM   146 C C4    . U   A 1 7  ? 2.838   2.523   -4.195  1.00 22.95 ? 7   U   A C4    1 
ATOM   147 O O4    . U   A 1 7  ? 1.698   2.047   -4.139  1.00 19.04 ? 7   U   A O4    1 
ATOM   148 C C5    . U   A 1 7  ? 3.978   2.068   -3.461  1.00 22.47 ? 7   U   A C5    1 
ATOM   149 C C6    . U   A 1 7  ? 5.159   2.682   -3.622  1.00 25.17 ? 7   U   A C6    1 
ATOM   150 P P     . U   A 1 8  ? 7.717   7.009   -0.831  1.00 29.65 ? 8   U   A P     1 
ATOM   151 O OP1   . U   A 1 8  ? 8.821   7.845   -0.259  1.00 22.65 ? 8   U   A OP1   1 
ATOM   152 O OP2   . U   A 1 8  ? 7.019   6.011   0.025   1.00 22.96 ? 8   U   A OP2   1 
ATOM   153 O "O5'" . U   A 1 8  ? 6.557   7.947   -1.390  1.00 25.13 ? 8   U   A "O5'" 1 
ATOM   154 C "C5'" . U   A 1 8  ? 6.873   9.143   -2.143  1.00 27.39 ? 8   U   A "C5'" 1 
ATOM   155 C "C4'" . U   A 1 8  ? 5.598   9.757   -2.687  1.00 25.54 ? 8   U   A "C4'" 1 
ATOM   156 O "O4'" . U   A 1 8  ? 4.977   8.883   -3.683  1.00 26.87 ? 8   U   A "O4'" 1 
ATOM   157 C "C3'" . U   A 1 8  ? 4.485   9.979   -1.677  1.00 25.86 ? 8   U   A "C3'" 1 
ATOM   158 O "O3'" . U   A 1 8  ? 4.733   11.093  -0.789  1.00 26.95 ? 8   U   A "O3'" 1 
ATOM   159 C "C2'" . U   A 1 8  ? 3.291   10.155  -2.605  1.00 24.70 ? 8   U   A "C2'" 1 
ATOM   160 O "O2'" . U   A 1 8  ? 3.243   11.425  -3.204  1.00 25.11 ? 8   U   A "O2'" 1 
ATOM   161 C "C1'" . U   A 1 8  ? 3.561   9.088   -3.668  1.00 24.73 ? 8   U   A "C1'" 1 
ATOM   162 N N1    . U   A 1 8  ? 2.869   7.811   -3.387  1.00 21.47 ? 8   U   A N1    1 
ATOM   163 C C2    . U   A 1 8  ? 1.611   7.607   -3.940  1.00 21.60 ? 8   U   A C2    1 
ATOM   164 O O2    . U   A 1 8  ? 1.056   8.430   -4.646  1.00 20.44 ? 8   U   A O2    1 
ATOM   165 N N3    . U   A 1 8  ? 1.017   6.416   -3.601  1.00 21.93 ? 8   U   A N3    1 
ATOM   166 C C4    . U   A 1 8  ? 1.536   5.425   -2.782  1.00 23.71 ? 8   U   A C4    1 
ATOM   167 O O4    . U   A 1 8  ? 0.881   4.401   -2.575  1.00 25.51 ? 8   U   A O4    1 
ATOM   168 C C5    . U   A 1 8  ? 2.844   5.705   -2.268  1.00 20.22 ? 8   U   A C5    1 
ATOM   169 C C6    . U   A 1 8  ? 3.427   6.879   -2.539  1.00 20.93 ? 8   U   A C6    1 
ATOM   170 P P     . A   A 1 9  ? 4.001   11.198  0.627   1.00 30.11 ? 9   A   A P     1 
ATOM   171 O OP1   . A   A 1 9  ? 4.420   12.476  1.295   1.00 26.32 ? 9   A   A OP1   1 
ATOM   172 O OP2   . A   A 1 9  ? 4.180   9.911   1.343   1.00 25.46 ? 9   A   A OP2   1 
ATOM   173 O "O5'" . A   A 1 9  ? 2.450   11.280  0.241   1.00 25.80 ? 9   A   A "O5'" 1 
ATOM   174 C "C5'" . A   A 1 9  ? 1.900   12.526  -0.268  1.00 24.27 ? 9   A   A "C5'" 1 
ATOM   175 C "C4'" . A   A 1 9  ? 0.449   12.388  -0.679  1.00 22.93 ? 9   A   A "C4'" 1 
ATOM   176 O "O4'" . A   A 1 9  ? 0.297   11.342  -1.666  1.00 24.49 ? 9   A   A "O4'" 1 
ATOM   177 C "C3'" . A   A 1 9  ? -0.578  12.026  0.401   1.00 22.49 ? 9   A   A "C3'" 1 
ATOM   178 O "O3'" . A   A 1 9  ? -0.992  13.139  1.201   1.00 24.51 ? 9   A   A "O3'" 1 
ATOM   179 C "C2'" . A   A 1 9  ? -1.735  11.551  -0.468  1.00 24.36 ? 9   A   A "C2'" 1 
ATOM   180 O "O2'" . A   A 1 9  ? -2.422  12.620  -1.091  1.00 22.84 ? 9   A   A "O2'" 1 
ATOM   181 C "C1'" . A   A 1 9  ? -0.993  10.743  -1.536  1.00 22.50 ? 9   A   A "C1'" 1 
ATOM   182 N N9    . A   A 1 9  ? -0.836  9.320   -1.193  1.00 23.95 ? 9   A   A N9    1 
ATOM   183 C C8    . A   A 1 9  ? 0.291   8.671   -0.748  1.00 24.90 ? 9   A   A C8    1 
ATOM   184 N N7    . A   A 1 9  ? 0.116   7.384   -0.544  1.00 23.96 ? 9   A   A N7    1 
ATOM   185 C C5    . A   A 1 9  ? -1.224  7.178   -0.844  1.00 22.50 ? 9   A   A C5    1 
ATOM   186 C C6    . A   A 1 9  ? -2.039  6.026   -0.819  1.00 20.77 ? 9   A   A C6    1 
ATOM   187 N N6    . A   A 1 9  ? -1.607  4.816   -0.457  1.00 20.18 ? 9   A   A N6    1 
ATOM   188 N N1    . A   A 1 9  ? -3.336  6.170   -1.160  1.00 19.91 ? 9   A   A N1    1 
ATOM   189 C C2    . A   A 1 9  ? -3.763  7.369   -1.560  1.00 20.13 ? 9   A   A C2    1 
ATOM   190 N N3    . A   A 1 9  ? -3.097  8.523   -1.634  1.00 22.82 ? 9   A   A N3    1 
ATOM   191 C C4    . A   A 1 9  ? -1.825  8.363   -1.237  1.00 21.80 ? 9   A   A C4    1 
ATOM   192 P P     . A   A 1 10 ? -1.458  12.976  2.762   1.00 24.69 ? 10  A   A P     1 
ATOM   193 O OP1   . A   A 1 10 ? -1.657  14.343  3.308   1.00 27.40 ? 10  A   A OP1   1 
ATOM   194 O OP2   . A   A 1 10 ? -0.536  12.021  3.457   1.00 24.36 ? 10  A   A OP2   1 
ATOM   195 O "O5'" . A   A 1 10 ? -2.934  12.377  2.670   1.00 23.50 ? 10  A   A "O5'" 1 
ATOM   196 C "C5'" . A   A 1 10 ? -3.952  13.144  1.994   1.00 24.91 ? 10  A   A "C5'" 1 
ATOM   197 C "C4'" . A   A 1 10 ? -5.234  12.366  1.895   1.00 22.69 ? 10  A   A "C4'" 1 
ATOM   198 O "O4'" . A   A 1 10 ? -5.106  11.273  0.937   1.00 21.69 ? 10  A   A "O4'" 1 
ATOM   199 C "C3'" . A   A 1 10 ? -5.681  11.676  3.178   1.00 25.00 ? 10  A   A "C3'" 1 
ATOM   200 O "O3'" . A   A 1 10 ? -6.291  12.571  4.091   1.00 30.50 ? 10  A   A "O3'" 1 
ATOM   201 C "C2'" . A   A 1 10 ? -6.626  10.625  2.631   1.00 24.81 ? 10  A   A "C2'" 1 
ATOM   202 O "O2'" . A   A 1 10 ? -7.881  11.170  2.301   1.00 29.55 ? 10  A   A "O2'" 1 
ATOM   203 C "C1'" . A   A 1 10 ? -5.840  10.152  1.405   1.00 21.97 ? 10  A   A "C1'" 1 
ATOM   204 N N9    . A   A 1 10 ? -4.906  9.066   1.715   1.00 22.62 ? 10  A   A N9    1 
ATOM   205 C C8    . A   A 1 10 ? -3.569  9.111   2.042   1.00 24.82 ? 10  A   A C8    1 
ATOM   206 N N7    . A   A 1 10 ? -3.037  7.932   2.254   1.00 24.02 ? 10  A   A N7    1 
ATOM   207 C C5    . A   A 1 10 ? -4.094  7.051   2.063   1.00 23.63 ? 10  A   A C5    1 
ATOM   208 C C6    . A   A 1 10 ? -4.191  5.646   2.150   1.00 25.76 ? 10  A   A C6    1 
ATOM   209 N N6    . A   A 1 10 ? -3.164  4.847   2.450   1.00 25.98 ? 10  A   A N6    1 
ATOM   210 N N1    . A   A 1 10 ? -5.388  5.083   1.884   1.00 24.94 ? 10  A   A N1    1 
ATOM   211 C C2    . A   A 1 10 ? -6.421  5.881   1.576   1.00 23.06 ? 10  A   A C2    1 
ATOM   212 N N3    . A   A 1 10 ? -6.465  7.210   1.504   1.00 21.26 ? 10  A   A N3    1 
ATOM   213 C C4    . A   A 1 10 ? -5.250  7.738   1.738   1.00 21.74 ? 10  A   A C4    1 
ATOM   214 P P     . G   A 1 11 ? -6.352  12.203  5.651   1.00 33.39 ? 11  G   A P     1 
ATOM   215 O OP1   . G   A 1 11 ? -7.023  13.368  6.365   1.00 32.83 ? 11  G   A OP1   1 
ATOM   216 O OP2   . G   A 1 11 ? -4.961  11.856  6.117   1.00 33.71 ? 11  G   A OP2   1 
ATOM   217 O "O5'" . G   A 1 11 ? -7.233  10.861  5.738   1.00 32.88 ? 11  G   A "O5'" 1 
ATOM   218 C "C5'" . G   A 1 11 ? -8.657  10.940  5.527   1.00 34.65 ? 11  G   A "C5'" 1 
ATOM   219 C "C4'" . G   A 1 11 ? -9.266  9.558   5.514   1.00 31.60 ? 11  G   A "C4'" 1 
ATOM   220 O "O4'" . G   A 1 11 ? -8.604  8.679   4.559   1.00 27.45 ? 11  G   A "O4'" 1 
ATOM   221 C "C3'" . G   A 1 11 ? -9.170  8.765   6.820   1.00 32.35 ? 11  G   A "C3'" 1 
ATOM   222 O "O3'" . G   A 1 11 ? -10.011 9.243   7.866   1.00 34.81 ? 11  G   A "O3'" 1 
ATOM   223 C "C2'" . G   A 1 11 ? -9.553  7.389   6.279   1.00 30.35 ? 11  G   A "C2'" 1 
ATOM   224 O "O2'" . G   A 1 11 ? -10.928 7.326   5.945   1.00 30.66 ? 11  G   A "O2'" 1 
ATOM   225 C "C1'" . G   A 1 11 ? -8.685  7.346   5.019   1.00 27.90 ? 11  G   A "C1'" 1 
ATOM   226 N N9    . G   A 1 11 ? -7.331  6.837   5.221   1.00 25.67 ? 11  G   A N9    1 
ATOM   227 C C8    . G   A 1 11 ? -6.186  7.584   5.381   1.00 23.13 ? 11  G   A C8    1 
ATOM   228 N N7    . G   A 1 11 ? -5.105  6.852   5.516   1.00 23.79 ? 11  G   A N7    1 
ATOM   229 C C5    . G   A 1 11 ? -5.559  5.540   5.453   1.00 23.06 ? 11  G   A C5    1 
ATOM   230 C C6    . G   A 1 11 ? -4.845  4.321   5.535   1.00 21.97 ? 11  G   A C6    1 
ATOM   231 O O6    . G   A 1 11 ? -3.630  4.140   5.706   1.00 21.51 ? 11  G   A O6    1 
ATOM   232 N N1    . G   A 1 11 ? -5.701  3.228   5.401   1.00 25.66 ? 11  G   A N1    1 
ATOM   233 C C2    . G   A 1 11 ? -7.061  3.293   5.211   1.00 23.46 ? 11  G   A C2    1 
ATOM   234 N N2    . G   A 1 11 ? -7.725  2.131   5.126   1.00 23.81 ? 11  G   A N2    1 
ATOM   235 N N3    . G   A 1 11 ? -7.734  4.440   5.135   1.00 24.09 ? 11  G   A N3    1 
ATOM   236 C C4    . G   A 1 11 ? -6.927  5.518   5.258   1.00 24.62 ? 11  G   A C4    1 
ATOM   237 P P     . U   A 1 12 ? -9.628  8.932   9.389   1.00 37.03 ? 12  U   A P     1 
ATOM   238 O OP1   . U   A 1 12 ? -10.625 9.616   10.270  1.00 35.99 ? 12  U   A OP1   1 
ATOM   239 O OP2   . U   A 1 12 ? -8.168  9.184   9.572   1.00 36.43 ? 12  U   A OP2   1 
ATOM   240 O "O5'" . U   A 1 12 ? -9.830  7.362   9.511   1.00 34.49 ? 12  U   A "O5'" 1 
ATOM   241 C "C5'" . U   A 1 12 ? -11.128 6.765   9.373   1.00 32.74 ? 12  U   A "C5'" 1 
ATOM   242 C "C4'" . U   A 1 12 ? -11.043 5.262   9.505   1.00 32.06 ? 12  U   A "C4'" 1 
ATOM   243 O "O4'" . U   A 1 12 ? -10.231 4.689   8.443   1.00 31.46 ? 12  U   A "O4'" 1 
ATOM   244 C "C3'" . U   A 1 12 ? -10.419 4.711   10.779  1.00 30.51 ? 12  U   A "C3'" 1 
ATOM   245 O "O3'" . U   A 1 12 ? -11.361 4.766   11.855  1.00 29.88 ? 12  U   A "O3'" 1 
ATOM   246 C "C2'" . U   A 1 12 ? -10.094 3.284   10.342  1.00 29.19 ? 12  U   A "C2'" 1 
ATOM   247 O "O2'" . U   A 1 12 ? -11.188 2.399   10.219  1.00 28.57 ? 12  U   A "O2'" 1 
ATOM   248 C "C1'" . U   A 1 12 ? -9.581  3.516   8.923   1.00 28.88 ? 12  U   A "C1'" 1 
ATOM   249 N N1    . U   A 1 12 ? -8.129  3.736   8.872   1.00 26.55 ? 12  U   A N1    1 
ATOM   250 C C2    . U   A 1 12 ? -7.303  2.630   8.819   1.00 26.68 ? 12  U   A C2    1 
ATOM   251 O O2    . U   A 1 12 ? -7.724  1.491   8.794   1.00 31.72 ? 12  U   A O2    1 
ATOM   252 N N3    . U   A 1 12 ? -5.963  2.913   8.790   1.00 27.22 ? 12  U   A N3    1 
ATOM   253 C C4    . U   A 1 12 ? -5.372  4.157   8.808   1.00 25.74 ? 12  U   A C4    1 
ATOM   254 O O4    . U   A 1 12 ? -4.146  4.246   8.757   1.00 26.43 ? 12  U   A O4    1 
ATOM   255 C C5    . U   A 1 12 ? -6.289  5.247   8.900   1.00 26.78 ? 12  U   A C5    1 
ATOM   256 C C6    . U   A 1 12 ? -7.603  5.005   8.947   1.00 27.90 ? 12  U   A C6    1 
ATOM   257 P P     . C   A 1 13 ? -10.850 4.786   13.388  1.00 33.13 ? 13  C   A P     1 
ATOM   258 O OP1   . C   A 1 13 ? -12.039 4.720   14.251  1.00 32.40 ? 13  C   A OP1   1 
ATOM   259 O OP2   . C   A 1 13 ? -9.873  5.891   13.543  1.00 32.53 ? 13  C   A OP2   1 
ATOM   260 O "O5'" . C   A 1 13 ? -10.087 3.386   13.520  1.00 28.02 ? 13  C   A "O5'" 1 
ATOM   261 C "C5'" . C   A 1 13 ? -10.868 2.177   13.637  1.00 26.69 ? 13  C   A "C5'" 1 
ATOM   262 C "C4'" . C   A 1 13 ? -10.013 0.924   13.560  1.00 27.88 ? 13  C   A "C4'" 1 
ATOM   263 O "O4'" . C   A 1 13 ? -9.193  0.922   12.356  1.00 26.73 ? 13  C   A "O4'" 1 
ATOM   264 C "C3'" . C   A 1 13 ? -9.004  0.717   14.676  1.00 27.05 ? 13  C   A "C3'" 1 
ATOM   265 O "O3'" . C   A 1 13 ? -9.560  0.211   15.877  1.00 33.13 ? 13  C   A "O3'" 1 
ATOM   266 C "C2'" . C   A 1 13 ? -8.040  -0.273  14.040  1.00 27.46 ? 13  C   A "C2'" 1 
ATOM   267 O "O2'" . C   A 1 13 ? -8.512  -1.580  13.829  1.00 26.78 ? 13  C   A "O2'" 1 
ATOM   268 C "C1'" . C   A 1 13 ? -7.934  0.300   12.636  1.00 27.30 ? 13  C   A "C1'" 1 
ATOM   269 N N1    . C   A 1 13 ? -6.837  1.279   12.489  1.00 23.88 ? 13  C   A N1    1 
ATOM   270 C C2    . C   A 1 13 ? -5.532  0.796   12.283  1.00 21.14 ? 13  C   A C2    1 
ATOM   271 O O2    . C   A 1 13 ? -5.333  -0.426  12.313  1.00 22.13 ? 13  C   A O2    1 
ATOM   272 N N3    . C   A 1 13 ? -4.520  1.678   12.109  1.00 21.52 ? 13  C   A N3    1 
ATOM   273 C C4    . C   A 1 13 ? -4.767  2.990   12.130  1.00 20.65 ? 13  C   A C4    1 
ATOM   274 N N4    . C   A 1 13 ? -3.735  3.820   11.973  1.00 20.66 ? 13  C   A N4    1 
ATOM   275 C C5    . C   A 1 13 ? -6.082  3.508   12.325  1.00 23.33 ? 13  C   A C5    1 
ATOM   276 C C6    . C   A 1 13 ? -7.077  2.625   12.509  1.00 23.98 ? 13  C   A C6    1 
ATOM   277 P P     . G   A 1 14 ? -8.958  0.707   17.244  1.00 31.02 ? 14  G   A P     1 
ATOM   278 O OP1   . G   A 1 14 ? -9.864  0.247   18.405  1.00 35.41 ? 14  G   A OP1   1 
ATOM   279 O OP2   . G   A 1 14 ? -8.740  2.204   17.138  1.00 31.85 ? 14  G   A OP2   1 
ATOM   280 O "O5'" . G   A 1 14 ? -7.523  0.013   17.350  1.00 27.87 ? 14  G   A "O5'" 1 
ATOM   281 C "C5'" . G   A 1 14 ? -7.449  -1.445  17.318  1.00 25.88 ? 14  G   A "C5'" 1 
ATOM   282 C "C4'" . G   A 1 14 ? -6.015  -1.900  17.264  1.00 25.57 ? 14  G   A "C4'" 1 
ATOM   283 O "O4'" . G   A 1 14 ? -5.392  -1.425  16.038  1.00 24.88 ? 14  G   A "O4'" 1 
ATOM   284 C "C3'" . G   A 1 14 ? -5.072  -1.384  18.355  1.00 27.53 ? 14  G   A "C3'" 1 
ATOM   285 O "O3'" . G   A 1 14 ? -5.261  -2.004  19.625  1.00 29.60 ? 14  G   A "O3'" 1 
ATOM   286 C "C2'" . G   A 1 14 ? -3.732  -1.713  17.702  1.00 27.07 ? 14  G   A "C2'" 1 
ATOM   287 O "O2'" . G   A 1 14 ? -3.447  -3.098  17.780  1.00 29.15 ? 14  G   A "O2'" 1 
ATOM   288 C "C1'" . G   A 1 14 ? -4.005  -1.299  16.254  1.00 26.74 ? 14  G   A "C1'" 1 
ATOM   289 N N9    . G   A 1 14 ? -3.589  0.062   15.923  1.00 22.82 ? 14  G   A N9    1 
ATOM   290 C C8    . G   A 1 14 ? -4.345  1.202   15.811  1.00 22.10 ? 14  G   A C8    1 
ATOM   291 N N7    . G   A 1 14 ? -3.645  2.253   15.447  1.00 22.52 ? 14  G   A N7    1 
ATOM   292 C C5    . G   A 1 14 ? -2.348  1.758   15.305  1.00 21.66 ? 14  G   A C5    1 
ATOM   293 C C6    . G   A 1 14 ? -1.152  2.420   14.946  1.00 21.64 ? 14  G   A C6    1 
ATOM   294 O O6    . G   A 1 14 ? -1.008  3.619   14.666  1.00 26.31 ? 14  G   A O6    1 
ATOM   295 N N1    . G   A 1 14 ? -0.052  1.553   14.965  1.00 20.15 ? 14  G   A N1    1 
ATOM   296 C C2    . G   A 1 14 ? -0.104  0.198   15.219  1.00 21.21 ? 14  G   A C2    1 
ATOM   297 N N2    . G   A 1 14 ? 1.056   -0.491  15.215  1.00 20.39 ? 14  G   A N2    1 
ATOM   298 N N3    . G   A 1 14 ? -1.227  -0.420  15.577  1.00 20.40 ? 14  G   A N3    1 
ATOM   299 C C4    . G   A 1 14 ? -2.300  0.419   15.598  1.00 21.72 ? 14  G   A C4    1 
HETATM 300 O "O5'" . LCC B 1 1  ? 8.912   15.024  14.716  1.00 32.98 ? 1   LCC B "O5'" 1 
HETATM 301 C "C5'" . LCC B 1 1  ? 10.064  14.480  15.281  1.00 33.96 ? 1   LCC B "C5'" 1 
HETATM 302 C "C4'" . LCC B 1 1  ? 9.550   13.251  15.983  1.00 35.42 ? 1   LCC B "C4'" 1 
HETATM 303 O "O4'" . LCC B 1 1  ? 8.600   13.497  17.050  1.00 33.52 ? 1   LCC B "O4'" 1 
HETATM 304 C "C1'" . LCC B 1 1  ? 8.024   12.175  17.265  1.00 31.68 ? 1   LCC B "C1'" 1 
HETATM 305 N N1    . LCC B 1 1  ? 6.543   12.078  17.201  1.00 28.68 ? 1   LCC B N1    1 
HETATM 306 C C6    . LCC B 1 1  ? 5.760   13.039  16.536  1.00 29.44 ? 1   LCC B C6    1 
HETATM 307 C C5    . LCC B 1 1  ? 4.386   12.896  16.525  1.00 31.60 ? 1   LCC B C5    1 
HETATM 308 C C5M   . LCC B 1 1  ? 3.536   13.806  15.860  1.00 33.78 ? 1   LCC B C5M   1 
HETATM 309 C C4    . LCC B 1 1  ? 3.828   11.785  17.120  1.00 30.63 ? 1   LCC B C4    1 
HETATM 310 N N4    . LCC B 1 1  ? 2.492   11.703  17.043  1.00 34.46 ? 1   LCC B N4    1 
HETATM 311 N N3    . LCC B 1 1  ? 4.590   10.888  17.737  1.00 28.46 ? 1   LCC B N3    1 
HETATM 312 C C2    . LCC B 1 1  ? 5.936   11.043  17.767  1.00 26.35 ? 1   LCC B C2    1 
HETATM 313 O O2    . LCC B 1 1  ? 6.628   10.202  18.310  1.00 24.56 ? 1   LCC B O2    1 
HETATM 314 C "C3'" . LCC B 1 1  ? 8.804   12.265  15.050  1.00 33.56 ? 1   LCC B "C3'" 1 
HETATM 315 C "C2'" . LCC B 1 1  ? 8.715   11.336  16.182  1.00 34.40 ? 1   LCC B "C2'" 1 
HETATM 316 O "O2'" . LCC B 1 1  ? 10.097  11.182  16.657  1.00 34.58 ? 1   LCC B "O2'" 1 
HETATM 317 O "O3'" . LCC B 1 1  ? 9.701   11.843  13.976  1.00 34.10 ? 1   LCC B "O3'" 1 
HETATM 318 C "C6'" . LCC B 1 1  ? 10.750  12.466  16.519  1.00 33.62 ? 1   LCC B "C6'" 1 
HETATM 319 P P     . TLN B 1 2  ? 9.264   10.759  12.849  1.00 33.23 ? 2   TLN B P     1 
HETATM 320 O OP1   . TLN B 1 2  ? 10.372  10.702  11.886  1.00 29.25 ? 2   TLN B OP1   1 
HETATM 321 O OP2   . TLN B 1 2  ? 7.932   11.094  12.358  1.00 32.09 ? 2   TLN B OP2   1 
HETATM 322 O "O5'" . TLN B 1 2  ? 9.149   9.375   13.695  1.00 32.20 ? 2   TLN B "O5'" 1 
HETATM 323 C "C5'" . TLN B 1 2  ? 10.291  8.582   14.030  1.00 33.06 ? 2   TLN B "C5'" 1 
HETATM 324 C "C4'" . TLN B 1 2  ? 9.702   7.306   14.625  1.00 28.66 ? 2   TLN B "C4'" 1 
HETATM 325 O "O4'" . TLN B 1 2  ? 8.787   7.580   15.723  1.00 29.11 ? 2   TLN B "O4'" 1 
HETATM 326 C "C1'" . TLN B 1 2  ? 7.988   6.399   15.951  1.00 27.69 ? 2   TLN B "C1'" 1 
HETATM 327 N N1    . TLN B 1 2  ? 6.546   6.732   15.869  1.00 25.31 ? 2   TLN B N1    1 
HETATM 328 C C6    . TLN B 1 2  ? 6.172   7.959   15.233  1.00 26.51 ? 2   TLN B C6    1 
HETATM 329 C C5    . TLN B 1 2  ? 4.839   8.351   15.126  1.00 25.62 ? 2   TLN B C5    1 
HETATM 330 C C5M   . TLN B 1 2  ? 4.560   9.564   14.461  1.00 26.02 ? 2   TLN B C5M   1 
HETATM 331 C C4    . TLN B 1 2  ? 3.860   7.503   15.690  1.00 26.07 ? 2   TLN B C4    1 
HETATM 332 O O4    . TLN B 1 2  ? 2.637   7.694   15.649  1.00 27.24 ? 2   TLN B O4    1 
HETATM 333 N N3    . TLN B 1 2  ? 4.239   6.335   16.273  1.00 22.22 ? 2   TLN B N3    1 
HETATM 334 C C2    . TLN B 1 2  ? 5.579   5.952   16.392  1.00 24.42 ? 2   TLN B C2    1 
HETATM 335 O O2    . TLN B 1 2  ? 5.787   4.876   16.935  1.00 21.15 ? 2   TLN B O2    1 
HETATM 336 C "C3'" . TLN B 1 2  ? 8.838   6.495   13.754  1.00 28.16 ? 2   TLN B "C3'" 1 
HETATM 337 C "C2'" . TLN B 1 2  ? 8.511   5.509   14.844  1.00 26.01 ? 2   TLN B "C2'" 1 
HETATM 338 O "O2'" . TLN B 1 2  ? 9.806   5.137   15.361  1.00 29.00 ? 2   TLN B "O2'" 1 
HETATM 339 O "O3'" . TLN B 1 2  ? 9.564   5.832   12.632  1.00 28.56 ? 2   TLN B "O3'" 1 
HETATM 340 C "C6'" . TLN B 1 2  ? 10.752  6.306   15.025  1.00 29.17 ? 2   TLN B "C6'" 1 
HETATM 341 O "O5'" . LCC B 1 3  ? 8.231   3.844   11.988  1.00 25.56 ? 3   LCC B "O5'" 1 
HETATM 342 C "C5'" . LCC B 1 3  ? 9.058   2.899   12.668  1.00 23.27 ? 3   LCC B "C5'" 1 
HETATM 343 C "C4'" . LCC B 1 3  ? 8.084   1.856   13.206  1.00 22.89 ? 3   LCC B "C4'" 1 
HETATM 344 O "O4'" . LCC B 1 3  ? 7.237   2.530   14.180  1.00 24.38 ? 3   LCC B "O4'" 1 
HETATM 345 C "C1'" . LCC B 1 3  ? 6.050   1.723   14.291  1.00 23.50 ? 3   LCC B "C1'" 1 
HETATM 346 N N1    . LCC B 1 3  ? 4.832   2.581   13.962  1.00 21.99 ? 3   LCC B N1    1 
HETATM 347 C C6    . LCC B 1 3  ? 4.926   3.854   13.398  1.00 22.32 ? 3   LCC B C6    1 
HETATM 348 C C5    . LCC B 1 3  ? 3.769   4.578   13.132  1.00 21.35 ? 3   LCC B C5    1 
HETATM 349 C C5M   . LCC B 1 3  ? 3.858   5.878   12.548  1.00 21.28 ? 3   LCC B C5M   1 
HETATM 350 C C4    . LCC B 1 3  ? 2.535   4.005   13.507  1.00 23.76 ? 3   LCC B C4    1 
HETATM 351 N N4    . LCC B 1 3  ? 1.403   4.653   13.317  1.00 21.86 ? 3   LCC B N4    1 
HETATM 352 N N3    . LCC B 1 3  ? 2.471   2.794   14.026  1.00 22.41 ? 3   LCC B N3    1 
HETATM 353 C C2    . LCC B 1 3  ? 3.584   2.095   14.252  1.00 24.11 ? 3   LCC B C2    1 
HETATM 354 O O2    . LCC B 1 3  ? 3.423   0.981   14.761  1.00 23.78 ? 3   LCC B O2    1 
HETATM 355 C "C3'" . LCC B 1 3  ? 7.159   1.256   12.258  1.00 23.88 ? 3   LCC B "C3'" 1 
HETATM 356 C "C2'" . LCC B 1 3  ? 6.420   0.551   13.408  1.00 23.08 ? 3   LCC B "C2'" 1 
HETATM 357 O "O2'" . LCC B 1 3  ? 7.479   -0.192  14.055  1.00 25.42 ? 3   LCC B "O2'" 1 
HETATM 358 O "O3'" . LCC B 1 3  ? 7.791   0.296   11.230  1.00 23.05 ? 3   LCC B "O3'" 1 
HETATM 359 C "C6'" . LCC B 1 3  ? 8.767   0.613   13.778  1.00 24.11 ? 3   LCC B "C6'" 1 
HETATM 360 P P     . LCC B 1 3  ? 8.720   5.231   11.422  1.00 25.65 ? 3   LCC B P     1 
HETATM 361 O O1P   . LCC B 1 3  ? 7.547   6.072   11.118  1.00 23.16 ? 3   LCC B O1P   1 
HETATM 362 O OXT   . LCC B 1 3  ? 9.800   5.146   10.435  1.00 23.00 ? 3   LCC B OXT   1 
HETATM 363 P P     . LCG B 1 4  ? 7.114   0.093   9.774   1.00 24.87 ? 4   LCG B P     1 
HETATM 364 O OP1   . LCG B 1 4  ? 8.106   -0.577  8.871   1.00 23.45 ? 4   LCG B OP1   1 
HETATM 365 O "O5'" . LCG B 1 4  ? 5.895   -0.944  10.082  1.00 22.76 ? 4   LCG B "O5'" 1 
HETATM 366 C "C5'" . LCG B 1 4  ? 5.919   -2.095  10.932  1.00 20.53 ? 4   LCG B "C5'" 1 
HETATM 367 C "C3'" . LCG B 1 4  ? 3.554   -2.423  9.851   1.00 21.89 ? 4   LCG B "C3'" 1 
HETATM 368 C "C6'" . LCG B 1 4  ? 4.348   -3.897  11.542  1.00 23.38 ? 4   LCG B "C6'" 1 
HETATM 369 N N9    . LCG B 1 4  ? 1.838   -0.554  11.556  1.00 21.81 ? 4   LCG B N9    1 
HETATM 370 C C8    . LCG B 1 4  ? 2.455   0.590   11.252  1.00 22.19 ? 4   LCG B C8    1 
HETATM 371 C C4    . LCG B 1 4  ? 0.569   -0.327  11.702  1.00 22.36 ? 4   LCG B C4    1 
HETATM 372 N N7    . LCG B 1 4  ? 1.546   1.541   11.198  1.00 23.92 ? 4   LCG B N7    1 
HETATM 373 C C5    . LCG B 1 4  ? 0.372   0.966   11.480  1.00 22.18 ? 4   LCG B C5    1 
HETATM 374 C C6    . LCG B 1 4  ? -0.851  1.439   11.549  1.00 20.71 ? 4   LCG B C6    1 
HETATM 375 C "C2'" . LCG B 1 4  ? 2.405   -2.882  10.639  1.00 22.74 ? 4   LCG B "C2'" 1 
HETATM 376 O O6    . LCG B 1 4  ? -1.072  2.620   11.333  1.00 21.44 ? 4   LCG B O6    1 
HETATM 377 C "C4'" . LCG B 1 4  ? 4.455   -2.486  11.123  1.00 22.73 ? 4   LCG B "C4'" 1 
HETATM 378 C "C1'" . LCG B 1 4  ? 2.362   -1.934  11.825  1.00 22.80 ? 4   LCG B "C1'" 1 
HETATM 379 C C2    . LCG B 1 4  ? -1.670  -0.745  12.088  1.00 22.52 ? 4   LCG B C2    1 
HETATM 380 N N1    . LCG B 1 4  ? -1.907  0.602   11.842  1.00 20.92 ? 4   LCG B N1    1 
HETATM 381 O "O4'" . LCG B 1 4  ? 3.745   -1.784  12.185  1.00 23.44 ? 4   LCG B "O4'" 1 
HETATM 382 O OP2   . LCG B 1 4  ? 6.574   1.392   9.346   1.00 20.04 ? 4   LCG B OP2   1 
HETATM 383 N N2    . LCG B 1 4  ? -2.665  -1.587  12.365  1.00 20.54 ? 4   LCG B N2    1 
HETATM 384 N N3    . LCG B 1 4  ? -0.423  -1.178  12.029  1.00 19.76 ? 4   LCG B N3    1 
HETATM 385 O "O2'" . LCG B 1 4  ? 2.904   -4.136  11.153  1.00 24.58 ? 4   LCG B "O2'" 1 
HETATM 386 O "O3'" . LCG B 1 4  ? 3.856   -3.380  8.786   1.00 21.77 ? 4   LCG B "O3'" 1 
ATOM   387 P P     . A   B 1 5  ? 3.364   -3.138  7.258   1.00 23.60 ? 5   A   B P     1 
ATOM   388 O OP1   . A   B 1 5  ? 4.116   -4.062  6.371   1.00 19.30 ? 5   A   B OP1   1 
ATOM   389 O OP2   . A   B 1 5  ? 3.386   -1.679  6.978   1.00 22.04 ? 5   A   B OP2   1 
ATOM   390 O "O5'" . A   B 1 5  ? 1.841   -3.618  7.316   1.00 22.72 ? 5   A   B "O5'" 1 
ATOM   391 C "C5'" . A   B 1 5  ? 1.538   -4.977  7.659   1.00 23.29 ? 5   A   B "C5'" 1 
ATOM   392 C "C4'" . A   B 1 5  ? 0.064   -5.167  7.961   1.00 22.46 ? 5   A   B "C4'" 1 
ATOM   393 O "O4'" . A   B 1 5  ? -0.335  -4.424  9.153   1.00 22.40 ? 5   A   B "O4'" 1 
ATOM   394 C "C3'" . A   B 1 5  ? -0.901  -4.697  6.878   1.00 21.59 ? 5   A   B "C3'" 1 
ATOM   395 O "O3'" . A   B 1 5  ? -0.960  -5.729  5.888   1.00 24.22 ? 5   A   B "O3'" 1 
ATOM   396 C "C2'" . A   B 1 5  ? -2.177  -4.519  7.693   1.00 21.71 ? 5   A   B "C2'" 1 
ATOM   397 O "O2'" . A   B 1 5  ? -2.805  -5.736  8.054   1.00 21.76 ? 5   A   B "O2'" 1 
ATOM   398 C "C1'" . A   B 1 5  ? -1.619  -3.852  8.947   1.00 21.36 ? 5   A   B "C1'" 1 
ATOM   399 N N9    . A   B 1 5  ? -1.471  -2.412  8.764   1.00 19.64 ? 5   A   B N9    1 
ATOM   400 C C8    . A   B 1 5  ? -0.355  -1.693  8.418   1.00 19.02 ? 5   A   B C8    1 
ATOM   401 N N7    . A   B 1 5  ? -0.569  -0.405  8.316   1.00 21.08 ? 5   A   B N7    1 
ATOM   402 C C5    . A   B 1 5  ? -1.932  -0.275  8.541   1.00 18.78 ? 5   A   B C5    1 
ATOM   403 C C6    . A   B 1 5  ? -2.777  0.844   8.609   1.00 19.56 ? 5   A   B C6    1 
ATOM   404 N N6    . A   B 1 5  ? -2.377  2.092   8.361   1.00 19.10 ? 5   A   B N6    1 
ATOM   405 N N1    . A   B 1 5  ? -4.080  0.630   8.901   1.00 18.17 ? 5   A   B N1    1 
ATOM   406 C C2    . A   B 1 5  ? -4.486  -0.621  9.139   1.00 18.94 ? 5   A   B C2    1 
ATOM   407 N N3    . A   B 1 5  ? -3.789  -1.752  9.108   1.00 18.85 ? 5   A   B N3    1 
ATOM   408 C C4    . A   B 1 5  ? -2.496  -1.503  8.830   1.00 20.45 ? 5   A   B C4    1 
ATOM   409 P P     . C   B 1 6  ? -1.258  -5.408  4.315   1.00 23.67 ? 6   C   B P     1 
ATOM   410 O OP1   . C   B 1 6  ? -0.979  -6.657  3.561   1.00 24.93 ? 6   C   B OP1   1 
ATOM   411 O OP2   . C   B 1 6  ? -0.581  -4.137  3.939   1.00 23.60 ? 6   C   B OP2   1 
ATOM   412 O "O5'" . C   B 1 6  ? -2.811  -5.055  4.308   1.00 26.70 ? 6   C   B "O5'" 1 
ATOM   413 C "C5'" . C   B 1 6  ? -3.839  -5.903  4.828   1.00 27.02 ? 6   C   B "C5'" 1 
ATOM   414 C "C4'" . C   B 1 6  ? -5.111  -5.094  4.985   1.00 29.42 ? 6   C   B "C4'" 1 
ATOM   415 O "O4'" . C   B 1 6  ? -4.937  -4.071  6.013   1.00 30.02 ? 6   C   B "O4'" 1 
ATOM   416 C "C3'" . C   B 1 6  ? -5.550  -4.305  3.761   1.00 28.37 ? 6   C   B "C3'" 1 
ATOM   417 O "O3'" . C   B 1 6  ? -6.125  -5.159  2.764   1.00 31.04 ? 6   C   B "O3'" 1 
ATOM   418 C "C2'" . C   B 1 6  ? -6.447  -3.247  4.390   1.00 29.01 ? 6   C   B "C2'" 1 
ATOM   419 O "O2'" . C   B 1 6  ? -7.736  -3.699  4.717   1.00 33.34 ? 6   C   B "O2'" 1 
ATOM   420 C "C1'" . C   B 1 6  ? -5.684  -2.924  5.675   1.00 29.04 ? 6   C   B "C1'" 1 
ATOM   421 N N1    . C   B 1 6  ? -4.760  -1.777  5.528   1.00 27.93 ? 6   C   B N1    1 
ATOM   422 C C2    . C   B 1 6  ? -5.273  -0.490  5.664   1.00 25.26 ? 6   C   B C2    1 
ATOM   423 O O2    . C   B 1 6  ? -6.487  -0.354  5.906   1.00 24.52 ? 6   C   B O2    1 
ATOM   424 N N3    . C   B 1 6  ? -4.452  0.575   5.485   1.00 23.79 ? 6   C   B N3    1 
ATOM   425 C C4    . C   B 1 6  ? -3.146  0.380   5.267   1.00 25.09 ? 6   C   B C4    1 
ATOM   426 N N4    . C   B 1 6  ? -2.360  1.453   5.138   1.00 24.97 ? 6   C   B N4    1 
ATOM   427 C C5    . C   B 1 6  ? -2.596  -0.928  5.133   1.00 27.21 ? 6   C   B C5    1 
ATOM   428 C C6    . C   B 1 6  ? -3.434  -1.966  5.250   1.00 28.19 ? 6   C   B C6    1 
ATOM   429 P P     . U   B 1 7  ? -6.247  -4.674  1.235   1.00 28.54 ? 7   U   B P     1 
ATOM   430 O OP1   . U   B 1 7  ? -6.966  -5.734  0.470   1.00 33.40 ? 7   U   B OP1   1 
ATOM   431 O OP2   . U   B 1 7  ? -4.912  -4.227  0.755   1.00 28.95 ? 7   U   B OP2   1 
ATOM   432 O "O5'" . U   B 1 7  ? -7.190  -3.393  1.334   1.00 28.59 ? 7   U   B "O5'" 1 
ATOM   433 C "C5'" . U   B 1 7  ? -8.620  -3.518  1.464   1.00 30.65 ? 7   U   B "C5'" 1 
ATOM   434 C "C4'" . U   B 1 7  ? -9.274  -2.156  1.441   1.00 29.76 ? 7   U   B "C4'" 1 
ATOM   435 O "O4'" . U   B 1 7  ? -8.719  -1.308  2.495   1.00 30.01 ? 7   U   B "O4'" 1 
ATOM   436 C "C3'" . U   B 1 7  ? -9.066  -1.340  0.168   1.00 29.34 ? 7   U   B "C3'" 1 
ATOM   437 O "O3'" . U   B 1 7  ? -9.928  -1.692  -0.921  1.00 31.16 ? 7   U   B "O3'" 1 
ATOM   438 C "C2'" . U   B 1 7  ? -9.360  0.060   0.674   1.00 25.73 ? 7   U   B "C2'" 1 
ATOM   439 O "O2'" . U   B 1 7  ? -10.745 0.280   0.918   1.00 25.83 ? 7   U   B "O2'" 1 
ATOM   440 C "C1'" . U   B 1 7  ? -8.671  0.039   2.036   1.00 26.93 ? 7   U   B "C1'" 1 
ATOM   441 N N1    . U   B 1 7  ? -7.280  0.526   2.024   1.00 24.92 ? 7   U   B N1    1 
ATOM   442 C C2    . U   B 1 7  ? -7.091  1.898   1.960   1.00 26.24 ? 7   U   B C2    1 
ATOM   443 O O2    . U   B 1 7  ? -8.016  2.696   1.920   1.00 27.24 ? 7   U   B O2    1 
ATOM   444 N N3    . U   B 1 7  ? -5.781  2.300   1.980   1.00 27.16 ? 7   U   B N3    1 
ATOM   445 C C4    . U   B 1 7  ? -4.662  1.494   2.057   1.00 25.83 ? 7   U   B C4    1 
ATOM   446 O O4    . U   B 1 7  ? -3.546  2.010   2.092   1.00 30.44 ? 7   U   B O4    1 
ATOM   447 C C5    . U   B 1 7  ? -4.943  0.094   2.139   1.00 24.24 ? 7   U   B C5    1 
ATOM   448 C C6    . U   B 1 7  ? -6.209  -0.332  2.098   1.00 25.63 ? 7   U   B C6    1 
ATOM   449 P P     . U   B 1 8  ? -9.440  -1.520  -2.499  1.00 34.79 ? 8   U   B P     1 
ATOM   450 O OP1   . U   B 1 8  ? -10.458 -2.158  -3.333  1.00 27.31 ? 8   U   B OP1   1 
ATOM   451 O OP2   . U   B 1 8  ? -8.055  -2.025  -2.615  1.00 28.11 ? 8   U   B OP2   1 
ATOM   452 O "O5'" . U   B 1 8  ? -9.506  0.061   -2.738  1.00 33.56 ? 8   U   B "O5'" 1 
ATOM   453 C "C5'" . U   B 1 8  ? -10.722 0.827   -2.593  1.00 32.86 ? 8   U   B "C5'" 1 
ATOM   454 C "C4'" . U   B 1 8  ? -10.465 2.327   -2.555  1.00 29.63 ? 8   U   B "C4'" 1 
ATOM   455 O "O4'" . U   B 1 8  ? -9.641  2.677   -1.416  1.00 29.86 ? 8   U   B "O4'" 1 
ATOM   456 C "C3'" . U   B 1 8  ? -9.720  2.942   -3.729  1.00 30.26 ? 8   U   B "C3'" 1 
ATOM   457 O "O3'" . U   B 1 8  ? -10.601 2.996   -4.847  1.00 30.07 ? 8   U   B "O3'" 1 
ATOM   458 C "C2'" . U   B 1 8  ? -9.257  4.268   -3.138  1.00 28.32 ? 8   U   B "C2'" 1 
ATOM   459 O "O2'" . U   B 1 8  ? -10.230 5.305   -3.086  1.00 25.85 ? 8   U   B "O2'" 1 
ATOM   460 C "C1'" . U   B 1 8  ? -8.875  3.842   -1.711  1.00 29.33 ? 8   U   B "C1'" 1 
ATOM   461 N N1    . U   B 1 8  ? -7.450  3.509   -1.534  1.00 27.20 ? 8   U   B N1    1 
ATOM   462 C C2    . U   B 1 8  ? -6.544  4.544   -1.420  1.00 24.21 ? 8   U   B C2    1 
ATOM   463 O O2    . U   B 1 8  ? -6.873  5.720   -1.452  1.00 24.79 ? 8   U   B O2    1 
ATOM   464 N N3    . U   B 1 8  ? -5.237  4.153   -1.266  1.00 21.89 ? 8   U   B N3    1 
ATOM   465 C C4    . U   B 1 8  ? -4.749  2.863   -1.223  1.00 24.34 ? 8   U   B C4    1 
ATOM   466 O O4    . U   B 1 8  ? -3.537  2.676   -1.120  1.00 24.05 ? 8   U   B O4    1 
ATOM   467 C C5    . U   B 1 8  ? -5.743  1.848   -1.383  1.00 25.38 ? 8   U   B C5    1 
ATOM   468 C C6    . U   B 1 8  ? -7.029  2.194   -1.509  1.00 28.03 ? 8   U   B C6    1 
ATOM   469 P P     . A   B 1 9  ? -10.037 2.761   -6.316  1.00 32.05 ? 9   A   B P     1 
ATOM   470 O OP1   . A   B 1 9  ? -11.206 2.725   -7.251  1.00 30.13 ? 9   A   B OP1   1 
ATOM   471 O OP2   . A   B 1 9  ? -9.072  1.656   -6.301  1.00 29.78 ? 9   A   B OP2   1 
ATOM   472 O "O5'" . A   B 1 9  ? -9.087  4.021   -6.532  1.00 26.69 ? 9   A   B "O5'" 1 
ATOM   473 C "C5'" . A   B 1 9  ? -9.653  5.300   -6.816  1.00 30.82 ? 9   A   B "C5'" 1 
ATOM   474 C "C4'" . A   B 1 9  ? -8.556  6.318   -7.000  1.00 29.26 ? 9   A   B "C4'" 1 
ATOM   475 O "O4'" . A   B 1 9  ? -7.879  6.557   -5.736  1.00 30.96 ? 9   A   B "O4'" 1 
ATOM   476 C "C3'" . A   B 1 9  ? -7.413  5.957   -7.945  1.00 29.88 ? 9   A   B "C3'" 1 
ATOM   477 O "O3'" . A   B 1 9  ? -7.776  6.156   -9.311  1.00 27.27 ? 9   A   B "O3'" 1 
ATOM   478 C "C2'" . A   B 1 9  ? -6.369  6.972   -7.510  1.00 28.69 ? 9   A   B "C2'" 1 
ATOM   479 O "O2'" . A   B 1 9  ? -6.815  8.221   -7.965  1.00 25.60 ? 9   A   B "O2'" 1 
ATOM   480 C "C1'" . A   B 1 9  ? -6.540  6.946   -5.988  1.00 28.78 ? 9   A   B "C1'" 1 
ATOM   481 N N9    . A   B 1 9  ? -5.636  5.982   -5.364  1.00 27.78 ? 9   A   B N9    1 
ATOM   482 C C8    . A   B 1 9  ? -5.843  4.653   -5.088  1.00 26.71 ? 9   A   B C8    1 
ATOM   483 N N7    . A   B 1 9  ? -4.793  4.048   -4.588  1.00 27.46 ? 9   A   B N7    1 
ATOM   484 C C5    . A   B 1 9  ? -3.816  5.035   -4.578  1.00 25.18 ? 9   A   B C5    1 
ATOM   485 C C6    . A   B 1 9  ? -2.476  5.032   -4.168  1.00 22.41 ? 9   A   B C6    1 
ATOM   486 N N6    . A   B 1 9  ? -1.860  3.964   -3.667  1.00 19.95 ? 9   A   B N6    1 
ATOM   487 N N1    . A   B 1 9  ? -1.782  6.188   -4.280  1.00 23.10 ? 9   A   B N1    1 
ATOM   488 C C2    . A   B 1 9  ? -2.398  7.258   -4.786  1.00 21.90 ? 9   A   B C2    1 
ATOM   489 N N3    . A   B 1 9  ? -3.654  7.385   -5.203  1.00 23.36 ? 9   A   B N3    1 
ATOM   490 C C4    . A   B 1 9  ? -4.320  6.227   -5.062  1.00 25.98 ? 9   A   B C4    1 
ATOM   491 P P     . A   B 1 10 ? -7.077  5.313   -10.485 1.00 29.12 ? 10  A   B P     1 
ATOM   492 O OP1   . A   B 1 10 ? -7.852  5.549   -11.732 1.00 33.92 ? 10  A   B OP1   1 
ATOM   493 O OP2   . A   B 1 10 ? -6.885  3.924   -10.017 1.00 31.15 ? 10  A   B OP2   1 
ATOM   494 O "O5'" . A   B 1 10 ? -5.635  5.977   -10.632 1.00 29.28 ? 10  A   B "O5'" 1 
ATOM   495 C "C5'" . A   B 1 10 ? -5.508  7.369   -10.967 1.00 28.59 ? 10  A   B "C5'" 1 
ATOM   496 C "C4'" . A   B 1 10 ? -4.071  7.822   -10.840 1.00 30.93 ? 10  A   B "C4'" 1 
ATOM   497 O "O4'" . A   B 1 10 ? -3.675  7.878   -9.427  1.00 27.66 ? 10  A   B "O4'" 1 
ATOM   498 C "C3'" . A   B 1 10 ? -3.004  6.934   -11.485 1.00 31.82 ? 10  A   B "C3'" 1 
ATOM   499 O "O3'" . A   B 1 10 ? -2.931  6.947   -12.921 1.00 38.45 ? 10  A   B "O3'" 1 
ATOM   500 C "C2'" . A   B 1 10 ? -1.760  7.431   -10.747 1.00 30.21 ? 10  A   B "C2'" 1 
ATOM   501 O "O2'" . A   B 1 10 ? -1.298  8.720   -11.096 1.00 34.10 ? 10  A   B "O2'" 1 
ATOM   502 C "C1'" . A   B 1 10 ? -2.294  7.507   -9.317  1.00 28.44 ? 10  A   B "C1'" 1 
ATOM   503 N N9    . A   B 1 10 ? -2.168  6.221   -8.616  1.00 24.45 ? 10  A   B N9    1 
ATOM   504 C C8    . A   B 1 10 ? -3.083  5.206   -8.470  1.00 26.21 ? 10  A   B C8    1 
ATOM   505 N N7    . A   B 1 10 ? -2.635  4.186   -7.774  1.00 26.05 ? 10  A   B N7    1 
ATOM   506 C C5    . A   B 1 10 ? -1.345  4.563   -7.421  1.00 23.08 ? 10  A   B C5    1 
ATOM   507 C C6    . A   B 1 10 ? -0.346  3.927   -6.662  1.00 24.23 ? 10  A   B C6    1 
ATOM   508 N N6    . A   B 1 10 ? -0.496  2.727   -6.101  1.00 24.26 ? 10  A   B N6    1 
ATOM   509 N N1    . A   B 1 10 ? 0.830   4.575   -6.500  1.00 23.67 ? 10  A   B N1    1 
ATOM   510 C C2    . A   B 1 10 ? 0.975   5.789   -7.055  1.00 22.94 ? 10  A   B C2    1 
ATOM   511 N N3    . A   B 1 10 ? 0.116   6.481   -7.801  1.00 22.29 ? 10  A   B N3    1 
ATOM   512 C C4    . A   B 1 10 ? -1.045  5.814   -7.933  1.00 24.38 ? 10  A   B C4    1 
ATOM   513 P P     . G   B 1 11 ? -2.329  5.651   -13.760 1.00 42.30 ? 11  G   B P     1 
ATOM   514 O OP1   . G   B 1 11 ? -2.385  5.930   -15.229 1.00 39.99 ? 11  G   B OP1   1 
ATOM   515 O OP2   . G   B 1 11 ? -2.981  4.364   -13.313 1.00 36.34 ? 11  G   B OP2   1 
ATOM   516 O "O5'" . G   B 1 11 ? -0.784  5.505   -13.260 1.00 38.49 ? 11  G   B "O5'" 1 
ATOM   517 C "C5'" . G   B 1 11 ? 0.215   6.443   -13.720 1.00 32.26 ? 11  G   B "C5'" 1 
ATOM   518 C "C4'" . G   B 1 11 ? 1.503   6.246   -12.954 1.00 31.30 ? 11  G   B "C4'" 1 
ATOM   519 O "O4'" . G   B 1 11 ? 1.236   6.033   -11.544 1.00 28.45 ? 11  G   B "O4'" 1 
ATOM   520 C "C3'" . G   B 1 11 ? 2.359   5.029   -13.318 1.00 29.38 ? 11  G   B "C3'" 1 
ATOM   521 O "O3'" . G   B 1 11 ? 3.001   5.194   -14.577 1.00 28.69 ? 11  G   B "O3'" 1 
ATOM   522 C "C2'" . G   B 1 11 ? 3.287   5.010   -12.106 1.00 27.20 ? 11  G   B "C2'" 1 
ATOM   523 O "O2'" . G   B 1 11 ? 4.223   6.071   -12.072 1.00 24.67 ? 11  G   B "O2'" 1 
ATOM   524 C "C1'" . G   B 1 11 ? 2.275   5.254   -10.990 1.00 27.91 ? 11  G   B "C1'" 1 
ATOM   525 N N9    . G   B 1 11 ? 1.689   4.051   -10.406 1.00 24.94 ? 11  G   B N9    1 
ATOM   526 C C8    . G   B 1 11 ? 0.405   3.575   -10.525 1.00 25.01 ? 11  G   B C8    1 
ATOM   527 N N7    . G   B 1 11 ? 0.175   2.507   -9.792  1.00 22.32 ? 11  G   B N7    1 
ATOM   528 C C5    . G   B 1 11 ? 1.386   2.273   -9.148  1.00 22.88 ? 11  G   B C5    1 
ATOM   529 C C6    . G   B 1 11 ? 1.756   1.263   -8.237  1.00 22.26 ? 11  G   B C6    1 
ATOM   530 O O6    . G   B 1 11 ? 1.083   0.311   -7.815  1.00 24.18 ? 11  G   B O6    1 
ATOM   531 N N1    . G   B 1 11 ? 3.071   1.418   -7.825  1.00 22.46 ? 11  G   B N1    1 
ATOM   532 C C2    . G   B 1 11 ? 3.933   2.403   -8.234  1.00 22.19 ? 11  G   B C2    1 
ATOM   533 N N2    . G   B 1 11 ? 5.173   2.367   -7.736  1.00 20.43 ? 11  G   B N2    1 
ATOM   534 N N3    . G   B 1 11 ? 3.601   3.347   -9.104  1.00 21.55 ? 11  G   B N3    1 
ATOM   535 C C4    . G   B 1 11 ? 2.316   3.224   -9.507  1.00 24.51 ? 11  G   B C4    1 
ATOM   536 P P     . U   B 1 12 ? 3.510   3.914   -15.377 1.00 32.87 ? 12  U   B P     1 
ATOM   537 O OP1   . U   B 1 12 ? 4.177   4.365   -16.641 1.00 29.64 ? 12  U   B OP1   1 
ATOM   538 O OP2   . U   B 1 12 ? 2.466   2.858   -15.349 1.00 31.40 ? 12  U   B OP2   1 
ATOM   539 O "O5'" . U   B 1 12 ? 4.689   3.369   -14.464 1.00 32.76 ? 12  U   B "O5'" 1 
ATOM   540 C "C5'" . U   B 1 12 ? 6.020   3.934   -14.546 1.00 31.22 ? 12  U   B "C5'" 1 
ATOM   541 C "C4'" . U   B 1 12 ? 6.924   3.142   -13.634 1.00 28.97 ? 12  U   B "C4'" 1 
ATOM   542 O "O4'" . U   B 1 12 ? 6.270   3.013   -12.338 1.00 26.23 ? 12  U   B "O4'" 1 
ATOM   543 C "C3'" . U   B 1 12 ? 7.180   1.697   -14.020 1.00 27.57 ? 12  U   B "C3'" 1 
ATOM   544 O "O3'" . U   B 1 12 ? 8.117   1.557   -15.102 1.00 32.29 ? 12  U   B "O3'" 1 
ATOM   545 C "C2'" . U   B 1 12 ? 7.646   1.139   -12.679 1.00 26.22 ? 12  U   B "C2'" 1 
ATOM   546 O "O2'" . U   B 1 12 ? 8.909   1.665   -12.326 1.00 24.25 ? 12  U   B "O2'" 1 
ATOM   547 C "C1'" . U   B 1 12 ? 6.644   1.786   -11.723 1.00 25.58 ? 12  U   B "C1'" 1 
ATOM   548 N N1    . U   B 1 12 ? 5.420   1.013   -11.435 1.00 22.11 ? 12  U   B N1    1 
ATOM   549 C C2    . U   B 1 12 ? 5.499   0.017   -10.475 1.00 21.95 ? 12  U   B C2    1 
ATOM   550 O O2    . U   B 1 12 ? 6.544   -0.297  -9.929  1.00 21.31 ? 12  U   B O2    1 
ATOM   551 N N3    . U   B 1 12 ? 4.331   -0.671  -10.262 1.00 20.86 ? 12  U   B N3    1 
ATOM   552 C C4    . U   B 1 12 ? 3.100   -0.431  -10.837 1.00 20.10 ? 12  U   B C4    1 
ATOM   553 O O4    . U   B 1 12 ? 2.131   -1.108  -10.495 1.00 20.06 ? 12  U   B O4    1 
ATOM   554 C C5    . U   B 1 12 ? 3.090   0.629   -11.796 1.00 23.58 ? 12  U   B C5    1 
ATOM   555 C C6    . U   B 1 12 ? 4.225   1.299   -12.059 1.00 23.99 ? 12  U   B C6    1 
ATOM   556 P P     . C   B 1 13 ? 8.027   0.265   -16.074 1.00 34.52 ? 13  C   B P     1 
ATOM   557 O OP1   . C   B 1 13 ? 8.983   0.439   -17.210 1.00 36.47 ? 13  C   B OP1   1 
ATOM   558 O OP2   . C   B 1 13 ? 6.623   -0.014  -16.360 1.00 29.00 ? 13  C   B OP2   1 
ATOM   559 O "O5'" . C   B 1 13 ? 8.545   -0.885  -15.103 1.00 30.38 ? 13  C   B "O5'" 1 
ATOM   560 C "C5'" . C   B 1 13 ? 9.879   -0.846  -14.601 1.00 28.03 ? 13  C   B "C5'" 1 
ATOM   561 C "C4'" . C   B 1 13 ? 10.039  -1.864  -13.507 1.00 26.53 ? 13  C   B "C4'" 1 
ATOM   562 O "O4'" . C   B 1 13 ? 9.040   -1.666  -12.451 1.00 25.94 ? 13  C   B "O4'" 1 
ATOM   563 C "C3'" . C   B 1 13 ? 9.857   -3.313  -13.919 1.00 26.36 ? 13  C   B "C3'" 1 
ATOM   564 O "O3'" . C   B 1 13 ? 11.052  -3.786  -14.548 1.00 32.18 ? 13  C   B "O3'" 1 
ATOM   565 C "C2'" . C   B 1 13 ? 9.585   -3.979  -12.577 1.00 24.73 ? 13  C   B "C2'" 1 
ATOM   566 O "O2'" . C   B 1 13 ? 10.713  -4.194  -11.748 1.00 24.73 ? 13  C   B "O2'" 1 
ATOM   567 C "C1'" . C   B 1 13 ? 8.703   -2.934  -11.896 1.00 23.35 ? 13  C   B "C1'" 1 
ATOM   568 N N1    . C   B 1 13 ? 7.259   -3.171  -12.082 1.00 22.91 ? 13  C   B N1    1 
ATOM   569 C C2    . C   B 1 13 ? 6.632   -4.095  -11.245 1.00 20.29 ? 13  C   B C2    1 
ATOM   570 O O2    . C   B 1 13 ? 7.316   -4.697  -10.409 1.00 22.62 ? 13  C   B O2    1 
ATOM   571 N N3    . C   B 1 13 ? 5.296   -4.292  -11.354 1.00 21.99 ? 13  C   B N3    1 
ATOM   572 C C4    . C   B 1 13 ? 4.604   -3.647  -12.298 1.00 24.29 ? 13  C   B C4    1 
ATOM   573 N N4    . C   B 1 13 ? 3.295   -3.881  -12.389 1.00 22.91 ? 13  C   B N4    1 
ATOM   574 C C5    . C   B 1 13 ? 5.222   -2.701  -13.171 1.00 24.51 ? 13  C   B C5    1 
ATOM   575 C C6    . C   B 1 13 ? 6.540   -2.498  -13.028 1.00 22.49 ? 13  C   B C6    1 
ATOM   576 P P     . G   B 1 14 ? 11.005  -5.027  -15.576 1.00 36.77 ? 14  G   B P     1 
ATOM   577 O OP1   . G   B 1 14 ? 12.429  -5.350  -15.984 1.00 33.48 ? 14  G   B OP1   1 
ATOM   578 O OP2   . G   B 1 14 ? 10.035  -4.741  -16.680 1.00 34.85 ? 14  G   B OP2   1 
ATOM   579 O "O5'" . G   B 1 14 ? 10.432  -6.231  -14.703 1.00 31.38 ? 14  G   B "O5'" 1 
ATOM   580 C "C5'" . G   B 1 14 ? 11.365  -6.991  -13.903 1.00 28.39 ? 14  G   B "C5'" 1 
ATOM   581 C "C4'" . G   B 1 14 ? 10.670  -8.212  -13.355 1.00 28.97 ? 14  G   B "C4'" 1 
ATOM   582 O "O4'" . G   B 1 14 ? 9.613   -7.820  -12.451 1.00 26.16 ? 14  G   B "O4'" 1 
ATOM   583 C "C3'" . G   B 1 14 ? 9.962   -9.100  -14.375 1.00 29.29 ? 14  G   B "C3'" 1 
ATOM   584 O "O3'" . G   B 1 14 ? 10.965  -9.843  -15.061 1.00 30.59 ? 14  G   B "O3'" 1 
ATOM   585 C "C2'" . G   B 1 14 ? 9.018   -9.882  -13.460 1.00 30.74 ? 14  G   B "C2'" 1 
ATOM   586 O "O2'" . G   B 1 14 ? 9.657   -11.024 -12.932 1.00 32.87 ? 14  G   B "O2'" 1 
ATOM   587 C "C1'" . G   B 1 14 ? 8.649   -8.842  -12.390 1.00 29.59 ? 14  G   B "C1'" 1 
ATOM   588 N N9    . G   B 1 14 ? 7.337   -8.244  -12.618 1.00 27.64 ? 14  G   B N9    1 
ATOM   589 C C8    . G   B 1 14 ? 7.050   -7.142  -13.382 1.00 25.35 ? 14  G   B C8    1 
ATOM   590 N N7    . G   B 1 14 ? 5.771   -6.866  -13.440 1.00 24.26 ? 14  G   B N7    1 
ATOM   591 C C5    . G   B 1 14 ? 5.170   -7.880  -12.697 1.00 25.95 ? 14  G   B C5    1 
ATOM   592 C C6    . G   B 1 14 ? 3.803   -8.111  -12.397 1.00 24.54 ? 14  G   B C6    1 
ATOM   593 O O6    . G   B 1 14 ? 2.811   -7.468  -12.759 1.00 27.29 ? 14  G   B O6    1 
ATOM   594 N N1    . G   B 1 14 ? 3.642   -9.236  -11.602 1.00 26.47 ? 14  G   B N1    1 
ATOM   595 C C2    . G   B 1 14 ? 4.647   -10.045 -11.149 1.00 26.29 ? 14  G   B C2    1 
ATOM   596 N N2    . G   B 1 14 ? 4.274   -11.076 -10.385 1.00 31.47 ? 14  G   B N2    1 
ATOM   597 N N3    . G   B 1 14 ? 5.935   -9.829  -11.415 1.00 29.13 ? 14  G   B N3    1 
ATOM   598 C C4    . G   B 1 14 ? 6.124   -8.721  -12.169 1.00 25.35 ? 14  G   B C4    1 
HETATM 599 O O36   . G3A C 2 .  ? -0.540  -9.187  -18.638 1.00 49.91 ? 101 G3A A O36   1 
HETATM 600 C C36   . G3A C 2 .  ? -0.195  -10.279 -18.188 1.00 43.02 ? 101 G3A A C36   1 
HETATM 601 N N31   . G3A C 2 .  ? -1.146  -11.098 -17.574 1.00 41.17 ? 101 G3A A N31   1 
HETATM 602 C C32   . G3A C 2 .  ? -0.705  -12.327 -17.062 1.00 42.13 ? 101 G3A A C32   1 
HETATM 603 N N32   . G3A C 2 .  ? -1.549  -13.137 -16.464 1.00 43.30 ? 101 G3A A N32   1 
HETATM 604 N N33   . G3A C 2 .  ? 0.588   -12.665 -17.172 1.00 48.30 ? 101 G3A A N33   1 
HETATM 605 C C35   . G3A C 2 .  ? 1.067   -10.669 -18.300 1.00 41.06 ? 101 G3A A C35   1 
HETATM 606 C C34   . G3A C 2 .  ? 1.457   -11.841 -17.804 1.00 44.20 ? 101 G3A A C34   1 
HETATM 607 N N37   . G3A C 2 .  ? 2.129   -10.054 -18.844 1.00 43.88 ? 101 G3A A N37   1 
HETATM 608 C C38   . G3A C 2 .  ? 3.172   -10.868 -18.705 1.00 46.16 ? 101 G3A A C38   1 
HETATM 609 N N39   . G3A C 2 .  ? 2.754   -11.963 -18.058 1.00 48.52 ? 101 G3A A N39   1 
HETATM 610 C C41   . G3A C 2 .  ? 3.669   -13.036 -17.701 1.00 55.43 ? 101 G3A A C41   1 
HETATM 611 O O44   . G3A C 2 .  ? 4.545   -12.626 -18.801 1.00 62.43 ? 101 G3A A O44   1 
HETATM 612 C C42   . G3A C 2 .  ? 3.419   -14.557 -17.907 1.00 60.15 ? 101 G3A A C42   1 
HETATM 613 O O42   . G3A C 2 .  ? 3.368   -15.307 -16.644 1.00 62.04 ? 101 G3A A O42   1 
HETATM 614 C C43   . G3A C 2 .  ? 4.542   -15.056 -18.817 1.00 61.40 ? 101 G3A A C43   1 
HETATM 615 O O43   . G3A C 2 .  ? 5.412   -15.942 -18.108 1.00 63.13 ? 101 G3A A O43   1 
HETATM 616 C C44   . G3A C 2 .  ? 5.325   -13.803 -19.242 1.00 61.77 ? 101 G3A A C44   1 
HETATM 617 C C45   . G3A C 2 .  ? 5.625   -13.802 -20.762 1.00 60.56 ? 101 G3A A C45   1 
HETATM 618 O O45   . G3A C 2 .  ? 4.707   -12.947 -21.480 1.00 59.22 ? 101 G3A A O45   1 
HETATM 619 P PA    . G3A C 2 .  ? 5.091   -11.770 -22.592 1.00 57.78 ? 101 G3A A PA    1 
HETATM 620 O O1A   . G3A C 2 .  ? 4.030   -10.897 -22.952 1.00 48.56 ? 101 G3A A O1A   1 
HETATM 621 O O2A   . G3A C 2 .  ? 5.879   -12.045 -23.582 1.00 54.17 ? 101 G3A A O2A   1 
HETATM 622 O O1    . G3A C 2 .  ? 5.677   -11.356 -21.098 1.00 58.73 ? 101 G3A A O1    1 
HETATM 623 P PB    . G3A C 2 .  ? 6.509   -10.043 -20.524 1.00 59.48 ? 101 G3A A PB    1 
HETATM 624 O O2B   . G3A C 2 .  ? 7.883   -10.066 -21.091 1.00 57.43 ? 101 G3A A O2B   1 
HETATM 625 O O3B   . G3A C 2 .  ? 5.743   -8.765  -20.556 1.00 56.07 ? 101 G3A A O3B   1 
HETATM 626 O O3A   . G3A C 2 .  ? 6.548   -10.461 -18.961 1.00 48.24 ? 101 G3A A O3A   1 
HETATM 627 P PG    . G3A C 2 .  ? 7.971   -10.910 -18.497 1.00 45.92 ? 101 G3A A PG    1 
HETATM 628 O O1G   . G3A C 2 .  ? 9.120   -10.087 -18.261 1.00 45.90 ? 101 G3A A O1G   1 
HETATM 629 O O2G   . G3A C 2 .  ? 8.485   -11.955 -19.341 1.00 48.25 ? 101 G3A A O2G   1 
HETATM 630 O O25   . G3A C 2 .  ? 7.274   -11.753 -17.273 1.00 41.05 ? 101 G3A A O25   1 
HETATM 631 C C25   . G3A C 2 .  ? 8.096   -12.611 -16.435 1.00 37.49 ? 101 G3A A C25   1 
HETATM 632 C C24   . G3A C 2 .  ? 7.356   -13.152 -15.204 1.00 34.94 ? 101 G3A A C24   1 
HETATM 633 C C23   . G3A C 2 .  ? 6.137   -13.984 -15.609 1.00 34.77 ? 101 G3A A C23   1 
HETATM 634 O O23   . G3A C 2 .  ? 6.518   -15.366 -15.813 1.00 32.75 ? 101 G3A A O23   1 
HETATM 635 C C22   . G3A C 2 .  ? 5.319   -13.916 -14.377 1.00 33.08 ? 101 G3A A C22   1 
HETATM 636 O O22   . G3A C 2 .  ? 6.008   -14.843 -13.451 1.00 34.75 ? 101 G3A A O22   1 
HETATM 637 O O24   . G3A C 2 .  ? 6.863   -12.100 -14.349 1.00 32.40 ? 101 G3A A O24   1 
HETATM 638 C C21   . G3A C 2 .  ? 5.516   -12.471 -13.882 1.00 33.11 ? 101 G3A A C21   1 
HETATM 639 N N19   . G3A C 2 .  ? 4.521   -11.454 -14.402 1.00 30.51 ? 101 G3A A N19   1 
HETATM 640 C C14   . G3A C 2 .  ? 3.205   -11.443 -14.211 1.00 31.35 ? 101 G3A A C14   1 
HETATM 641 N N13   . G3A C 2 .  ? 2.403   -12.300 -13.535 1.00 27.69 ? 101 G3A A N13   1 
HETATM 642 C C12   . G3A C 2 .  ? 1.027   -12.031 -13.491 1.00 29.10 ? 101 G3A A C12   1 
HETATM 643 N N11   . G3A C 2 .  ? 0.516   -10.914 -14.171 1.00 30.60 ? 101 G3A A N11   1 
HETATM 644 C C18   . G3A C 2 .  ? 4.824   -10.383 -15.162 1.00 30.31 ? 101 G3A A C18   1 
HETATM 645 N N17   . G3A C 2 .  ? 3.688   -9.726  -15.439 1.00 28.37 ? 101 G3A A N17   1 
HETATM 646 C C15   . G3A C 2 .  ? 2.688   -10.381 -14.867 1.00 29.32 ? 101 G3A A C15   1 
HETATM 647 C C16   . G3A C 2 .  ? 1.361   -10.128 -14.827 1.00 31.22 ? 101 G3A A C16   1 
HETATM 648 N N16   . G3A C 2 .  ? 0.898   -9.056  -15.472 1.00 32.44 ? 101 G3A A N16   1 
HETATM 649 O O36   . G3A D 2 .  ? 1.186   9.472   18.617  1.00 25.58 ? 101 G3A B O36   1 
HETATM 650 C C36   . G3A D 2 .  ? 1.939   8.547   18.964  1.00 25.64 ? 101 G3A B C36   1 
HETATM 651 N N31   . G3A D 2 .  ? 3.300   8.621   18.794  1.00 24.51 ? 101 G3A B N31   1 
HETATM 652 C C32   . G3A D 2 .  ? 4.129   7.555   19.195  1.00 25.38 ? 101 G3A B C32   1 
HETATM 653 N N32   . G3A D 2 .  ? 5.411   7.647   19.022  1.00 23.99 ? 101 G3A B N32   1 
HETATM 654 N N33   . G3A D 2 .  ? 3.615   6.463   19.762  1.00 24.20 ? 101 G3A B N33   1 
HETATM 655 C C35   . G3A D 2 .  ? 1.449   7.463   19.528  1.00 26.55 ? 101 G3A B C35   1 
HETATM 656 C C34   . G3A D 2 .  ? 2.265   6.444   19.897  1.00 24.42 ? 101 G3A B C34   1 
HETATM 657 N N37   . G3A D 2 .  ? 0.162   7.174   19.801  1.00 24.97 ? 101 G3A B N37   1 
HETATM 658 C C38   . G3A D 2 .  ? 0.218   5.979   20.364  1.00 27.72 ? 101 G3A B C38   1 
HETATM 659 N N39   . G3A D 2 .  ? 1.490   5.545   20.421  1.00 26.01 ? 101 G3A B N39   1 
HETATM 660 C C41   . G3A D 2 .  ? 1.939   4.235   20.942  1.00 31.50 ? 101 G3A B C41   1 
HETATM 661 O O44   . G3A D 2 .  ? 0.789   3.441   21.452  1.00 33.05 ? 101 G3A B O44   1 
HETATM 662 C C42   . G3A D 2 .  ? 2.871   4.366   22.092  1.00 32.96 ? 101 G3A B C42   1 
HETATM 663 O O42   . G3A D 2 .  ? 3.567   3.107   22.279  1.00 33.98 ? 101 G3A B O42   1 
HETATM 664 C C43   . G3A D 2 .  ? 1.889   4.585   23.210  1.00 36.75 ? 101 G3A B C43   1 
HETATM 665 O O43   . G3A D 2 .  ? 2.548   4.339   24.474  1.00 37.87 ? 101 G3A B O43   1 
HETATM 666 C C44   . G3A D 2 .  ? 0.836   3.489   22.873  1.00 36.06 ? 101 G3A B C44   1 
HETATM 667 C C45   . G3A D 2 .  ? -0.548  3.772   23.470  1.00 37.06 ? 101 G3A B C45   1 
HETATM 668 O O45   . G3A D 2 .  ? -1.219  4.949   22.941  1.00 38.17 ? 101 G3A B O45   1 
HETATM 669 P PA    . G3A D 2 .  ? -1.921  5.946   24.055  1.00 46.40 ? 101 G3A B PA    1 
HETATM 670 O O1A   . G3A D 2 .  ? -1.875  7.188   23.829  1.00 44.90 ? 101 G3A B O1A   1 
HETATM 671 O O2A   . G3A D 2 .  ? -1.521  5.344   25.228  1.00 41.33 ? 101 G3A B O2A   1 
HETATM 672 O O1    . G3A D 2 .  ? -3.138  4.885   23.551  1.00 41.09 ? 101 G3A B O1    1 
HETATM 673 P PB    . G3A D 2 .  ? -4.063  4.773   22.148  1.00 44.69 ? 101 G3A B PB    1 
HETATM 674 O O2B   . G3A D 2 .  ? -5.475  4.591   22.567  1.00 52.85 ? 101 G3A B O2B   1 
HETATM 675 O O3B   . G3A D 2 .  ? -3.763  5.805   21.118  1.00 45.19 ? 101 G3A B O3B   1 
HETATM 676 O O3A   . G3A D 2 .  ? -3.572  3.366   21.521  1.00 38.57 ? 101 G3A B O3A   1 
HETATM 677 P PG    . G3A D 2 .  ? -4.236  1.973   22.006  1.00 37.62 ? 101 G3A B PG    1 
HETATM 678 O O1G   . G3A D 2 .  ? -5.186  1.477   21.020  1.00 37.36 ? 101 G3A B O1G   1 
HETATM 679 O O2G   . G3A D 2 .  ? -4.530  1.883   23.409  1.00 40.59 ? 101 G3A B O2G   1 
HETATM 680 O O25   . G3A D 2 .  ? -2.911  1.238   21.325  1.00 37.46 ? 101 G3A B O25   1 
HETATM 681 C C25   . G3A D 2 .  ? -2.588  -0.152  21.620  1.00 35.11 ? 101 G3A B C25   1 
HETATM 682 C C24   . G3A D 2 .  ? -1.297  -0.618  20.891  1.00 37.24 ? 101 G3A B C24   1 
HETATM 683 C C23   . G3A D 2 .  ? -0.081  0.074   21.513  1.00 35.41 ? 101 G3A B C23   1 
HETATM 684 O O23   . G3A D 2 .  ? 0.470   -0.733  22.559  1.00 34.77 ? 101 G3A B O23   1 
HETATM 685 C C22   . G3A D 2 .  ? 0.912   0.098   20.376  1.00 33.03 ? 101 G3A B C22   1 
HETATM 686 O O22   . G3A D 2 .  ? 1.633   -1.173  20.333  1.00 33.72 ? 101 G3A B O22   1 
HETATM 687 O O24   . G3A D 2 .  ? -1.251  -0.317  19.449  1.00 33.37 ? 101 G3A B O24   1 
HETATM 688 C C21   . G3A D 2 .  ? 0.038   0.251   19.147  1.00 32.61 ? 101 G3A B C21   1 
HETATM 689 N N19   . G3A D 2 .  ? -0.160  1.675   18.665  1.00 29.80 ? 101 G3A B N19   1 
HETATM 690 C C14   . G3A D 2 .  ? 0.796   2.398   18.125  1.00 26.71 ? 101 G3A B C14   1 
HETATM 691 N N13   . G3A D 2 .  ? 2.077   2.106   17.958  1.00 23.98 ? 101 G3A B N13   1 
HETATM 692 C C12   . G3A D 2 .  ? 2.903   3.052   17.400  1.00 25.06 ? 101 G3A B C12   1 
HETATM 693 N N11   . G3A D 2 .  ? 2.393   4.284   17.028  1.00 26.62 ? 101 G3A B N11   1 
HETATM 694 C C18   . G3A D 2 .  ? -1.277  2.415   18.606  1.00 30.10 ? 101 G3A B C18   1 
HETATM 695 N N17   . G3A D 2 .  ? -0.988  3.588   18.044  1.00 28.49 ? 101 G3A B N17   1 
HETATM 696 C C15   . G3A D 2 .  ? 0.302   3.605   17.760  1.00 26.75 ? 101 G3A B C15   1 
HETATM 697 C C16   . G3A D 2 .  ? 1.099   4.536   17.206  1.00 27.23 ? 101 G3A B C16   1 
HETATM 698 N N16   . G3A D 2 .  ? 0.593   5.723   16.845  1.00 26.55 ? 101 G3A B N16   1 
HETATM 699 O O     . HOH E 3 .  ? -10.322 -2.009  12.078  1.00 38.54 ? 201 HOH A O     1 
HETATM 700 O O     . HOH E 3 .  ? -4.714  6.691   12.179  1.00 32.67 ? 202 HOH A O     1 
HETATM 701 O O     . HOH F 3 .  ? -3.015  5.379   18.226  1.00 34.51 ? 201 HOH B O     1 
HETATM 702 O O     . HOH F 3 .  ? 3.338   -6.715  10.361  0.33 21.81 ? 202 HOH B O     1 
HETATM 703 O O     . HOH F 3 .  ? 5.493   4.128   9.613   1.00 21.57 ? 203 HOH B O     1 
HETATM 704 O O     . HOH F 3 .  ? 2.619   3.945   9.706   1.00 34.65 ? 204 HOH B O     1 
HETATM 705 O O     . HOH F 3 .  ? 0.700   1.389   3.792   1.00 37.46 ? 205 HOH B O     1 
HETATM 706 O O     . HOH F 3 .  ? 2.857   -5.546  14.322  0.33 38.56 ? 206 HOH B O     1 
# 
loop_
_pdbx_poly_seq_scheme.asym_id 
_pdbx_poly_seq_scheme.entity_id 
_pdbx_poly_seq_scheme.seq_id 
_pdbx_poly_seq_scheme.mon_id 
_pdbx_poly_seq_scheme.ndb_seq_num 
_pdbx_poly_seq_scheme.pdb_seq_num 
_pdbx_poly_seq_scheme.auth_seq_num 
_pdbx_poly_seq_scheme.pdb_mon_id 
_pdbx_poly_seq_scheme.auth_mon_id 
_pdbx_poly_seq_scheme.pdb_strand_id 
_pdbx_poly_seq_scheme.pdb_ins_code 
_pdbx_poly_seq_scheme.hetero 
A 1 1  LCC 1  1  1  LCC LCC A . n 
A 1 2  TLN 2  2  2  TLN TLN A . n 
A 1 3  LCC 3  3  3  LCC LCC A . n 
A 1 4  LCG 4  4  4  LCG LCG A . n 
A 1 5  A   5  5  5  A   A   A . n 
A 1 6  C   6  6  6  C   C   A . n 
A 1 7  U   7  7  7  U   U   A . n 
A 1 8  U   8  8  8  U   U   A . n 
A 1 9  A   9  9  9  A   A   A . n 
A 1 10 A   10 10 10 A   A   A . n 
A 1 11 G   11 11 11 G   G   A . n 
A 1 12 U   12 12 12 U   U   A . n 
A 1 13 C   13 13 13 C   C   A . n 
A 1 14 G   14 14 14 G   G   A . n 
B 1 1  LCC 1  1  1  LCC LCC B . n 
B 1 2  TLN 2  2  2  TLN TLN B . n 
B 1 3  LCC 3  3  3  LCC LCC B . n 
B 1 4  LCG 4  4  4  LCG LCG B . n 
B 1 5  A   5  5  5  A   A   B . n 
B 1 6  C   6  6  6  C   C   B . n 
B 1 7  U   7  7  7  U   U   B . n 
B 1 8  U   8  8  8  U   U   B . n 
B 1 9  A   9  9  9  A   A   B . n 
B 1 10 A   10 10 10 A   A   B . n 
B 1 11 G   11 11 11 G   G   B . n 
B 1 12 U   12 12 12 U   U   B . n 
B 1 13 C   13 13 13 C   C   B . n 
B 1 14 G   14 14 14 G   G   B . n 
# 
_pdbx_contact_author.id                 2 
_pdbx_contact_author.email              wz15@iu.edu 
_pdbx_contact_author.name_first         Wen 
_pdbx_contact_author.name_last          Zhang 
_pdbx_contact_author.name_mi            ? 
_pdbx_contact_author.role               'principal investigator/group leader' 
_pdbx_contact_author.identifier_ORCID   0000-0003-4811-4384 
# 
loop_
_pdbx_nonpoly_scheme.asym_id 
_pdbx_nonpoly_scheme.entity_id 
_pdbx_nonpoly_scheme.mon_id 
_pdbx_nonpoly_scheme.ndb_seq_num 
_pdbx_nonpoly_scheme.pdb_seq_num 
_pdbx_nonpoly_scheme.auth_seq_num 
_pdbx_nonpoly_scheme.pdb_mon_id 
_pdbx_nonpoly_scheme.auth_mon_id 
_pdbx_nonpoly_scheme.pdb_strand_id 
_pdbx_nonpoly_scheme.pdb_ins_code 
C 2 G3A 1 101 101 G3A GA3 A . 
D 2 G3A 1 101 101 G3A GA3 B . 
E 3 HOH 1 201 8   HOH HOH A . 
E 3 HOH 2 202 5   HOH HOH A . 
F 3 HOH 1 201 4   HOH HOH B . 
F 3 HOH 2 202 6   HOH HOH B . 
F 3 HOH 3 203 3   HOH HOH B . 
F 3 HOH 4 204 2   HOH HOH B . 
F 3 HOH 5 205 1   HOH HOH B . 
F 3 HOH 6 206 7   HOH HOH B . 
# 
_pdbx_struct_assembly.id                   1 
_pdbx_struct_assembly.details              author_defined_assembly 
_pdbx_struct_assembly.method_details       ? 
_pdbx_struct_assembly.oligomeric_details   dimeric 
_pdbx_struct_assembly.oligomeric_count     2 
# 
_pdbx_struct_assembly_gen.assembly_id       1 
_pdbx_struct_assembly_gen.oper_expression   1 
_pdbx_struct_assembly_gen.asym_id_list      A,B,C,D,E,F 
# 
loop_
_pdbx_struct_assembly_prop.biol_id 
_pdbx_struct_assembly_prop.type 
_pdbx_struct_assembly_prop.value 
_pdbx_struct_assembly_prop.details 
1 'ABSA (A^2)' 4420 ? 
1 MORE         8    ? 
1 'SSA (A^2)'  5570 ? 
# 
_pdbx_struct_oper_list.id                   1 
_pdbx_struct_oper_list.type                 'identity operation' 
_pdbx_struct_oper_list.name                 1_555 
_pdbx_struct_oper_list.symmetry_operation   x,y,z 
_pdbx_struct_oper_list.matrix[1][1]         1.0000000000 
_pdbx_struct_oper_list.matrix[1][2]         0.0000000000 
_pdbx_struct_oper_list.matrix[1][3]         0.0000000000 
_pdbx_struct_oper_list.vector[1]            0.0000000000 
_pdbx_struct_oper_list.matrix[2][1]         0.0000000000 
_pdbx_struct_oper_list.matrix[2][2]         1.0000000000 
_pdbx_struct_oper_list.matrix[2][3]         0.0000000000 
_pdbx_struct_oper_list.vector[2]            0.0000000000 
_pdbx_struct_oper_list.matrix[3][1]         0.0000000000 
_pdbx_struct_oper_list.matrix[3][2]         0.0000000000 
_pdbx_struct_oper_list.matrix[3][3]         1.0000000000 
_pdbx_struct_oper_list.vector[3]            0.0000000000 
# 
_pdbx_struct_special_symmetry.id              1 
_pdbx_struct_special_symmetry.PDB_model_num   1 
_pdbx_struct_special_symmetry.auth_asym_id    B 
_pdbx_struct_special_symmetry.auth_comp_id    HOH 
_pdbx_struct_special_symmetry.auth_seq_id     206 
_pdbx_struct_special_symmetry.PDB_ins_code    ? 
_pdbx_struct_special_symmetry.label_asym_id   F 
_pdbx_struct_special_symmetry.label_comp_id   HOH 
_pdbx_struct_special_symmetry.label_seq_id    . 
# 
loop_
_pdbx_audit_revision_history.ordinal 
_pdbx_audit_revision_history.data_content_type 
_pdbx_audit_revision_history.major_revision 
_pdbx_audit_revision_history.minor_revision 
_pdbx_audit_revision_history.revision_date 
1 'Structure model' 1 0 2023-05-31 
2 'Structure model' 1 1 2023-10-25 
3 'Structure model' 1 2 2023-12-13 
# 
_pdbx_audit_revision_details.ordinal             1 
_pdbx_audit_revision_details.revision_ordinal    1 
_pdbx_audit_revision_details.data_content_type   'Structure model' 
_pdbx_audit_revision_details.provider            repository 
_pdbx_audit_revision_details.type                'Initial release' 
_pdbx_audit_revision_details.description         ? 
_pdbx_audit_revision_details.details             ? 
# 
loop_
_pdbx_audit_revision_group.ordinal 
_pdbx_audit_revision_group.revision_ordinal 
_pdbx_audit_revision_group.data_content_type 
_pdbx_audit_revision_group.group 
1 2 'Structure model' 'Data collection'        
2 2 'Structure model' 'Refinement description' 
3 3 'Structure model' 'Database references'    
# 
loop_
_pdbx_audit_revision_category.ordinal 
_pdbx_audit_revision_category.revision_ordinal 
_pdbx_audit_revision_category.data_content_type 
_pdbx_audit_revision_category.category 
1 2 'Structure model' chem_comp_atom                
2 2 'Structure model' chem_comp_bond                
3 2 'Structure model' pdbx_initial_refinement_model 
4 3 'Structure model' citation                      
5 3 'Structure model' citation_author               
# 
loop_
_pdbx_audit_revision_item.ordinal 
_pdbx_audit_revision_item.revision_ordinal 
_pdbx_audit_revision_item.data_content_type 
_pdbx_audit_revision_item.item 
1  2 'Structure model' '_pdbx_initial_refinement_model.details' 
2  3 'Structure model' '_citation.country'                      
3  3 'Structure model' '_citation.journal_abbrev'               
4  3 'Structure model' '_citation.journal_id_CSD'               
5  3 'Structure model' '_citation.journal_id_ISSN'              
6  3 'Structure model' '_citation.journal_volume'               
7  3 'Structure model' '_citation.page_first'                   
8  3 'Structure model' '_citation.page_last'                    
9  3 'Structure model' '_citation.pdbx_database_id_DOI'         
10 3 'Structure model' '_citation.pdbx_database_id_PubMed'      
11 3 'Structure model' '_citation.title'                        
12 3 'Structure model' '_citation.year'                         
# 
loop_
_software.citation_id 
_software.classification 
_software.compiler_name 
_software.compiler_version 
_software.contact_author 
_software.contact_author_email 
_software.date 
_software.description 
_software.dependencies 
_software.hardware 
_software.language 
_software.location 
_software.mods 
_software.name 
_software.os 
_software.os_version 
_software.type 
_software.version 
_software.pdbx_ordinal 
? refinement       ? ? ? ? ? ? ? ? ? ? ? REFMAC   ? ? ? 5.8.0267 1 
? 'data reduction' ? ? ? ? ? ? ? ? ? ? ? HKL-2000 ? ? ? .        2 
? 'data scaling'   ? ? ? ? ? ? ? ? ? ? ? HKL-2000 ? ? ? .        3 
? phasing          ? ? ? ? ? ? ? ? ? ? ? PHASER   ? ? ? .        4 
# 
_pdbx_entry_details.entry_id                 8SX5 
_pdbx_entry_details.has_ligand_of_interest   Y 
_pdbx_entry_details.compound_details         ? 
_pdbx_entry_details.source_details           ? 
_pdbx_entry_details.nonpolymer_details       ? 
_pdbx_entry_details.sequence_details         ? 
# 
loop_
_chem_comp_atom.comp_id 
_chem_comp_atom.atom_id 
_chem_comp_atom.type_symbol 
_chem_comp_atom.pdbx_aromatic_flag 
_chem_comp_atom.pdbx_stereo_config 
_chem_comp_atom.pdbx_ordinal 
A   OP3    O N N 1   
A   P      P N N 2   
A   OP1    O N N 3   
A   OP2    O N N 4   
A   "O5'"  O N N 5   
A   "C5'"  C N N 6   
A   "C4'"  C N R 7   
A   "O4'"  O N N 8   
A   "C3'"  C N S 9   
A   "O3'"  O N N 10  
A   "C2'"  C N R 11  
A   "O2'"  O N N 12  
A   "C1'"  C N R 13  
A   N9     N Y N 14  
A   C8     C Y N 15  
A   N7     N Y N 16  
A   C5     C Y N 17  
A   C6     C Y N 18  
A   N6     N N N 19  
A   N1     N Y N 20  
A   C2     C Y N 21  
A   N3     N Y N 22  
A   C4     C Y N 23  
A   HOP3   H N N 24  
A   HOP2   H N N 25  
A   "H5'"  H N N 26  
A   "H5''" H N N 27  
A   "H4'"  H N N 28  
A   "H3'"  H N N 29  
A   "HO3'" H N N 30  
A   "H2'"  H N N 31  
A   "HO2'" H N N 32  
A   "H1'"  H N N 33  
A   H8     H N N 34  
A   H61    H N N 35  
A   H62    H N N 36  
A   H2     H N N 37  
C   OP3    O N N 38  
C   P      P N N 39  
C   OP1    O N N 40  
C   OP2    O N N 41  
C   "O5'"  O N N 42  
C   "C5'"  C N N 43  
C   "C4'"  C N R 44  
C   "O4'"  O N N 45  
C   "C3'"  C N S 46  
C   "O3'"  O N N 47  
C   "C2'"  C N R 48  
C   "O2'"  O N N 49  
C   "C1'"  C N R 50  
C   N1     N N N 51  
C   C2     C N N 52  
C   O2     O N N 53  
C   N3     N N N 54  
C   C4     C N N 55  
C   N4     N N N 56  
C   C5     C N N 57  
C   C6     C N N 58  
C   HOP3   H N N 59  
C   HOP2   H N N 60  
C   "H5'"  H N N 61  
C   "H5''" H N N 62  
C   "H4'"  H N N 63  
C   "H3'"  H N N 64  
C   "HO3'" H N N 65  
C   "H2'"  H N N 66  
C   "HO2'" H N N 67  
C   "H1'"  H N N 68  
C   H41    H N N 69  
C   H42    H N N 70  
C   H5     H N N 71  
C   H6     H N N 72  
G   OP3    O N N 73  
G   P      P N N 74  
G   OP1    O N N 75  
G   OP2    O N N 76  
G   "O5'"  O N N 77  
G   "C5'"  C N N 78  
G   "C4'"  C N R 79  
G   "O4'"  O N N 80  
G   "C3'"  C N S 81  
G   "O3'"  O N N 82  
G   "C2'"  C N R 83  
G   "O2'"  O N N 84  
G   "C1'"  C N R 85  
G   N9     N Y N 86  
G   C8     C Y N 87  
G   N7     N Y N 88  
G   C5     C Y N 89  
G   C6     C N N 90  
G   O6     O N N 91  
G   N1     N N N 92  
G   C2     C N N 93  
G   N2     N N N 94  
G   N3     N N N 95  
G   C4     C Y N 96  
G   HOP3   H N N 97  
G   HOP2   H N N 98  
G   "H5'"  H N N 99  
G   "H5''" H N N 100 
G   "H4'"  H N N 101 
G   "H3'"  H N N 102 
G   "HO3'" H N N 103 
G   "H2'"  H N N 104 
G   "HO2'" H N N 105 
G   "H1'"  H N N 106 
G   H8     H N N 107 
G   H1     H N N 108 
G   H21    H N N 109 
G   H22    H N N 110 
G3A O36    O N N 111 
G3A C36    C N N 112 
G3A N31    N N N 113 
G3A C32    C N N 114 
G3A N32    N N N 115 
G3A N33    N N N 116 
G3A C35    C Y N 117 
G3A C34    C Y N 118 
G3A N37    N Y N 119 
G3A C38    C Y N 120 
G3A N39    N Y N 121 
G3A C41    C N R 122 
G3A O44    O N N 123 
G3A C42    C N R 124 
G3A O42    O N N 125 
G3A C43    C N S 126 
G3A O43    O N N 127 
G3A C44    C N R 128 
G3A C45    C N N 129 
G3A O45    O N N 130 
G3A PA     P N R 131 
G3A O1A    O N N 132 
G3A O2A    O N N 133 
G3A O1     O N N 134 
G3A PB     P N N 135 
G3A O2B    O N N 136 
G3A O3B    O N N 137 
G3A O3A    O N N 138 
G3A PG     P N R 139 
G3A O1G    O N N 140 
G3A O2G    O N N 141 
G3A O25    O N N 142 
G3A C25    C N N 143 
G3A C24    C N R 144 
G3A C23    C N S 145 
G3A O23    O N N 146 
G3A C22    C N R 147 
G3A O22    O N N 148 
G3A O24    O N N 149 
G3A C21    C N R 150 
G3A N19    N Y N 151 
G3A C14    C Y N 152 
G3A N13    N Y N 153 
G3A C12    C Y N 154 
G3A N11    N Y N 155 
G3A C18    C Y N 156 
G3A N17    N Y N 157 
G3A C15    C Y N 158 
G3A C16    C Y N 159 
G3A N16    N N N 160 
G3A HN31   H N N 161 
G3A H321   H N N 162 
G3A H322   H N N 163 
G3A H38    H N N 164 
G3A H41    H N N 165 
G3A H42    H N N 166 
G3A HO42   H N N 167 
G3A H43    H N N 168 
G3A HO43   H N N 169 
G3A H44    H N N 170 
G3A H451   H N N 171 
G3A H452   H N N 172 
G3A HO1A   H N N 173 
G3A HO2B   H N N 174 
G3A HO2G   H N N 175 
G3A H251   H N N 176 
G3A H252   H N N 177 
G3A H24    H N N 178 
G3A H23    H N N 179 
G3A HO23   H N N 180 
G3A H22    H N N 181 
G3A HO22   H N N 182 
G3A H21    H N N 183 
G3A H12    H N N 184 
G3A H18    H N N 185 
G3A H161   H N N 186 
G3A H162   H N N 187 
HOH O      O N N 188 
HOH H1     H N N 189 
HOH H2     H N N 190 
LCC "O5'"  O N N 191 
LCC "C5'"  C N N 192 
LCC "C4'"  C N R 193 
LCC "O4'"  O N N 194 
LCC "C1'"  C N R 195 
LCC N1     N N N 196 
LCC C6     C N N 197 
LCC C5     C N N 198 
LCC C5M    C N N 199 
LCC C4     C N N 200 
LCC N4     N N N 201 
LCC N3     N N N 202 
LCC C2     C N N 203 
LCC O2     O N N 204 
LCC "C3'"  C N S 205 
LCC "C2'"  C N R 206 
LCC "O2'"  O N N 207 
LCC "O3'"  O N N 208 
LCC "C6'"  C N N 209 
LCC P      P N N 210 
LCC O1P    O N N 211 
LCC O2P    O N N 212 
LCC OXT    O N N 213 
LCC "H5'1" H N N 214 
LCC "H5'2" H N N 215 
LCC "H1'"  H N N 216 
LCC H6     H N N 217 
LCC H5M1   H N N 218 
LCC H5M2   H N N 219 
LCC H5M3   H N N 220 
LCC H41    H N N 221 
LCC H42    H N N 222 
LCC "H3'"  H N N 223 
LCC "H2'1" H N N 224 
LCC H3T    H N N 225 
LCC "H6'1" H N N 226 
LCC "H6'2" H N N 227 
LCC H1P    H N N 228 
LCC HXT    H N N 229 
LCG P      P N N 230 
LCG OP1    O N N 231 
LCG "O5'"  O N N 232 
LCG "C5'"  C N N 233 
LCG "C3'"  C N S 234 
LCG "C6'"  C N N 235 
LCG N9     N Y N 236 
LCG C8     C Y N 237 
LCG C4     C Y N 238 
LCG N7     N Y N 239 
LCG C5     C Y N 240 
LCG C6     C N N 241 
LCG "C2'"  C N R 242 
LCG O6     O N N 243 
LCG "C4'"  C N R 244 
LCG "C1'"  C N R 245 
LCG C2     C N N 246 
LCG N1     N N N 247 
LCG "O4'"  O N N 248 
LCG OP2    O N N 249 
LCG N2     N N N 250 
LCG N3     N N N 251 
LCG "O2'"  O N N 252 
LCG "O3'"  O N N 253 
LCG OP3    O N N 254 
LCG "H5'"  H N N 255 
LCG "H5''" H N N 256 
LCG "H3'"  H N N 257 
LCG "H6'1" H N N 258 
LCG "H6'2" H N N 259 
LCG H8     H N N 260 
LCG "H2'"  H N N 261 
LCG "H1'"  H N N 262 
LCG H1     H N N 263 
LCG HOP2   H N N 264 
LCG H21    H N N 265 
LCG H22    H N N 266 
LCG "HO3'" H N N 267 
LCG HOP3   H N N 268 
TLN P      P N N 269 
TLN OP1    O N N 270 
TLN OP2    O N N 271 
TLN OP3    O N N 272 
TLN "O5'"  O N N 273 
TLN "C5'"  C N N 274 
TLN "C4'"  C N R 275 
TLN "O4'"  O N N 276 
TLN "C1'"  C N R 277 
TLN N1     N N N 278 
TLN C6     C N N 279 
TLN C5     C N N 280 
TLN C5M    C N N 281 
TLN C4     C N N 282 
TLN O4     O N N 283 
TLN N3     N N N 284 
TLN C2     C N N 285 
TLN O2     O N N 286 
TLN "C3'"  C N S 287 
TLN "C2'"  C N R 288 
TLN "O2'"  O N N 289 
TLN "O3'"  O N N 290 
TLN "C6'"  C N N 291 
TLN HOP2   H N N 292 
TLN HOP3   H N N 293 
TLN "H5'"  H N N 294 
TLN "H5''" H N N 295 
TLN "H1'"  H N N 296 
TLN H6     H N N 297 
TLN H71    H N N 298 
TLN H72    H N N 299 
TLN H73    H N N 300 
TLN H3     H N N 301 
TLN "H3'"  H N N 302 
TLN "H2'"  H N N 303 
TLN "HO3'" H N N 304 
TLN "H6'1" H N N 305 
TLN "H6'2" H N N 306 
U   OP3    O N N 307 
U   P      P N N 308 
U   OP1    O N N 309 
U   OP2    O N N 310 
U   "O5'"  O N N 311 
U   "C5'"  C N N 312 
U   "C4'"  C N R 313 
U   "O4'"  O N N 314 
U   "C3'"  C N S 315 
U   "O3'"  O N N 316 
U   "C2'"  C N R 317 
U   "O2'"  O N N 318 
U   "C1'"  C N R 319 
U   N1     N N N 320 
U   C2     C N N 321 
U   O2     O N N 322 
U   N3     N N N 323 
U   C4     C N N 324 
U   O4     O N N 325 
U   C5     C N N 326 
U   C6     C N N 327 
U   HOP3   H N N 328 
U   HOP2   H N N 329 
U   "H5'"  H N N 330 
U   "H5''" H N N 331 
U   "H4'"  H N N 332 
U   "H3'"  H N N 333 
U   "HO3'" H N N 334 
U   "H2'"  H N N 335 
U   "HO2'" H N N 336 
U   "H1'"  H N N 337 
U   H3     H N N 338 
U   H5     H N N 339 
U   H6     H N N 340 
# 
loop_
_chem_comp_bond.comp_id 
_chem_comp_bond.atom_id_1 
_chem_comp_bond.atom_id_2 
_chem_comp_bond.value_order 
_chem_comp_bond.pdbx_aromatic_flag 
_chem_comp_bond.pdbx_stereo_config 
_chem_comp_bond.pdbx_ordinal 
A   OP3   P      sing N N 1   
A   OP3   HOP3   sing N N 2   
A   P     OP1    doub N N 3   
A   P     OP2    sing N N 4   
A   P     "O5'"  sing N N 5   
A   OP2   HOP2   sing N N 6   
A   "O5'" "C5'"  sing N N 7   
A   "C5'" "C4'"  sing N N 8   
A   "C5'" "H5'"  sing N N 9   
A   "C5'" "H5''" sing N N 10  
A   "C4'" "O4'"  sing N N 11  
A   "C4'" "C3'"  sing N N 12  
A   "C4'" "H4'"  sing N N 13  
A   "O4'" "C1'"  sing N N 14  
A   "C3'" "O3'"  sing N N 15  
A   "C3'" "C2'"  sing N N 16  
A   "C3'" "H3'"  sing N N 17  
A   "O3'" "HO3'" sing N N 18  
A   "C2'" "O2'"  sing N N 19  
A   "C2'" "C1'"  sing N N 20  
A   "C2'" "H2'"  sing N N 21  
A   "O2'" "HO2'" sing N N 22  
A   "C1'" N9     sing N N 23  
A   "C1'" "H1'"  sing N N 24  
A   N9    C8     sing Y N 25  
A   N9    C4     sing Y N 26  
A   C8    N7     doub Y N 27  
A   C8    H8     sing N N 28  
A   N7    C5     sing Y N 29  
A   C5    C6     sing Y N 30  
A   C5    C4     doub Y N 31  
A   C6    N6     sing N N 32  
A   C6    N1     doub Y N 33  
A   N6    H61    sing N N 34  
A   N6    H62    sing N N 35  
A   N1    C2     sing Y N 36  
A   C2    N3     doub Y N 37  
A   C2    H2     sing N N 38  
A   N3    C4     sing Y N 39  
C   OP3   P      sing N N 40  
C   OP3   HOP3   sing N N 41  
C   P     OP1    doub N N 42  
C   P     OP2    sing N N 43  
C   P     "O5'"  sing N N 44  
C   OP2   HOP2   sing N N 45  
C   "O5'" "C5'"  sing N N 46  
C   "C5'" "C4'"  sing N N 47  
C   "C5'" "H5'"  sing N N 48  
C   "C5'" "H5''" sing N N 49  
C   "C4'" "O4'"  sing N N 50  
C   "C4'" "C3'"  sing N N 51  
C   "C4'" "H4'"  sing N N 52  
C   "O4'" "C1'"  sing N N 53  
C   "C3'" "O3'"  sing N N 54  
C   "C3'" "C2'"  sing N N 55  
C   "C3'" "H3'"  sing N N 56  
C   "O3'" "HO3'" sing N N 57  
C   "C2'" "O2'"  sing N N 58  
C   "C2'" "C1'"  sing N N 59  
C   "C2'" "H2'"  sing N N 60  
C   "O2'" "HO2'" sing N N 61  
C   "C1'" N1     sing N N 62  
C   "C1'" "H1'"  sing N N 63  
C   N1    C2     sing N N 64  
C   N1    C6     sing N N 65  
C   C2    O2     doub N N 66  
C   C2    N3     sing N N 67  
C   N3    C4     doub N N 68  
C   C4    N4     sing N N 69  
C   C4    C5     sing N N 70  
C   N4    H41    sing N N 71  
C   N4    H42    sing N N 72  
C   C5    C6     doub N N 73  
C   C5    H5     sing N N 74  
C   C6    H6     sing N N 75  
G   OP3   P      sing N N 76  
G   OP3   HOP3   sing N N 77  
G   P     OP1    doub N N 78  
G   P     OP2    sing N N 79  
G   P     "O5'"  sing N N 80  
G   OP2   HOP2   sing N N 81  
G   "O5'" "C5'"  sing N N 82  
G   "C5'" "C4'"  sing N N 83  
G   "C5'" "H5'"  sing N N 84  
G   "C5'" "H5''" sing N N 85  
G   "C4'" "O4'"  sing N N 86  
G   "C4'" "C3'"  sing N N 87  
G   "C4'" "H4'"  sing N N 88  
G   "O4'" "C1'"  sing N N 89  
G   "C3'" "O3'"  sing N N 90  
G   "C3'" "C2'"  sing N N 91  
G   "C3'" "H3'"  sing N N 92  
G   "O3'" "HO3'" sing N N 93  
G   "C2'" "O2'"  sing N N 94  
G   "C2'" "C1'"  sing N N 95  
G   "C2'" "H2'"  sing N N 96  
G   "O2'" "HO2'" sing N N 97  
G   "C1'" N9     sing N N 98  
G   "C1'" "H1'"  sing N N 99  
G   N9    C8     sing Y N 100 
G   N9    C4     sing Y N 101 
G   C8    N7     doub Y N 102 
G   C8    H8     sing N N 103 
G   N7    C5     sing Y N 104 
G   C5    C6     sing N N 105 
G   C5    C4     doub Y N 106 
G   C6    O6     doub N N 107 
G   C6    N1     sing N N 108 
G   N1    C2     sing N N 109 
G   N1    H1     sing N N 110 
G   C2    N2     sing N N 111 
G   C2    N3     doub N N 112 
G   N2    H21    sing N N 113 
G   N2    H22    sing N N 114 
G   N3    C4     sing N N 115 
G3A O36   C36    doub N N 116 
G3A C36   N31    sing N N 117 
G3A C36   C35    sing N N 118 
G3A N31   C32    sing N N 119 
G3A N31   HN31   sing N N 120 
G3A C32   N32    sing N N 121 
G3A C32   N33    doub N N 122 
G3A N32   H321   sing N N 123 
G3A N32   H322   sing N N 124 
G3A N33   C34    sing N N 125 
G3A C35   C34    doub Y N 126 
G3A C35   N37    sing Y N 127 
G3A C34   N39    sing Y N 128 
G3A N37   C38    doub Y N 129 
G3A C38   N39    sing Y N 130 
G3A C38   H38    sing N N 131 
G3A N39   C41    sing N N 132 
G3A C41   C42    sing N N 133 
G3A C41   O44    sing N N 134 
G3A C41   H41    sing N N 135 
G3A O44   C44    sing N N 136 
G3A C42   O42    sing N N 137 
G3A C42   C43    sing N N 138 
G3A C42   H42    sing N N 139 
G3A O42   HO42   sing N N 140 
G3A C43   O43    sing N N 141 
G3A C43   C44    sing N N 142 
G3A C43   H43    sing N N 143 
G3A O43   HO43   sing N N 144 
G3A C44   C45    sing N N 145 
G3A C44   H44    sing N N 146 
G3A C45   O45    sing N N 147 
G3A C45   H451   sing N N 148 
G3A C45   H452   sing N N 149 
G3A O45   PA     sing N N 150 
G3A PA    O2A    doub N N 151 
G3A PA    O1     sing N N 152 
G3A PA    O1A    sing N N 153 
G3A O1A   HO1A   sing N N 154 
G3A O1    PB     sing N N 155 
G3A PB    O3A    sing N N 156 
G3A PB    O3B    doub N N 157 
G3A PB    O2B    sing N N 158 
G3A O2B   HO2B   sing N N 159 
G3A O3A   PG     sing N N 160 
G3A PG    O1G    doub N N 161 
G3A PG    O25    sing N N 162 
G3A PG    O2G    sing N N 163 
G3A O2G   HO2G   sing N N 164 
G3A O25   C25    sing N N 165 
G3A C25   C24    sing N N 166 
G3A C25   H251   sing N N 167 
G3A C25   H252   sing N N 168 
G3A C24   O24    sing N N 169 
G3A C24   C23    sing N N 170 
G3A C24   H24    sing N N 171 
G3A C23   C22    sing N N 172 
G3A C23   O23    sing N N 173 
G3A C23   H23    sing N N 174 
G3A O23   HO23   sing N N 175 
G3A C22   C21    sing N N 176 
G3A C22   O22    sing N N 177 
G3A C22   H22    sing N N 178 
G3A O22   HO22   sing N N 179 
G3A O24   C21    sing N N 180 
G3A C21   N19    sing N N 181 
G3A C21   H21    sing N N 182 
G3A N19   C14    sing Y N 183 
G3A N19   C18    sing Y N 184 
G3A C14   C15    doub Y N 185 
G3A C14   N13    sing Y N 186 
G3A N13   C12    doub Y N 187 
G3A C12   N11    sing Y N 188 
G3A C12   H12    sing N N 189 
G3A N11   C16    doub Y N 190 
G3A C18   N17    doub Y N 191 
G3A C18   H18    sing N N 192 
G3A N17   C15    sing Y N 193 
G3A C15   C16    sing Y N 194 
G3A C16   N16    sing N N 195 
G3A N16   H161   sing N N 196 
G3A N16   H162   sing N N 197 
HOH O     H1     sing N N 198 
HOH O     H2     sing N N 199 
LCC "O5'" "C5'"  sing N N 200 
LCC "O5'" P      sing N N 201 
LCC "C5'" "C4'"  sing N N 202 
LCC "C5'" "H5'1" sing N N 203 
LCC "C5'" "H5'2" sing N N 204 
LCC "C4'" "O4'"  sing N N 205 
LCC "C4'" "C3'"  sing N N 206 
LCC "C4'" "C6'"  sing N N 207 
LCC "O4'" "C1'"  sing N N 208 
LCC "C1'" N1     sing N N 209 
LCC "C1'" "C2'"  sing N N 210 
LCC "C1'" "H1'"  sing N N 211 
LCC N1    C6     sing N N 212 
LCC N1    C2     sing N N 213 
LCC C6    C5     doub N N 214 
LCC C6    H6     sing N N 215 
LCC C5    C5M    sing N N 216 
LCC C5    C4     sing N N 217 
LCC C5M   H5M1   sing N N 218 
LCC C5M   H5M2   sing N N 219 
LCC C5M   H5M3   sing N N 220 
LCC C4    N4     sing N N 221 
LCC C4    N3     doub N N 222 
LCC N4    H41    sing N N 223 
LCC N4    H42    sing N N 224 
LCC N3    C2     sing N N 225 
LCC C2    O2     doub N N 226 
LCC "C3'" "C2'"  sing N N 227 
LCC "C3'" "O3'"  sing N N 228 
LCC "C3'" "H3'"  sing N N 229 
LCC "C2'" "O2'"  sing N N 230 
LCC "C2'" "H2'1" sing N N 231 
LCC "O2'" "C6'"  sing N N 232 
LCC "O3'" H3T    sing N N 233 
LCC "C6'" "H6'1" sing N N 234 
LCC "C6'" "H6'2" sing N N 235 
LCC P     O1P    sing N N 236 
LCC P     O2P    doub N N 237 
LCC P     OXT    sing N N 238 
LCC O1P   H1P    sing N N 239 
LCC OXT   HXT    sing N N 240 
LCG P     OP1    doub N N 241 
LCG P     "O5'"  sing N N 242 
LCG P     OP2    sing N N 243 
LCG P     OP3    sing N N 244 
LCG "O5'" "C5'"  sing N N 245 
LCG "C5'" "C4'"  sing N N 246 
LCG "C5'" "H5'"  sing N N 247 
LCG "C5'" "H5''" sing N N 248 
LCG "C3'" "C2'"  sing N N 249 
LCG "C3'" "C4'"  sing N N 250 
LCG "C3'" "O3'"  sing N N 251 
LCG "C3'" "H3'"  sing N N 252 
LCG "C6'" "C4'"  sing N N 253 
LCG "C6'" "O2'"  sing N N 254 
LCG "C6'" "H6'1" sing N N 255 
LCG "C6'" "H6'2" sing N N 256 
LCG N9    C8     sing Y N 257 
LCG N9    C4     sing Y N 258 
LCG N9    "C1'"  sing N N 259 
LCG C8    N7     doub Y N 260 
LCG C8    H8     sing N N 261 
LCG C4    C5     doub Y N 262 
LCG C4    N3     sing N N 263 
LCG N7    C5     sing Y N 264 
LCG C5    C6     sing N N 265 
LCG C6    O6     doub N N 266 
LCG C6    N1     sing N N 267 
LCG "C2'" "C1'"  sing N N 268 
LCG "C2'" "O2'"  sing N N 269 
LCG "C2'" "H2'"  sing N N 270 
LCG "C4'" "O4'"  sing N N 271 
LCG "C1'" "O4'"  sing N N 272 
LCG "C1'" "H1'"  sing N N 273 
LCG C2    N1     sing N N 274 
LCG C2    N2     sing N N 275 
LCG C2    N3     doub N N 276 
LCG N1    H1     sing N N 277 
LCG OP2   HOP2   sing N N 278 
LCG N2    H21    sing N N 279 
LCG N2    H22    sing N N 280 
LCG "O3'" "HO3'" sing N N 281 
LCG OP3   HOP3   sing N N 282 
TLN P     OP1    doub N N 283 
TLN P     OP2    sing N N 284 
TLN P     OP3    sing N N 285 
TLN P     "O5'"  sing N N 286 
TLN OP2   HOP2   sing N N 287 
TLN OP3   HOP3   sing N N 288 
TLN "O5'" "C5'"  sing N N 289 
TLN "C5'" "C4'"  sing N N 290 
TLN "C5'" "H5'"  sing N N 291 
TLN "C5'" "H5''" sing N N 292 
TLN "C4'" "O4'"  sing N N 293 
TLN "C4'" "C3'"  sing N N 294 
TLN "C4'" "C6'"  sing N N 295 
TLN "O4'" "C1'"  sing N N 296 
TLN "C1'" N1     sing N N 297 
TLN "C1'" "C2'"  sing N N 298 
TLN "C1'" "H1'"  sing N N 299 
TLN N1    C6     sing N N 300 
TLN N1    C2     sing N N 301 
TLN C6    C5     doub N N 302 
TLN C6    H6     sing N N 303 
TLN C5    C5M    sing N N 304 
TLN C5    C4     sing N N 305 
TLN C5M   H71    sing N N 306 
TLN C5M   H72    sing N N 307 
TLN C5M   H73    sing N N 308 
TLN C4    O4     doub N N 309 
TLN C4    N3     sing N N 310 
TLN N3    C2     sing N N 311 
TLN N3    H3     sing N N 312 
TLN C2    O2     doub N N 313 
TLN "C3'" "C2'"  sing N N 314 
TLN "C3'" "O3'"  sing N N 315 
TLN "C3'" "H3'"  sing N N 316 
TLN "C2'" "O2'"  sing N N 317 
TLN "C2'" "H2'"  sing N N 318 
TLN "O2'" "C6'"  sing N N 319 
TLN "O3'" "HO3'" sing N N 320 
TLN "C6'" "H6'1" sing N N 321 
TLN "C6'" "H6'2" sing N N 322 
U   OP3   P      sing N N 323 
U   OP3   HOP3   sing N N 324 
U   P     OP1    doub N N 325 
U   P     OP2    sing N N 326 
U   P     "O5'"  sing N N 327 
U   OP2   HOP2   sing N N 328 
U   "O5'" "C5'"  sing N N 329 
U   "C5'" "C4'"  sing N N 330 
U   "C5'" "H5'"  sing N N 331 
U   "C5'" "H5''" sing N N 332 
U   "C4'" "O4'"  sing N N 333 
U   "C4'" "C3'"  sing N N 334 
U   "C4'" "H4'"  sing N N 335 
U   "O4'" "C1'"  sing N N 336 
U   "C3'" "O3'"  sing N N 337 
U   "C3'" "C2'"  sing N N 338 
U   "C3'" "H3'"  sing N N 339 
U   "O3'" "HO3'" sing N N 340 
U   "C2'" "O2'"  sing N N 341 
U   "C2'" "C1'"  sing N N 342 
U   "C2'" "H2'"  sing N N 343 
U   "O2'" "HO2'" sing N N 344 
U   "C1'" N1     sing N N 345 
U   "C1'" "H1'"  sing N N 346 
U   N1    C2     sing N N 347 
U   N1    C6     sing N N 348 
U   C2    O2     doub N N 349 
U   C2    N3     sing N N 350 
U   N3    C4     sing N N 351 
U   N3    H3     sing N N 352 
U   C4    O4     doub N N 353 
U   C4    C5     sing N N 354 
U   C5    C6     doub N N 355 
U   C5    H5     sing N N 356 
U   C6    H6     sing N N 357 
# 
_ndb_struct_conf_na.entry_id   8SX5 
_ndb_struct_conf_na.feature    'a-form double helix' 
# 
loop_
_ndb_struct_na_base_pair.model_number 
_ndb_struct_na_base_pair.i_label_asym_id 
_ndb_struct_na_base_pair.i_label_comp_id 
_ndb_struct_na_base_pair.i_label_seq_id 
_ndb_struct_na_base_pair.i_symmetry 
_ndb_struct_na_base_pair.j_label_asym_id 
_ndb_struct_na_base_pair.j_label_comp_id 
_ndb_struct_na_base_pair.j_label_seq_id 
_ndb_struct_na_base_pair.j_symmetry 
_ndb_struct_na_base_pair.shear 
_ndb_struct_na_base_pair.stretch 
_ndb_struct_na_base_pair.stagger 
_ndb_struct_na_base_pair.buckle 
_ndb_struct_na_base_pair.propeller 
_ndb_struct_na_base_pair.opening 
_ndb_struct_na_base_pair.pair_number 
_ndb_struct_na_base_pair.pair_name 
_ndb_struct_na_base_pair.i_auth_asym_id 
_ndb_struct_na_base_pair.i_auth_seq_id 
_ndb_struct_na_base_pair.i_PDB_ins_code 
_ndb_struct_na_base_pair.j_auth_asym_id 
_ndb_struct_na_base_pair.j_auth_seq_id 
_ndb_struct_na_base_pair.j_PDB_ins_code 
_ndb_struct_na_base_pair.hbond_type_28 
_ndb_struct_na_base_pair.hbond_type_12 
1 A LCG 4  1_555 B C   13 1_555 -0.415 -0.350 0.126  -0.366 -17.952 -4.420 1  A_LCG4:C13_B A 4  ? B 13 ? 19 1 
1 A A   5  1_555 B U   12 1_555 -0.042 -0.017 -0.066 3.093  -5.503  -2.001 2  A_A5:U12_B   A 5  ? B 12 ? 20 1 
1 A C   6  1_555 B G   11 1_555 0.172  -0.188 -0.073 5.274  -13.728 0.321  3  A_C6:G11_B   A 6  ? B 11 ? 19 1 
1 A U   7  1_555 B A   10 1_555 -0.106 -0.064 0.146  -0.652 -14.250 0.995  4  A_U7:A10_B   A 7  ? B 10 ? 20 1 
1 A U   8  1_555 B A   9  1_555 0.004  -0.062 -0.335 7.841  -12.735 0.884  5  A_U8:A9_B    A 8  ? B 9  ? 20 1 
1 A A   9  1_555 B U   8  1_555 0.107  -0.145 0.004  -2.734 -14.782 2.244  6  A_A9:U8_B    A 9  ? B 8  ? 20 1 
1 A A   10 1_555 B U   7  1_555 0.012  -0.145 0.160  2.132  -11.277 -0.682 7  A_A10:U7_B   A 10 ? B 7  ? 20 1 
1 A G   11 1_555 B C   6  1_555 -0.238 -0.082 -0.084 -5.344 -17.946 1.427  8  A_G11:C6_B   A 11 ? B 6  ? 19 1 
1 A U   12 1_555 B A   5  1_555 -0.052 -0.053 -0.139 -0.405 -13.498 -5.282 9  A_U12:A5_B   A 12 ? B 5  ? 20 1 
1 A C   13 1_555 B LCG 4  1_555 0.224  -0.208 0.013  3.215  -9.849  -2.889 10 A_C13:LCG4_B A 13 ? B 4  ? 19 1 
# 
loop_
_ndb_struct_na_base_pair_step.model_number 
_ndb_struct_na_base_pair_step.i_label_asym_id_1 
_ndb_struct_na_base_pair_step.i_label_comp_id_1 
_ndb_struct_na_base_pair_step.i_label_seq_id_1 
_ndb_struct_na_base_pair_step.i_symmetry_1 
_ndb_struct_na_base_pair_step.j_label_asym_id_1 
_ndb_struct_na_base_pair_step.j_label_comp_id_1 
_ndb_struct_na_base_pair_step.j_label_seq_id_1 
_ndb_struct_na_base_pair_step.j_symmetry_1 
_ndb_struct_na_base_pair_step.i_label_asym_id_2 
_ndb_struct_na_base_pair_step.i_label_comp_id_2 
_ndb_struct_na_base_pair_step.i_label_seq_id_2 
_ndb_struct_na_base_pair_step.i_symmetry_2 
_ndb_struct_na_base_pair_step.j_label_asym_id_2 
_ndb_struct_na_base_pair_step.j_label_comp_id_2 
_ndb_struct_na_base_pair_step.j_label_seq_id_2 
_ndb_struct_na_base_pair_step.j_symmetry_2 
_ndb_struct_na_base_pair_step.shift 
_ndb_struct_na_base_pair_step.slide 
_ndb_struct_na_base_pair_step.rise 
_ndb_struct_na_base_pair_step.tilt 
_ndb_struct_na_base_pair_step.roll 
_ndb_struct_na_base_pair_step.twist 
_ndb_struct_na_base_pair_step.x_displacement 
_ndb_struct_na_base_pair_step.y_displacement 
_ndb_struct_na_base_pair_step.helical_rise 
_ndb_struct_na_base_pair_step.inclination 
_ndb_struct_na_base_pair_step.tip 
_ndb_struct_na_base_pair_step.helical_twist 
_ndb_struct_na_base_pair_step.step_number 
_ndb_struct_na_base_pair_step.step_name 
_ndb_struct_na_base_pair_step.i_auth_asym_id_1 
_ndb_struct_na_base_pair_step.i_auth_seq_id_1 
_ndb_struct_na_base_pair_step.i_PDB_ins_code_1 
_ndb_struct_na_base_pair_step.j_auth_asym_id_1 
_ndb_struct_na_base_pair_step.j_auth_seq_id_1 
_ndb_struct_na_base_pair_step.j_PDB_ins_code_1 
_ndb_struct_na_base_pair_step.i_auth_asym_id_2 
_ndb_struct_na_base_pair_step.i_auth_seq_id_2 
_ndb_struct_na_base_pair_step.i_PDB_ins_code_2 
_ndb_struct_na_base_pair_step.j_auth_asym_id_2 
_ndb_struct_na_base_pair_step.j_auth_seq_id_2 
_ndb_struct_na_base_pair_step.j_PDB_ins_code_2 
1 A LCG 4  1_555 B C 13 1_555 A A 5  1_555 B U   12 1_555 0.100  -1.283 3.178 -1.574 6.692  31.708 -3.394 -0.437 2.847 12.072 
2.839  32.426 1 AA_LCG4A5:U12C13_BB A 4  ? B 13 ? A 5  ? B 12 ? 
1 A A   5  1_555 B U 12 1_555 A C 6  1_555 B G   11 1_555 0.277  -1.432 3.316 0.498  2.434  33.857 -2.843 -0.395 3.212 4.173  
-0.855 33.945 2 AA_A5C6:G11U12_BB   A 5  ? B 12 ? A 6  ? B 11 ? 
1 A C   6  1_555 B G 11 1_555 A U 7  1_555 B A   10 1_555 -0.584 -1.871 3.475 -3.738 9.591  28.715 -5.446 0.376  2.773 18.601 
7.249  30.468 3 AA_C6U7:A10G11_BB   A 6  ? B 11 ? A 7  ? B 10 ? 
1 A U   7  1_555 B A 10 1_555 A U 8  1_555 B A   9  1_555 -0.292 -1.275 3.025 1.496  11.670 32.050 -3.766 0.702  2.412 20.301 
-2.603 34.088 4 AA_U7U8:A9A10_BB    A 7  ? B 10 ? A 8  ? B 9  ? 
1 A U   8  1_555 B A 9  1_555 A A 9  1_555 B U   8  1_555 0.315  -1.475 3.456 -2.724 18.685 31.027 -4.840 -0.866 2.209 31.536 
4.598  36.200 5 AA_U8A9:U8A9_BB     A 8  ? B 9  ? A 9  ? B 8  ? 
1 A A   9  1_555 B U 8  1_555 A A 10 1_555 B U   7  1_555 -0.331 -1.604 3.111 -0.037 3.455  32.532 -3.402 0.582  2.930 6.147  
0.066  32.710 6 AA_A9A10:U7U8_BB    A 9  ? B 8  ? A 10 ? B 7  ? 
1 A A   10 1_555 B U 7  1_555 A G 11 1_555 B C   6  1_555 0.324  -1.678 3.528 4.378  9.242  30.564 -4.698 0.208  2.927 16.947 
-8.027 32.190 7 AA_A10G11:C6U7_BB   A 10 ? B 7  ? A 11 ? B 6  ? 
1 A G   11 1_555 B C 6  1_555 A U 12 1_555 B A   5  1_555 -0.366 -1.492 3.189 0.090  5.945  31.606 -3.688 0.676  2.867 10.795 
-0.164 32.147 8 AA_G11U12:A5C6_BB   A 11 ? B 6  ? A 12 ? B 5  ? 
1 A U   12 1_555 B A 5  1_555 A C 13 1_555 B LCG 4  1_555 0.433  -1.300 3.238 -0.129 4.360  32.406 -3.037 -0.790 3.040 7.768  
0.229  32.690 9 AA_U12C13:LCG4A5_BB A 12 ? B 5  ? A 13 ? B 4  ? 
# 
_pdbx_audit_support.funding_organization   'Not funded' 
_pdbx_audit_support.country                ? 
_pdbx_audit_support.grant_number           ? 
_pdbx_audit_support.ordinal                1 
# 
loop_
_pdbx_entity_instance_feature.ordinal 
_pdbx_entity_instance_feature.comp_id 
_pdbx_entity_instance_feature.asym_id 
_pdbx_entity_instance_feature.seq_num 
_pdbx_entity_instance_feature.auth_comp_id 
_pdbx_entity_instance_feature.auth_asym_id 
_pdbx_entity_instance_feature.auth_seq_num 
_pdbx_entity_instance_feature.feature_type 
_pdbx_entity_instance_feature.details 
1 G3A ? ? G3A ? ? 'SUBJECT OF INVESTIGATION' ? 
2 LCC ? ? LCC ? ? 'SUBJECT OF INVESTIGATION' ? 
3 LCG ? ? LCG ? ? 'SUBJECT OF INVESTIGATION' ? 
4 TLN ? ? TLN ? ? 'SUBJECT OF INVESTIGATION' ? 
# 
loop_
_pdbx_entity_nonpoly.entity_id 
_pdbx_entity_nonpoly.name 
_pdbx_entity_nonpoly.comp_id 
2 "GUANOSINE-P3-ADENOSINE-5',5'-TRIPHOSPHATE" G3A 
3 water                                       HOH 
# 
_pdbx_initial_refinement_model.id               1 
_pdbx_initial_refinement_model.entity_id_list   ? 
_pdbx_initial_refinement_model.type             'experimental model' 
_pdbx_initial_refinement_model.source_name      PDB 
_pdbx_initial_refinement_model.accession_code   6C8K 
_pdbx_initial_refinement_model.details          'PDB entry 6C8K' 
# 
_pdbx_struct_assembly_auth_evidence.id                     1 
_pdbx_struct_assembly_auth_evidence.assembly_id            1 
_pdbx_struct_assembly_auth_evidence.experimental_support   none 
_pdbx_struct_assembly_auth_evidence.details                ? 
# 
